data_9DKI
# 
_entry.id   9DKI 
# 
_audit_conform.dict_name       mmcif_pdbx.dic 
_audit_conform.dict_version    5.401 
_audit_conform.dict_location   http://mmcif.pdb.org/dictionaries/ascii/mmcif_pdbx.dic 
# 
loop_
_database_2.database_id 
_database_2.database_code 
_database_2.pdbx_database_accession 
_database_2.pdbx_DOI 
PDB   9DKI         pdb_00009dki 10.2210/pdb9dki/pdb 
WWPDB D_1000288244 ?            ?                   
# 
_pdbx_audit_revision_history.ordinal             1 
_pdbx_audit_revision_history.data_content_type   'Structure model' 
_pdbx_audit_revision_history.major_revision      1 
_pdbx_audit_revision_history.minor_revision      0 
_pdbx_audit_revision_history.revision_date       2025-01-22 
# 
_pdbx_audit_revision_details.ordinal             1 
_pdbx_audit_revision_details.revision_ordinal    1 
_pdbx_audit_revision_details.data_content_type   'Structure model' 
_pdbx_audit_revision_details.provider            repository 
_pdbx_audit_revision_details.type                'Initial release' 
_pdbx_audit_revision_details.description         ? 
_pdbx_audit_revision_details.details             ? 
# 
_pdbx_database_status.status_code                     REL 
_pdbx_database_status.status_code_sf                  REL 
_pdbx_database_status.status_code_mr                  ? 
_pdbx_database_status.entry_id                        9DKI 
_pdbx_database_status.recvd_initial_deposition_date   2024-09-09 
_pdbx_database_status.SG_entry                        N 
_pdbx_database_status.deposit_site                    RCSB 
_pdbx_database_status.process_site                    RCSB 
_pdbx_database_status.status_code_cs                  ? 
_pdbx_database_status.status_code_nmr_data            ? 
_pdbx_database_status.methods_development_category    ? 
_pdbx_database_status.pdb_format_compatible           Y 
# 
_pdbx_contact_author.id                 4 
_pdbx_contact_author.email              b.kobe@uq.edu.au 
_pdbx_contact_author.name_first         Bostjan 
_pdbx_contact_author.name_last          Kobe 
_pdbx_contact_author.name_mi            ? 
_pdbx_contact_author.role               'principal investigator/group leader' 
_pdbx_contact_author.identifier_ORCID   0000-0001-9413-9166 
# 
loop_
_audit_author.name 
_audit_author.pdbx_ordinal 
_audit_author.identifier_ORCID 
'Pan, M.'      1 0000-0002-0527-5906 
'Gu, W.'       2 0000-0002-1185-3557 
'Nanson, J.D.' 3 0000-0003-1306-1948 
'Kobe, B.'     4 0000-0001-9413-9166 
# 
_citation.abstract                  ? 
_citation.abstract_id_CAS           ? 
_citation.book_id_ISBN              ? 
_citation.book_publisher            ? 
_citation.book_publisher_city       ? 
_citation.book_title                ? 
_citation.coordinate_linkage        ? 
_citation.country                   US 
_citation.database_id_Medline       ? 
_citation.details                   ? 
_citation.id                        primary 
_citation.journal_abbrev            Proc.Natl.Acad.Sci.USA 
_citation.journal_id_ASTM           PNASA6 
_citation.journal_id_CSD            0040 
_citation.journal_id_ISSN           1091-6490 
_citation.journal_full              ? 
_citation.journal_issue             ? 
_citation.journal_volume            122 
_citation.language                  ? 
_citation.page_first                e2418988122 
_citation.page_last                 e2418988122 
_citation.title                     
'Structural basis for TIR domain-mediated innate immune signaling by Toll-like receptor adaptors TRIF and TRAM.' 
_citation.year                      2025 
_citation.database_id_CSD           ? 
_citation.pdbx_database_id_DOI      10.1073/pnas.2418988122 
_citation.pdbx_database_id_PubMed   39786929 
_citation.pdbx_database_id_patent   ? 
_citation.unpublished_flag          ? 
# 
loop_
_citation_author.citation_id 
_citation_author.name 
_citation_author.ordinal 
_citation_author.identifier_ORCID 
primary 'Manik, M.K.'     1  0000-0001-9510-2250 
primary 'Pan, M.'         2  ?                   
primary 'Xiao, L.'        3  ?                   
primary 'Gu, W.'          4  ?                   
primary 'Kim, H.'         5  ?                   
primary 'Pospich, S.'     6  0000-0002-5119-3039 
primary 'Hedger, A.'      7  ?                   
primary 'Vajjhala, P.R.'  8  ?                   
primary 'Lee, M.Y.L.'     9  ?                   
primary 'Qian, X.'        10 ?                   
primary 'Landsberg, M.J.' 11 ?                   
primary 'Ve, T.'          12 ?                   
primary 'Nanson, J.D.'    13 0000-0003-1306-1948 
primary 'Raunser, S.'     14 0000-0001-9373-3016 
primary 'Stacey, K.J.'    15 ?                   
primary 'Wu, H.'          16 0000-0002-7281-8579 
primary 'Kobe, B.'        17 0000-0001-9413-9166 
# 
_entity.id                         1 
_entity.type                       polymer 
_entity.src_method                 man 
_entity.pdbx_description           'TIR domain-containing adapter molecule 2' 
_entity.formula_weight             16354.437 
_entity.pdbx_number_of_molecules   1 
_entity.pdbx_ec                    ? 
_entity.pdbx_mutation              C117H 
_entity.pdbx_fragment              'TIR domain' 
_entity.details                    ? 
# 
_entity_name_com.entity_id   1 
_entity_name_com.name        
;TICAM-2,Putative NF-kappa-B-activating protein 502,TRIF-related adapter molecule,TRAM,Toll-like receptor adaptor protein 3,Toll/interleukin-1 receptor domain-containing protein,MyD88-4
;
# 
_entity_poly.entity_id                      1 
_entity_poly.type                           'polypeptide(L)' 
_entity_poly.nstd_linkage                   no 
_entity_poly.nstd_monomer                   no 
_entity_poly.pdbx_seq_one_letter_code       
;FLKFVILHAEDDTDEALRVQNLLQDDFGIKPGIIFAEMPHGRQHLQNLDDAVNGSAWTILLLTENFLRDTWCNFQFYTSL
MNSVNRQHKYNSVIPMRPLNNPLPRERTPFALQTINALEEESRGFPTQVERIFQESVYKT
;
_entity_poly.pdbx_seq_one_letter_code_can   
;FLKFVILHAEDDTDEALRVQNLLQDDFGIKPGIIFAEMPHGRQHLQNLDDAVNGSAWTILLLTENFLRDTWCNFQFYTSL
MNSVNRQHKYNSVIPMRPLNNPLPRERTPFALQTINALEEESRGFPTQVERIFQESVYKT
;
_entity_poly.pdbx_strand_id                 A 
_entity_poly.pdbx_target_identifier         ? 
# 
loop_
_entity_poly_seq.entity_id 
_entity_poly_seq.num 
_entity_poly_seq.mon_id 
_entity_poly_seq.hetero 
1 1   PHE n 
1 2   LEU n 
1 3   LYS n 
1 4   PHE n 
1 5   VAL n 
1 6   ILE n 
1 7   LEU n 
1 8   HIS n 
1 9   ALA n 
1 10  GLU n 
1 11  ASP n 
1 12  ASP n 
1 13  THR n 
1 14  ASP n 
1 15  GLU n 
1 16  ALA n 
1 17  LEU n 
1 18  ARG n 
1 19  VAL n 
1 20  GLN n 
1 21  ASN n 
1 22  LEU n 
1 23  LEU n 
1 24  GLN n 
1 25  ASP n 
1 26  ASP n 
1 27  PHE n 
1 28  GLY n 
1 29  ILE n 
1 30  LYS n 
1 31  PRO n 
1 32  GLY n 
1 33  ILE n 
1 34  ILE n 
1 35  PHE n 
1 36  ALA n 
1 37  GLU n 
1 38  MET n 
1 39  PRO n 
1 40  HIS n 
1 41  GLY n 
1 42  ARG n 
1 43  GLN n 
1 44  HIS n 
1 45  LEU n 
1 46  GLN n 
1 47  ASN n 
1 48  LEU n 
1 49  ASP n 
1 50  ASP n 
1 51  ALA n 
1 52  VAL n 
1 53  ASN n 
1 54  GLY n 
1 55  SER n 
1 56  ALA n 
1 57  TRP n 
1 58  THR n 
1 59  ILE n 
1 60  LEU n 
1 61  LEU n 
1 62  LEU n 
1 63  THR n 
1 64  GLU n 
1 65  ASN n 
1 66  PHE n 
1 67  LEU n 
1 68  ARG n 
1 69  ASP n 
1 70  THR n 
1 71  TRP n 
1 72  CYS n 
1 73  ASN n 
1 74  PHE n 
1 75  GLN n 
1 76  PHE n 
1 77  TYR n 
1 78  THR n 
1 79  SER n 
1 80  LEU n 
1 81  MET n 
1 82  ASN n 
1 83  SER n 
1 84  VAL n 
1 85  ASN n 
1 86  ARG n 
1 87  GLN n 
1 88  HIS n 
1 89  LYS n 
1 90  TYR n 
1 91  ASN n 
1 92  SER n 
1 93  VAL n 
1 94  ILE n 
1 95  PRO n 
1 96  MET n 
1 97  ARG n 
1 98  PRO n 
1 99  LEU n 
1 100 ASN n 
1 101 ASN n 
1 102 PRO n 
1 103 LEU n 
1 104 PRO n 
1 105 ARG n 
1 106 GLU n 
1 107 ARG n 
1 108 THR n 
1 109 PRO n 
1 110 PHE n 
1 111 ALA n 
1 112 LEU n 
1 113 GLN n 
1 114 THR n 
1 115 ILE n 
1 116 ASN n 
1 117 ALA n 
1 118 LEU n 
1 119 GLU n 
1 120 GLU n 
1 121 GLU n 
1 122 SER n 
1 123 ARG n 
1 124 GLY n 
1 125 PHE n 
1 126 PRO n 
1 127 THR n 
1 128 GLN n 
1 129 VAL n 
1 130 GLU n 
1 131 ARG n 
1 132 ILE n 
1 133 PHE n 
1 134 GLN n 
1 135 GLU n 
1 136 SER n 
1 137 VAL n 
1 138 TYR n 
1 139 LYS n 
1 140 THR n 
# 
_entity_src_gen.entity_id                          1 
_entity_src_gen.pdbx_src_id                        1 
_entity_src_gen.pdbx_alt_source_flag               sample 
_entity_src_gen.pdbx_seq_type                      'Biological sequence' 
_entity_src_gen.pdbx_beg_seq_num                   1 
_entity_src_gen.pdbx_end_seq_num                   140 
_entity_src_gen.gene_src_common_name               human 
_entity_src_gen.gene_src_genus                     ? 
_entity_src_gen.pdbx_gene_src_gene                 'TICAM2, TIRAP3, TIRP, TRAM' 
_entity_src_gen.gene_src_species                   ? 
_entity_src_gen.gene_src_strain                    ? 
_entity_src_gen.gene_src_tissue                    ? 
_entity_src_gen.gene_src_tissue_fraction           ? 
_entity_src_gen.gene_src_details                   ? 
_entity_src_gen.pdbx_gene_src_fragment             ? 
_entity_src_gen.pdbx_gene_src_scientific_name      'Homo sapiens' 
_entity_src_gen.pdbx_gene_src_ncbi_taxonomy_id     9606 
_entity_src_gen.pdbx_gene_src_variant              ? 
_entity_src_gen.pdbx_gene_src_cell_line            ? 
_entity_src_gen.pdbx_gene_src_atcc                 ? 
_entity_src_gen.pdbx_gene_src_organ                ? 
_entity_src_gen.pdbx_gene_src_organelle            ? 
_entity_src_gen.pdbx_gene_src_cell                 ? 
_entity_src_gen.pdbx_gene_src_cellular_location    ? 
_entity_src_gen.host_org_common_name               ? 
_entity_src_gen.pdbx_host_org_scientific_name      'Escherichia coli' 
_entity_src_gen.pdbx_host_org_ncbi_taxonomy_id     562 
_entity_src_gen.host_org_genus                     ? 
_entity_src_gen.pdbx_host_org_gene                 ? 
_entity_src_gen.pdbx_host_org_organ                ? 
_entity_src_gen.host_org_species                   ? 
_entity_src_gen.pdbx_host_org_tissue               ? 
_entity_src_gen.pdbx_host_org_tissue_fraction      ? 
_entity_src_gen.pdbx_host_org_strain               ? 
_entity_src_gen.pdbx_host_org_variant              ? 
_entity_src_gen.pdbx_host_org_cell_line            ? 
_entity_src_gen.pdbx_host_org_atcc                 ? 
_entity_src_gen.pdbx_host_org_culture_collection   ? 
_entity_src_gen.pdbx_host_org_cell                 ? 
_entity_src_gen.pdbx_host_org_organelle            ? 
_entity_src_gen.pdbx_host_org_cellular_location    ? 
_entity_src_gen.pdbx_host_org_vector_type          ? 
_entity_src_gen.pdbx_host_org_vector               ? 
_entity_src_gen.host_org_details                   ? 
_entity_src_gen.expression_system_id               ? 
_entity_src_gen.plasmid_name                       ? 
_entity_src_gen.plasmid_details                    ? 
_entity_src_gen.pdbx_description                   ? 
# 
loop_
_chem_comp.id 
_chem_comp.type 
_chem_comp.mon_nstd_flag 
_chem_comp.name 
_chem_comp.pdbx_synonyms 
_chem_comp.formula 
_chem_comp.formula_weight 
ALA 'L-peptide linking' y ALANINE         ? 'C3 H7 N O2'     89.093  
ARG 'L-peptide linking' y ARGININE        ? 'C6 H15 N4 O2 1' 175.209 
ASN 'L-peptide linking' y ASPARAGINE      ? 'C4 H8 N2 O3'    132.118 
ASP 'L-peptide linking' y 'ASPARTIC ACID' ? 'C4 H7 N O4'     133.103 
CYS 'L-peptide linking' y CYSTEINE        ? 'C3 H7 N O2 S'   121.158 
GLN 'L-peptide linking' y GLUTAMINE       ? 'C5 H10 N2 O3'   146.144 
GLU 'L-peptide linking' y 'GLUTAMIC ACID' ? 'C5 H9 N O4'     147.129 
GLY 'peptide linking'   y GLYCINE         ? 'C2 H5 N O2'     75.067  
HIS 'L-peptide linking' y HISTIDINE       ? 'C6 H10 N3 O2 1' 156.162 
ILE 'L-peptide linking' y ISOLEUCINE      ? 'C6 H13 N O2'    131.173 
LEU 'L-peptide linking' y LEUCINE         ? 'C6 H13 N O2'    131.173 
LYS 'L-peptide linking' y LYSINE          ? 'C6 H15 N2 O2 1' 147.195 
MET 'L-peptide linking' y METHIONINE      ? 'C5 H11 N O2 S'  149.211 
PHE 'L-peptide linking' y PHENYLALANINE   ? 'C9 H11 N O2'    165.189 
PRO 'L-peptide linking' y PROLINE         ? 'C5 H9 N O2'     115.130 
SER 'L-peptide linking' y SERINE          ? 'C3 H7 N O3'     105.093 
THR 'L-peptide linking' y THREONINE       ? 'C4 H9 N O3'     119.119 
TRP 'L-peptide linking' y TRYPTOPHAN      ? 'C11 H12 N2 O2'  204.225 
TYR 'L-peptide linking' y TYROSINE        ? 'C9 H11 N O3'    181.189 
VAL 'L-peptide linking' y VALINE          ? 'C5 H11 N O2'    117.146 
# 
loop_
_pdbx_poly_seq_scheme.asym_id 
_pdbx_poly_seq_scheme.entity_id 
_pdbx_poly_seq_scheme.seq_id 
_pdbx_poly_seq_scheme.mon_id 
_pdbx_poly_seq_scheme.ndb_seq_num 
_pdbx_poly_seq_scheme.pdb_seq_num 
_pdbx_poly_seq_scheme.auth_seq_num 
_pdbx_poly_seq_scheme.pdb_mon_id 
_pdbx_poly_seq_scheme.auth_mon_id 
_pdbx_poly_seq_scheme.pdb_strand_id 
_pdbx_poly_seq_scheme.pdb_ins_code 
_pdbx_poly_seq_scheme.hetero 
A 1 1   PHE 1   78  78  PHE PHE A . n 
A 1 2   LEU 2   79  79  LEU LEU A . n 
A 1 3   LYS 3   80  80  LYS LYS A . n 
A 1 4   PHE 4   81  81  PHE PHE A . n 
A 1 5   VAL 5   82  82  VAL VAL A . n 
A 1 6   ILE 6   83  83  ILE ILE A . n 
A 1 7   LEU 7   84  84  LEU LEU A . n 
A 1 8   HIS 8   85  85  HIS HIS A . n 
A 1 9   ALA 9   86  86  ALA ALA A . n 
A 1 10  GLU 10  87  87  GLU GLU A . n 
A 1 11  ASP 11  88  88  ASP ASP A . n 
A 1 12  ASP 12  89  89  ASP ASP A . n 
A 1 13  THR 13  90  90  THR THR A . n 
A 1 14  ASP 14  91  91  ASP ASP A . n 
A 1 15  GLU 15  92  92  GLU GLU A . n 
A 1 16  ALA 16  93  93  ALA ALA A . n 
A 1 17  LEU 17  94  94  LEU LEU A . n 
A 1 18  ARG 18  95  95  ARG ARG A . n 
A 1 19  VAL 19  96  96  VAL VAL A . n 
A 1 20  GLN 20  97  97  GLN GLN A . n 
A 1 21  ASN 21  98  98  ASN ASN A . n 
A 1 22  LEU 22  99  99  LEU LEU A . n 
A 1 23  LEU 23  100 100 LEU LEU A . n 
A 1 24  GLN 24  101 101 GLN GLN A . n 
A 1 25  ASP 25  102 102 ASP ASP A . n 
A 1 26  ASP 26  103 103 ASP ASP A . n 
A 1 27  PHE 27  104 104 PHE PHE A . n 
A 1 28  GLY 28  105 105 GLY GLY A . n 
A 1 29  ILE 29  106 106 ILE ILE A . n 
A 1 30  LYS 30  107 107 LYS LYS A . n 
A 1 31  PRO 31  108 108 PRO PRO A . n 
A 1 32  GLY 32  109 109 GLY GLY A . n 
A 1 33  ILE 33  110 110 ILE ILE A . n 
A 1 34  ILE 34  111 111 ILE ILE A . n 
A 1 35  PHE 35  112 112 PHE PHE A . n 
A 1 36  ALA 36  113 113 ALA ALA A . n 
A 1 37  GLU 37  114 114 GLU GLU A . n 
A 1 38  MET 38  115 115 MET MET A . n 
A 1 39  PRO 39  116 116 PRO PRO A . n 
A 1 40  HIS 40  117 117 HIS HIS A . n 
A 1 41  GLY 41  118 118 GLY GLY A . n 
A 1 42  ARG 42  119 119 ARG ARG A . n 
A 1 43  GLN 43  120 120 GLN GLN A . n 
A 1 44  HIS 44  121 121 HIS HIS A . n 
A 1 45  LEU 45  122 122 LEU LEU A . n 
A 1 46  GLN 46  123 123 GLN GLN A . n 
A 1 47  ASN 47  124 124 ASN ASN A . n 
A 1 48  LEU 48  125 125 LEU LEU A . n 
A 1 49  ASP 49  126 126 ASP ASP A . n 
A 1 50  ASP 50  127 127 ASP ASP A . n 
A 1 51  ALA 51  128 128 ALA ALA A . n 
A 1 52  VAL 52  129 129 VAL VAL A . n 
A 1 53  ASN 53  130 130 ASN ASN A . n 
A 1 54  GLY 54  131 131 GLY GLY A . n 
A 1 55  SER 55  132 132 SER SER A . n 
A 1 56  ALA 56  133 133 ALA ALA A . n 
A 1 57  TRP 57  134 134 TRP TRP A . n 
A 1 58  THR 58  135 135 THR THR A . n 
A 1 59  ILE 59  136 136 ILE ILE A . n 
A 1 60  LEU 60  137 137 LEU LEU A . n 
A 1 61  LEU 61  138 138 LEU LEU A . n 
A 1 62  LEU 62  139 139 LEU LEU A . n 
A 1 63  THR 63  140 140 THR THR A . n 
A 1 64  GLU 64  141 141 GLU GLU A . n 
A 1 65  ASN 65  142 142 ASN ASN A . n 
A 1 66  PHE 66  143 143 PHE PHE A . n 
A 1 67  LEU 67  144 144 LEU LEU A . n 
A 1 68  ARG 68  145 145 ARG ARG A . n 
A 1 69  ASP 69  146 146 ASP ASP A . n 
A 1 70  THR 70  147 147 THR THR A . n 
A 1 71  TRP 71  148 148 TRP TRP A . n 
A 1 72  CYS 72  149 149 CYS CYS A . n 
A 1 73  ASN 73  150 150 ASN ASN A . n 
A 1 74  PHE 74  151 151 PHE PHE A . n 
A 1 75  GLN 75  152 152 GLN GLN A . n 
A 1 76  PHE 76  153 153 PHE PHE A . n 
A 1 77  TYR 77  154 154 TYR TYR A . n 
A 1 78  THR 78  155 155 THR THR A . n 
A 1 79  SER 79  156 156 SER SER A . n 
A 1 80  LEU 80  157 157 LEU LEU A . n 
A 1 81  MET 81  158 158 MET MET A . n 
A 1 82  ASN 82  159 159 ASN ASN A . n 
A 1 83  SER 83  160 160 SER SER A . n 
A 1 84  VAL 84  161 161 VAL VAL A . n 
A 1 85  ASN 85  162 162 ASN ASN A . n 
A 1 86  ARG 86  163 163 ARG ARG A . n 
A 1 87  GLN 87  164 164 GLN GLN A . n 
A 1 88  HIS 88  165 165 HIS HIS A . n 
A 1 89  LYS 89  166 166 LYS LYS A . n 
A 1 90  TYR 90  167 167 TYR TYR A . n 
A 1 91  ASN 91  168 168 ASN ASN A . n 
A 1 92  SER 92  169 169 SER SER A . n 
A 1 93  VAL 93  170 170 VAL VAL A . n 
A 1 94  ILE 94  171 171 ILE ILE A . n 
A 1 95  PRO 95  172 172 PRO PRO A . n 
A 1 96  MET 96  173 173 MET MET A . n 
A 1 97  ARG 97  174 174 ARG ARG A . n 
A 1 98  PRO 98  175 175 PRO PRO A . n 
A 1 99  LEU 99  176 176 LEU LEU A . n 
A 1 100 ASN 100 177 177 ASN ASN A . n 
A 1 101 ASN 101 178 178 ASN ASN A . n 
A 1 102 PRO 102 179 179 PRO PRO A . n 
A 1 103 LEU 103 180 180 LEU LEU A . n 
A 1 104 PRO 104 181 181 PRO PRO A . n 
A 1 105 ARG 105 182 182 ARG ARG A . n 
A 1 106 GLU 106 183 183 GLU GLU A . n 
A 1 107 ARG 107 184 184 ARG ARG A . n 
A 1 108 THR 108 185 185 THR THR A . n 
A 1 109 PRO 109 186 186 PRO PRO A . n 
A 1 110 PHE 110 187 187 PHE PHE A . n 
A 1 111 ALA 111 188 188 ALA ALA A . n 
A 1 112 LEU 112 189 189 LEU LEU A . n 
A 1 113 GLN 113 190 190 GLN GLN A . n 
A 1 114 THR 114 191 191 THR THR A . n 
A 1 115 ILE 115 192 192 ILE ILE A . n 
A 1 116 ASN 116 193 193 ASN ASN A . n 
A 1 117 ALA 117 194 194 ALA ALA A . n 
A 1 118 LEU 118 195 195 LEU LEU A . n 
A 1 119 GLU 119 196 196 GLU GLU A . n 
A 1 120 GLU 120 197 197 GLU GLU A . n 
A 1 121 GLU 121 198 198 GLU GLU A . n 
A 1 122 SER 122 199 199 SER SER A . n 
A 1 123 ARG 123 200 200 ARG ARG A . n 
A 1 124 GLY 124 201 201 GLY GLY A . n 
A 1 125 PHE 125 202 202 PHE PHE A . n 
A 1 126 PRO 126 203 203 PRO PRO A . n 
A 1 127 THR 127 204 204 THR THR A . n 
A 1 128 GLN 128 205 205 GLN GLN A . n 
A 1 129 VAL 129 206 206 VAL VAL A . n 
A 1 130 GLU 130 207 207 GLU GLU A . n 
A 1 131 ARG 131 208 208 ARG ARG A . n 
A 1 132 ILE 132 209 209 ILE ILE A . n 
A 1 133 PHE 133 210 210 PHE PHE A . n 
A 1 134 GLN 134 211 211 GLN GLN A . n 
A 1 135 GLU 135 212 212 GLU GLU A . n 
A 1 136 SER 136 213 213 SER SER A . n 
A 1 137 VAL 137 214 214 VAL VAL A . n 
A 1 138 TYR 138 215 215 TYR TYR A . n 
A 1 139 LYS 139 216 216 LYS LYS A . n 
A 1 140 THR 140 217 217 THR THR A . n 
# 
loop_
_software.citation_id 
_software.classification 
_software.compiler_name 
_software.compiler_version 
_software.contact_author 
_software.contact_author_email 
_software.date 
_software.description 
_software.dependencies 
_software.hardware 
_software.language 
_software.location 
_software.mods 
_software.name 
_software.os 
_software.os_version 
_software.type 
_software.version 
_software.pdbx_ordinal 
? refinement       ? ? ? ? ? ? ? ? ? ? ? PHENIX  ? ? ? 1.21.1_5286 1 
? 'data reduction' ? ? ? ? ? ? ? ? ? ? ? XDS     ? ? ? .           2 
? 'data scaling'   ? ? ? ? ? ? ? ? ? ? ? Aimless ? ? ? .           3 
? phasing          ? ? ? ? ? ? ? ? ? ? ? PHASER  ? ? ? .           4 
# 
_cell.angle_alpha                  90.000 
_cell.angle_alpha_esd              ? 
_cell.angle_beta                   90.000 
_cell.angle_beta_esd               ? 
_cell.angle_gamma                  90.000 
_cell.angle_gamma_esd              ? 
_cell.entry_id                     9DKI 
_cell.details                      ? 
_cell.formula_units_Z              ? 
_cell.length_a                     87.021 
_cell.length_a_esd                 ? 
_cell.length_b                     87.021 
_cell.length_b_esd                 ? 
_cell.length_c                     87.021 
_cell.length_c_esd                 ? 
_cell.volume                       658979.962 
_cell.volume_esd                   ? 
_cell.Z_PDB                        12 
_cell.reciprocal_angle_alpha       ? 
_cell.reciprocal_angle_beta        ? 
_cell.reciprocal_angle_gamma       ? 
_cell.reciprocal_angle_alpha_esd   ? 
_cell.reciprocal_angle_beta_esd    ? 
_cell.reciprocal_angle_gamma_esd   ? 
_cell.reciprocal_length_a          ? 
_cell.reciprocal_length_b          ? 
_cell.reciprocal_length_c          ? 
_cell.reciprocal_length_a_esd      ? 
_cell.reciprocal_length_b_esd      ? 
_cell.reciprocal_length_c_esd      ? 
_cell.pdbx_unique_axis             ? 
_cell.pdbx_esd_method              ? 
# 
_symmetry.entry_id                         9DKI 
_symmetry.cell_setting                     ? 
_symmetry.Int_Tables_number                198 
_symmetry.space_group_name_Hall            'P 2ac 2ab 3' 
_symmetry.space_group_name_H-M             'P 21 3' 
_symmetry.pdbx_full_space_group_name_H-M   ? 
# 
_exptl.absorpt_coefficient_mu     ? 
_exptl.absorpt_correction_T_max   ? 
_exptl.absorpt_correction_T_min   ? 
_exptl.absorpt_correction_type    ? 
_exptl.absorpt_process_details    ? 
_exptl.entry_id                   9DKI 
_exptl.crystals_number            1 
_exptl.details                    ? 
_exptl.method                     'X-RAY DIFFRACTION' 
_exptl.method_details             ? 
# 
_exptl_crystal.colour                       ? 
_exptl_crystal.density_diffrn               ? 
_exptl_crystal.density_Matthews             3.36 
_exptl_crystal.density_method               ? 
_exptl_crystal.density_percent_sol          63.37 
_exptl_crystal.description                  ? 
_exptl_crystal.F_000                        ? 
_exptl_crystal.id                           1 
_exptl_crystal.preparation                  ? 
_exptl_crystal.size_max                     ? 
_exptl_crystal.size_mid                     ? 
_exptl_crystal.size_min                     ? 
_exptl_crystal.size_rad                     ? 
_exptl_crystal.colour_lustre                ? 
_exptl_crystal.colour_modifier              ? 
_exptl_crystal.colour_primary               ? 
_exptl_crystal.density_meas                 ? 
_exptl_crystal.density_meas_esd             ? 
_exptl_crystal.density_meas_gt              ? 
_exptl_crystal.density_meas_lt              ? 
_exptl_crystal.density_meas_temp            ? 
_exptl_crystal.density_meas_temp_esd        ? 
_exptl_crystal.density_meas_temp_gt         ? 
_exptl_crystal.density_meas_temp_lt         ? 
_exptl_crystal.pdbx_crystal_image_url       ? 
_exptl_crystal.pdbx_crystal_image_format    ? 
_exptl_crystal.pdbx_mosaicity               ? 
_exptl_crystal.pdbx_mosaicity_esd           ? 
_exptl_crystal.pdbx_mosaic_method           ? 
_exptl_crystal.pdbx_mosaic_block_size       ? 
_exptl_crystal.pdbx_mosaic_block_size_esd   ? 
# 
_exptl_crystal_grow.apparatus       ? 
_exptl_crystal_grow.atmosphere      ? 
_exptl_crystal_grow.crystal_id      1 
_exptl_crystal_grow.details         ? 
_exptl_crystal_grow.method          'VAPOR DIFFUSION, HANGING DROP' 
_exptl_crystal_grow.method_ref      ? 
_exptl_crystal_grow.pH              ? 
_exptl_crystal_grow.pressure        ? 
_exptl_crystal_grow.pressure_esd    ? 
_exptl_crystal_grow.seeding         ? 
_exptl_crystal_grow.seeding_ref     ? 
_exptl_crystal_grow.temp_details    ? 
_exptl_crystal_grow.temp_esd        ? 
_exptl_crystal_grow.time            ? 
_exptl_crystal_grow.pdbx_details    '0.2 M Li2SO4, 0.1 M Bis-Tris (pH 6.5) and 16% w/v PEG 3350' 
_exptl_crystal_grow.pdbx_pH_range   ? 
_exptl_crystal_grow.temp            293.15 
# 
_diffrn.ambient_environment              ? 
_diffrn.ambient_temp                     100 
_diffrn.ambient_temp_details             ? 
_diffrn.ambient_temp_esd                 ? 
_diffrn.crystal_id                       1 
_diffrn.crystal_support                  ? 
_diffrn.crystal_treatment                ? 
_diffrn.details                          ? 
_diffrn.id                               1 
_diffrn.ambient_pressure                 ? 
_diffrn.ambient_pressure_esd             ? 
_diffrn.ambient_pressure_gt              ? 
_diffrn.ambient_pressure_lt              ? 
_diffrn.ambient_temp_gt                  ? 
_diffrn.ambient_temp_lt                  ? 
_diffrn.pdbx_serial_crystal_experiment   N 
# 
_diffrn_detector.details                      ? 
_diffrn_detector.detector                     PIXEL 
_diffrn_detector.diffrn_id                    1 
_diffrn_detector.type                         'DECTRIS EIGER X 16M' 
_diffrn_detector.area_resol_mean              ? 
_diffrn_detector.dtime                        ? 
_diffrn_detector.pdbx_frames_total            ? 
_diffrn_detector.pdbx_collection_time_total   ? 
_diffrn_detector.pdbx_collection_date         2020-07-03 
_diffrn_detector.pdbx_frequency               ? 
_diffrn_detector.id                           ? 
_diffrn_detector.number_of_axes               ? 
# 
_diffrn_radiation.collimation                      ? 
_diffrn_radiation.diffrn_id                        1 
_diffrn_radiation.filter_edge                      ? 
_diffrn_radiation.inhomogeneity                    ? 
_diffrn_radiation.monochromator                    ? 
_diffrn_radiation.polarisn_norm                    ? 
_diffrn_radiation.polarisn_ratio                   ? 
_diffrn_radiation.probe                            ? 
_diffrn_radiation.type                             ? 
_diffrn_radiation.xray_symbol                      ? 
_diffrn_radiation.wavelength_id                    1 
_diffrn_radiation.pdbx_monochromatic_or_laue_m_l   M 
_diffrn_radiation.pdbx_wavelength_list             ? 
_diffrn_radiation.pdbx_wavelength                  ? 
_diffrn_radiation.pdbx_diffrn_protocol             'SINGLE WAVELENGTH' 
_diffrn_radiation.pdbx_analyzer                    ? 
_diffrn_radiation.pdbx_scattering_type             x-ray 
# 
_diffrn_radiation_wavelength.id           1 
_diffrn_radiation_wavelength.wavelength   0.954 
_diffrn_radiation_wavelength.wt           1.0 
# 
_diffrn_source.current                     ? 
_diffrn_source.details                     ? 
_diffrn_source.diffrn_id                   1 
_diffrn_source.power                       ? 
_diffrn_source.size                        ? 
_diffrn_source.source                      SYNCHROTRON 
_diffrn_source.target                      ? 
_diffrn_source.type                        'AUSTRALIAN SYNCHROTRON BEAMLINE MX2' 
_diffrn_source.voltage                     ? 
_diffrn_source.take-off_angle              ? 
_diffrn_source.pdbx_wavelength_list        0.954 
_diffrn_source.pdbx_wavelength             ? 
_diffrn_source.pdbx_synchrotron_beamline   MX2 
_diffrn_source.pdbx_synchrotron_site       'Australian Synchrotron' 
# 
_reflns.B_iso_Wilson_estimate                          ? 
_reflns.entry_id                                       9DKI 
_reflns.data_reduction_details                         ? 
_reflns.data_reduction_method                          ? 
_reflns.d_resolution_high                              3.0 
_reflns.d_resolution_low                               35.53 
_reflns.details                                        ? 
_reflns.limit_h_max                                    ? 
_reflns.limit_h_min                                    ? 
_reflns.limit_k_max                                    ? 
_reflns.limit_k_min                                    ? 
_reflns.limit_l_max                                    ? 
_reflns.limit_l_min                                    ? 
_reflns.number_all                                     ? 
_reflns.number_obs                                     4567 
_reflns.observed_criterion                             ? 
_reflns.observed_criterion_F_max                       ? 
_reflns.observed_criterion_F_min                       ? 
_reflns.observed_criterion_I_max                       ? 
_reflns.observed_criterion_I_min                       ? 
_reflns.observed_criterion_sigma_F                     ? 
_reflns.observed_criterion_sigma_I                     ? 
_reflns.percent_possible_obs                           99.65 
_reflns.R_free_details                                 ? 
_reflns.Rmerge_F_all                                   ? 
_reflns.Rmerge_F_obs                                   ? 
_reflns.Friedel_coverage                               ? 
_reflns.number_gt                                      ? 
_reflns.threshold_expression                           ? 
_reflns.pdbx_redundancy                                38.7 
_reflns.pdbx_netI_over_av_sigmaI                       ? 
_reflns.pdbx_netI_over_sigmaI                          42.35 
_reflns.pdbx_res_netI_over_av_sigmaI_2                 ? 
_reflns.pdbx_res_netI_over_sigmaI_2                    ? 
_reflns.pdbx_chi_squared                               ? 
_reflns.pdbx_scaling_rejects                           ? 
_reflns.pdbx_d_res_high_opt                            ? 
_reflns.pdbx_d_res_low_opt                             ? 
_reflns.pdbx_d_res_opt_method                          ? 
_reflns.phase_calculation_details                      ? 
_reflns.pdbx_Rrim_I_all                                0.0617 
_reflns.pdbx_Rpim_I_all                                0.0099 
_reflns.pdbx_d_opt                                     ? 
_reflns.pdbx_number_measured_all                       ? 
_reflns.pdbx_diffrn_id                                 1 
_reflns.pdbx_ordinal                                   1 
_reflns.pdbx_CC_half                                   1.0 
_reflns.pdbx_CC_star                                   ? 
_reflns.pdbx_R_split                                   ? 
_reflns.pdbx_Rmerge_I_obs                              0.06086 
_reflns.pdbx_Rmerge_I_all                              ? 
_reflns.pdbx_Rsym_value                                ? 
_reflns.pdbx_CC_split_method                           ? 
_reflns.pdbx_aniso_diffraction_limit_axis_1_ortho[1]   ? 
_reflns.pdbx_aniso_diffraction_limit_axis_1_ortho[2]   ? 
_reflns.pdbx_aniso_diffraction_limit_axis_1_ortho[3]   ? 
_reflns.pdbx_aniso_diffraction_limit_axis_2_ortho[1]   ? 
_reflns.pdbx_aniso_diffraction_limit_axis_2_ortho[2]   ? 
_reflns.pdbx_aniso_diffraction_limit_axis_2_ortho[3]   ? 
_reflns.pdbx_aniso_diffraction_limit_axis_3_ortho[1]   ? 
_reflns.pdbx_aniso_diffraction_limit_axis_3_ortho[2]   ? 
_reflns.pdbx_aniso_diffraction_limit_axis_3_ortho[3]   ? 
_reflns.pdbx_aniso_diffraction_limit_1                 ? 
_reflns.pdbx_aniso_diffraction_limit_2                 ? 
_reflns.pdbx_aniso_diffraction_limit_3                 ? 
_reflns.pdbx_aniso_B_tensor_eigenvector_1_ortho[1]     ? 
_reflns.pdbx_aniso_B_tensor_eigenvector_1_ortho[2]     ? 
_reflns.pdbx_aniso_B_tensor_eigenvector_1_ortho[3]     ? 
_reflns.pdbx_aniso_B_tensor_eigenvector_2_ortho[1]     ? 
_reflns.pdbx_aniso_B_tensor_eigenvector_2_ortho[2]     ? 
_reflns.pdbx_aniso_B_tensor_eigenvector_2_ortho[3]     ? 
_reflns.pdbx_aniso_B_tensor_eigenvector_3_ortho[1]     ? 
_reflns.pdbx_aniso_B_tensor_eigenvector_3_ortho[2]     ? 
_reflns.pdbx_aniso_B_tensor_eigenvector_3_ortho[3]     ? 
_reflns.pdbx_aniso_B_tensor_eigenvalue_1               ? 
_reflns.pdbx_aniso_B_tensor_eigenvalue_2               ? 
_reflns.pdbx_aniso_B_tensor_eigenvalue_3               ? 
_reflns.pdbx_orthogonalization_convention              ? 
_reflns.pdbx_percent_possible_ellipsoidal              ? 
_reflns.pdbx_percent_possible_spherical                ? 
_reflns.pdbx_percent_possible_ellipsoidal_anomalous    ? 
_reflns.pdbx_percent_possible_spherical_anomalous      ? 
_reflns.pdbx_redundancy_anomalous                      ? 
_reflns.pdbx_CC_half_anomalous                         ? 
_reflns.pdbx_absDiff_over_sigma_anomalous              ? 
_reflns.pdbx_percent_possible_anomalous                ? 
_reflns.pdbx_observed_signal_threshold                 ? 
_reflns.pdbx_signal_type                               ? 
_reflns.pdbx_signal_details                            ? 
_reflns.pdbx_signal_software_id                        ? 
# 
_reflns_shell.d_res_high                                    3 
_reflns_shell.d_res_low                                     3.108 
_reflns_shell.meanI_over_sigI_all                           ? 
_reflns_shell.meanI_over_sigI_obs                           2.44 
_reflns_shell.number_measured_all                           ? 
_reflns_shell.number_measured_obs                           ? 
_reflns_shell.number_possible                               ? 
_reflns_shell.number_unique_all                             ? 
_reflns_shell.number_unique_obs                             433 
_reflns_shell.percent_possible_obs                          ? 
_reflns_shell.Rmerge_F_all                                  ? 
_reflns_shell.Rmerge_F_obs                                  ? 
_reflns_shell.meanI_over_sigI_gt                            ? 
_reflns_shell.meanI_over_uI_all                             ? 
_reflns_shell.meanI_over_uI_gt                              ? 
_reflns_shell.number_measured_gt                            ? 
_reflns_shell.number_unique_gt                              ? 
_reflns_shell.percent_possible_gt                           ? 
_reflns_shell.Rmerge_F_gt                                   ? 
_reflns_shell.Rmerge_I_gt                                   ? 
_reflns_shell.pdbx_redundancy                               ? 
_reflns_shell.pdbx_chi_squared                              ? 
_reflns_shell.pdbx_netI_over_sigmaI_all                     ? 
_reflns_shell.pdbx_netI_over_sigmaI_obs                     ? 
_reflns_shell.pdbx_Rrim_I_all                               1.75 
_reflns_shell.pdbx_Rpim_I_all                               0.29 
_reflns_shell.pdbx_rejects                                  ? 
_reflns_shell.pdbx_ordinal                                  1 
_reflns_shell.pdbx_diffrn_id                                1 
_reflns_shell.pdbx_CC_half                                  0.798 
_reflns_shell.pdbx_CC_star                                  ? 
_reflns_shell.pdbx_R_split                                  ? 
_reflns_shell.percent_possible_all                          98.18 
_reflns_shell.Rmerge_I_all                                  ? 
_reflns_shell.Rmerge_I_obs                                  1.725 
_reflns_shell.pdbx_Rsym_value                               ? 
_reflns_shell.pdbx_percent_possible_ellipsoidal             ? 
_reflns_shell.pdbx_percent_possible_spherical               ? 
_reflns_shell.pdbx_percent_possible_ellipsoidal_anomalous   ? 
_reflns_shell.pdbx_percent_possible_spherical_anomalous     ? 
_reflns_shell.pdbx_redundancy_anomalous                     ? 
_reflns_shell.pdbx_CC_half_anomalous                        ? 
_reflns_shell.pdbx_absDiff_over_sigma_anomalous             ? 
_reflns_shell.pdbx_percent_possible_anomalous               ? 
# 
_refine.aniso_B[1][1]                            ? 
_refine.aniso_B[1][2]                            ? 
_refine.aniso_B[1][3]                            ? 
_refine.aniso_B[2][2]                            ? 
_refine.aniso_B[2][3]                            ? 
_refine.aniso_B[3][3]                            ? 
_refine.B_iso_max                                ? 
_refine.B_iso_mean                               116 
_refine.B_iso_min                                ? 
_refine.correlation_coeff_Fo_to_Fc               ? 
_refine.correlation_coeff_Fo_to_Fc_free          ? 
_refine.details                                  ? 
_refine.diff_density_max                         ? 
_refine.diff_density_max_esd                     ? 
_refine.diff_density_min                         ? 
_refine.diff_density_min_esd                     ? 
_refine.diff_density_rms                         ? 
_refine.diff_density_rms_esd                     ? 
_refine.entry_id                                 9DKI 
_refine.pdbx_refine_id                           'X-RAY DIFFRACTION' 
_refine.ls_abs_structure_details                 ? 
_refine.ls_abs_structure_Flack                   ? 
_refine.ls_abs_structure_Flack_esd               ? 
_refine.ls_abs_structure_Rogers                  ? 
_refine.ls_abs_structure_Rogers_esd              ? 
_refine.ls_d_res_high                            3.00 
_refine.ls_d_res_low                             35.53 
_refine.ls_extinction_coef                       ? 
_refine.ls_extinction_coef_esd                   ? 
_refine.ls_extinction_expression                 ? 
_refine.ls_extinction_method                     ? 
_refine.ls_goodness_of_fit_all                   ? 
_refine.ls_goodness_of_fit_all_esd               ? 
_refine.ls_goodness_of_fit_obs                   ? 
_refine.ls_goodness_of_fit_obs_esd               ? 
_refine.ls_hydrogen_treatment                    ? 
_refine.ls_matrix_type                           ? 
_refine.ls_number_constraints                    ? 
_refine.ls_number_parameters                     ? 
_refine.ls_number_reflns_all                     ? 
_refine.ls_number_reflns_obs                     4567 
_refine.ls_number_reflns_R_free                  247 
_refine.ls_number_reflns_R_work                  4320 
_refine.ls_number_restraints                     ? 
_refine.ls_percent_reflns_obs                    99.54 
_refine.ls_percent_reflns_R_free                 5.41 
_refine.ls_R_factor_all                          ? 
_refine.ls_R_factor_obs                          0.2335 
_refine.ls_R_factor_R_free                       0.266 
_refine.ls_R_factor_R_free_error                 ? 
_refine.ls_R_factor_R_free_error_details         ? 
_refine.ls_R_factor_R_work                       0.232 
_refine.ls_R_Fsqd_factor_obs                     ? 
_refine.ls_R_I_factor_obs                        ? 
_refine.ls_redundancy_reflns_all                 ? 
_refine.ls_redundancy_reflns_obs                 ? 
_refine.ls_restrained_S_all                      ? 
_refine.ls_restrained_S_obs                      ? 
_refine.ls_shift_over_esd_max                    ? 
_refine.ls_shift_over_esd_mean                   ? 
_refine.ls_structure_factor_coef                 ? 
_refine.ls_weighting_details                     ? 
_refine.ls_weighting_scheme                      ? 
_refine.ls_wR_factor_all                         ? 
_refine.ls_wR_factor_obs                         ? 
_refine.ls_wR_factor_R_free                      ? 
_refine.ls_wR_factor_R_work                      ? 
_refine.occupancy_max                            ? 
_refine.occupancy_min                            ? 
_refine.solvent_model_details                    'FLAT BULK SOLVENT MODEL' 
_refine.solvent_model_param_bsol                 ? 
_refine.solvent_model_param_ksol                 ? 
_refine.pdbx_R_complete                          ? 
_refine.ls_R_factor_gt                           ? 
_refine.ls_goodness_of_fit_gt                    ? 
_refine.ls_goodness_of_fit_ref                   ? 
_refine.ls_shift_over_su_max                     ? 
_refine.ls_shift_over_su_max_lt                  ? 
_refine.ls_shift_over_su_mean                    ? 
_refine.ls_shift_over_su_mean_lt                 ? 
_refine.pdbx_ls_sigma_I                          ? 
_refine.pdbx_ls_sigma_F                          1.35 
_refine.pdbx_ls_sigma_Fsqd                       ? 
_refine.pdbx_data_cutoff_high_absF               ? 
_refine.pdbx_data_cutoff_high_rms_absF           ? 
_refine.pdbx_data_cutoff_low_absF                ? 
_refine.pdbx_isotropic_thermal_model             ? 
_refine.pdbx_ls_cross_valid_method               'FREE R-VALUE' 
_refine.pdbx_method_to_determine_struct          'MOLECULAR REPLACEMENT' 
_refine.pdbx_starting_model                      ? 
_refine.pdbx_stereochemistry_target_values       'GeoStd + Monomer Library + CDL v1.2' 
_refine.pdbx_R_Free_selection_details            ? 
_refine.pdbx_stereochem_target_val_spec_case     ? 
_refine.pdbx_overall_ESU_R                       ? 
_refine.pdbx_overall_ESU_R_Free                  ? 
_refine.pdbx_solvent_vdw_probe_radii             1.1000 
_refine.pdbx_solvent_ion_probe_radii             ? 
_refine.pdbx_solvent_shrinkage_radii             0.9000 
_refine.pdbx_real_space_R                        ? 
_refine.pdbx_density_correlation                 ? 
_refine.pdbx_pd_number_of_powder_patterns        ? 
_refine.pdbx_pd_number_of_points                 ? 
_refine.pdbx_pd_meas_number_of_points            ? 
_refine.pdbx_pd_proc_ls_prof_R_factor            ? 
_refine.pdbx_pd_proc_ls_prof_wR_factor           ? 
_refine.pdbx_pd_Marquardt_correlation_coeff      ? 
_refine.pdbx_pd_Fsqrd_R_factor                   ? 
_refine.pdbx_pd_ls_matrix_band_width             ? 
_refine.pdbx_overall_phase_error                 26.5545 
_refine.pdbx_overall_SU_R_free_Cruickshank_DPI   ? 
_refine.pdbx_overall_SU_R_free_Blow_DPI          ? 
_refine.pdbx_overall_SU_R_Blow_DPI               ? 
_refine.pdbx_TLS_residual_ADP_flag               ? 
_refine.pdbx_diffrn_id                           1 
_refine.overall_SU_B                             ? 
_refine.overall_SU_ML                            0.1075 
_refine.overall_SU_R_Cruickshank_DPI             ? 
_refine.overall_SU_R_free                        ? 
_refine.overall_FOM_free_R_set                   ? 
_refine.overall_FOM_work_R_set                   ? 
_refine.pdbx_average_fsc_overall                 ? 
_refine.pdbx_average_fsc_work                    ? 
_refine.pdbx_average_fsc_free                    ? 
# 
_refine_hist.pdbx_refine_id                   'X-RAY DIFFRACTION' 
_refine_hist.cycle_id                         LAST 
_refine_hist.details                          ? 
_refine_hist.d_res_high                       3.00 
_refine_hist.d_res_low                        35.53 
_refine_hist.number_atoms_solvent             0 
_refine_hist.number_atoms_total               1153 
_refine_hist.number_reflns_all                ? 
_refine_hist.number_reflns_obs                ? 
_refine_hist.number_reflns_R_free             ? 
_refine_hist.number_reflns_R_work             ? 
_refine_hist.R_factor_all                     ? 
_refine_hist.R_factor_obs                     ? 
_refine_hist.R_factor_R_free                  ? 
_refine_hist.R_factor_R_work                  ? 
_refine_hist.pdbx_number_residues_total       ? 
_refine_hist.pdbx_B_iso_mean_ligand           ? 
_refine_hist.pdbx_B_iso_mean_solvent          ? 
_refine_hist.pdbx_number_atoms_protein        1153 
_refine_hist.pdbx_number_atoms_nucleic_acid   0 
_refine_hist.pdbx_number_atoms_ligand         0 
_refine_hist.pdbx_number_atoms_lipid          ? 
_refine_hist.pdbx_number_atoms_carb           ? 
_refine_hist.pdbx_pseudo_atom_details         ? 
# 
loop_
_refine_ls_restr.pdbx_refine_id 
_refine_ls_restr.criterion 
_refine_ls_restr.dev_ideal 
_refine_ls_restr.dev_ideal_target 
_refine_ls_restr.number 
_refine_ls_restr.rejects 
_refine_ls_restr.type 
_refine_ls_restr.weight 
_refine_ls_restr.pdbx_restraint_function 
'X-RAY DIFFRACTION' ? 0.0025  ? 1181 ? f_bond_d           ? ? 
'X-RAY DIFFRACTION' ? 0.6524  ? 1604 ? f_angle_d          ? ? 
'X-RAY DIFFRACTION' ? 0.0446  ? 175  ? f_chiral_restr     ? ? 
'X-RAY DIFFRACTION' ? 0.0074  ? 213  ? f_plane_restr      ? ? 
'X-RAY DIFFRACTION' ? 12.7706 ? 440  ? f_dihedral_angle_d ? ? 
# 
loop_
_refine_ls_shell.pdbx_refine_id 
_refine_ls_shell.d_res_high 
_refine_ls_shell.d_res_low 
_refine_ls_shell.number_reflns_all 
_refine_ls_shell.number_reflns_obs 
_refine_ls_shell.number_reflns_R_free 
_refine_ls_shell.number_reflns_R_work 
_refine_ls_shell.percent_reflns_obs 
_refine_ls_shell.percent_reflns_R_free 
_refine_ls_shell.R_factor_all 
_refine_ls_shell.R_factor_obs 
_refine_ls_shell.R_factor_R_free_error 
_refine_ls_shell.R_factor_R_work 
_refine_ls_shell.redundancy_reflns_all 
_refine_ls_shell.redundancy_reflns_obs 
_refine_ls_shell.wR_factor_all 
_refine_ls_shell.wR_factor_obs 
_refine_ls_shell.wR_factor_R_free 
_refine_ls_shell.wR_factor_R_work 
_refine_ls_shell.pdbx_R_complete 
_refine_ls_shell.pdbx_total_number_of_bins_used 
_refine_ls_shell.pdbx_phase_error 
_refine_ls_shell.pdbx_fsc_work 
_refine_ls_shell.pdbx_fsc_free 
_refine_ls_shell.R_factor_R_free 
'X-RAY DIFFRACTION' 3.00 3.78  . . 140 2090 99.20 . . . . 0.2608 . . . . . . . . . . . 0.3509 
'X-RAY DIFFRACTION' 3.78 35.53 . . 107 2230 99.87 . . . . 0.2257 . . . . . . . . . . . 0.2407 
# 
_struct.entry_id                     9DKI 
_struct.title                        'Crystal structure of the TIR domain C117H mutant from human TRAM' 
_struct.pdbx_model_details           ? 
_struct.pdbx_formula_weight          ? 
_struct.pdbx_formula_weight_method   ? 
_struct.pdbx_model_type_details      ? 
_struct.pdbx_CASP_flag               N 
# 
_struct_keywords.entry_id        9DKI 
_struct_keywords.text            'Toll-like receptor, TIR domain, TRAM, IMMUNE SYSTEM' 
_struct_keywords.pdbx_keywords   'IMMUNE SYSTEM' 
# 
_struct_asym.id                            A 
_struct_asym.pdbx_blank_PDB_chainid_flag   N 
_struct_asym.pdbx_modified                 N 
_struct_asym.entity_id                     1 
_struct_asym.details                       ? 
# 
_struct_ref.id                         1 
_struct_ref.db_name                    UNP 
_struct_ref.db_code                    TCAM2_HUMAN 
_struct_ref.pdbx_db_accession          Q86XR7 
_struct_ref.pdbx_db_isoform            ? 
_struct_ref.entity_id                  1 
_struct_ref.pdbx_seq_one_letter_code   
;FLKFVILHAEDDTDEALRVQNLLQDDFGIKPGIIFAEMPCGRQHLQNLDDAVNGSAWTILLLTENFLRDTWCNFQFYTSL
MNSVNRQHKYNSVIPMRPLNNPLPRERTPFALQTINALEEESRGFPTQVERIFQESVYKT
;
_struct_ref.pdbx_align_begin           78 
# 
_struct_ref_seq.align_id                      1 
_struct_ref_seq.ref_id                        1 
_struct_ref_seq.pdbx_PDB_id_code              9DKI 
_struct_ref_seq.pdbx_strand_id                A 
_struct_ref_seq.seq_align_beg                 1 
_struct_ref_seq.pdbx_seq_align_beg_ins_code   ? 
_struct_ref_seq.seq_align_end                 140 
_struct_ref_seq.pdbx_seq_align_end_ins_code   ? 
_struct_ref_seq.pdbx_db_accession             Q86XR7 
_struct_ref_seq.db_align_beg                  78 
_struct_ref_seq.pdbx_db_align_beg_ins_code    ? 
_struct_ref_seq.db_align_end                  217 
_struct_ref_seq.pdbx_db_align_end_ins_code    ? 
_struct_ref_seq.pdbx_auth_seq_align_beg       78 
_struct_ref_seq.pdbx_auth_seq_align_end       217 
# 
_struct_ref_seq_dif.align_id                     1 
_struct_ref_seq_dif.pdbx_pdb_id_code             9DKI 
_struct_ref_seq_dif.mon_id                       HIS 
_struct_ref_seq_dif.pdbx_pdb_strand_id           A 
_struct_ref_seq_dif.seq_num                      40 
_struct_ref_seq_dif.pdbx_pdb_ins_code            ? 
_struct_ref_seq_dif.pdbx_seq_db_name             UNP 
_struct_ref_seq_dif.pdbx_seq_db_accession_code   Q86XR7 
_struct_ref_seq_dif.db_mon_id                    CYS 
_struct_ref_seq_dif.pdbx_seq_db_seq_num          117 
_struct_ref_seq_dif.details                      'engineered mutation' 
_struct_ref_seq_dif.pdbx_auth_seq_num            117 
_struct_ref_seq_dif.pdbx_ordinal                 1 
# 
_pdbx_struct_assembly.id                   1 
_pdbx_struct_assembly.details              author_defined_assembly 
_pdbx_struct_assembly.method_details       ? 
_pdbx_struct_assembly.oligomeric_details   monomeric 
_pdbx_struct_assembly.oligomeric_count     1 
# 
_pdbx_struct_assembly_gen.assembly_id       1 
_pdbx_struct_assembly_gen.oper_expression   1 
_pdbx_struct_assembly_gen.asym_id_list      A 
# 
_pdbx_struct_assembly_auth_evidence.id                     1 
_pdbx_struct_assembly_auth_evidence.assembly_id            1 
_pdbx_struct_assembly_auth_evidence.experimental_support   'gel filtration' 
_pdbx_struct_assembly_auth_evidence.details                ? 
# 
_pdbx_struct_oper_list.id                   1 
_pdbx_struct_oper_list.type                 'identity operation' 
_pdbx_struct_oper_list.name                 1_555 
_pdbx_struct_oper_list.symmetry_operation   x,y,z 
_pdbx_struct_oper_list.matrix[1][1]         1.0000000000 
_pdbx_struct_oper_list.matrix[1][2]         0.0000000000 
_pdbx_struct_oper_list.matrix[1][3]         0.0000000000 
_pdbx_struct_oper_list.vector[1]            0.0000000000 
_pdbx_struct_oper_list.matrix[2][1]         0.0000000000 
_pdbx_struct_oper_list.matrix[2][2]         1.0000000000 
_pdbx_struct_oper_list.matrix[2][3]         0.0000000000 
_pdbx_struct_oper_list.vector[2]            0.0000000000 
_pdbx_struct_oper_list.matrix[3][1]         0.0000000000 
_pdbx_struct_oper_list.matrix[3][2]         0.0000000000 
_pdbx_struct_oper_list.matrix[3][3]         1.0000000000 
_pdbx_struct_oper_list.vector[3]            0.0000000000 
# 
loop_
_struct_conf.conf_type_id 
_struct_conf.id 
_struct_conf.pdbx_PDB_helix_id 
_struct_conf.beg_label_comp_id 
_struct_conf.beg_label_asym_id 
_struct_conf.beg_label_seq_id 
_struct_conf.pdbx_beg_PDB_ins_code 
_struct_conf.end_label_comp_id 
_struct_conf.end_label_asym_id 
_struct_conf.end_label_seq_id 
_struct_conf.pdbx_end_PDB_ins_code 
_struct_conf.beg_auth_comp_id 
_struct_conf.beg_auth_asym_id 
_struct_conf.beg_auth_seq_id 
_struct_conf.end_auth_comp_id 
_struct_conf.end_auth_asym_id 
_struct_conf.end_auth_seq_id 
_struct_conf.pdbx_PDB_helix_class 
_struct_conf.details 
_struct_conf.pdbx_PDB_helix_length 
HELX_P HELX_P1  AA1 ALA A 9   ? ASP A 11  ? ALA A 86  ASP A 88  5 ? 3  
HELX_P HELX_P2  AA2 ASP A 12  ? ASP A 26  ? ASP A 89  ASP A 103 1 ? 15 
HELX_P HELX_P3  AA3 ALA A 36  ? MET A 38  ? ALA A 113 MET A 115 5 ? 3  
HELX_P HELX_P4  AA4 GLN A 43  ? GLY A 54  ? GLN A 120 GLY A 131 1 ? 12 
HELX_P HELX_P5  AA5 THR A 63  ? THR A 70  ? THR A 140 THR A 147 1 ? 8  
HELX_P HELX_P6  AA6 THR A 70  ? SER A 83  ? THR A 147 SER A 160 1 ? 14 
HELX_P HELX_P7  AA7 HIS A 88  ? ASN A 91  ? HIS A 165 ASN A 168 5 ? 4  
HELX_P HELX_P8  AA8 PRO A 104 ? THR A 108 ? PRO A 181 THR A 185 5 ? 5  
HELX_P HELX_P9  AA9 PRO A 109 ? THR A 114 ? PRO A 186 THR A 191 1 ? 6  
HELX_P HELX_P10 AB1 GLY A 124 ? PHE A 133 ? GLY A 201 PHE A 210 1 ? 10 
HELX_P HELX_P11 AB2 GLN A 134 ? TYR A 138 ? GLN A 211 TYR A 215 5 ? 5  
# 
_struct_conf_type.id          HELX_P 
_struct_conf_type.criteria    ? 
_struct_conf_type.reference   ? 
# 
_struct_mon_prot_cis.pdbx_id                1 
_struct_mon_prot_cis.label_comp_id          LYS 
_struct_mon_prot_cis.label_seq_id           30 
_struct_mon_prot_cis.label_asym_id          A 
_struct_mon_prot_cis.label_alt_id           . 
_struct_mon_prot_cis.pdbx_PDB_ins_code      ? 
_struct_mon_prot_cis.auth_comp_id           LYS 
_struct_mon_prot_cis.auth_seq_id            107 
_struct_mon_prot_cis.auth_asym_id           A 
_struct_mon_prot_cis.pdbx_label_comp_id_2   PRO 
_struct_mon_prot_cis.pdbx_label_seq_id_2    31 
_struct_mon_prot_cis.pdbx_label_asym_id_2   A 
_struct_mon_prot_cis.pdbx_PDB_ins_code_2    ? 
_struct_mon_prot_cis.pdbx_auth_comp_id_2    PRO 
_struct_mon_prot_cis.pdbx_auth_seq_id_2     108 
_struct_mon_prot_cis.pdbx_auth_asym_id_2    A 
_struct_mon_prot_cis.pdbx_PDB_model_num     1 
_struct_mon_prot_cis.pdbx_omega_angle       2.87 
# 
_struct_sheet.id               AA1 
_struct_sheet.type             ? 
_struct_sheet.number_strands   5 
_struct_sheet.details          ? 
# 
loop_
_struct_sheet_order.sheet_id 
_struct_sheet_order.range_id_1 
_struct_sheet_order.range_id_2 
_struct_sheet_order.offset 
_struct_sheet_order.sense 
AA1 1 2 ? parallel 
AA1 2 3 ? parallel 
AA1 3 4 ? parallel 
AA1 4 5 ? parallel 
# 
loop_
_struct_sheet_range.sheet_id 
_struct_sheet_range.id 
_struct_sheet_range.beg_label_comp_id 
_struct_sheet_range.beg_label_asym_id 
_struct_sheet_range.beg_label_seq_id 
_struct_sheet_range.pdbx_beg_PDB_ins_code 
_struct_sheet_range.end_label_comp_id 
_struct_sheet_range.end_label_asym_id 
_struct_sheet_range.end_label_seq_id 
_struct_sheet_range.pdbx_end_PDB_ins_code 
_struct_sheet_range.beg_auth_comp_id 
_struct_sheet_range.beg_auth_asym_id 
_struct_sheet_range.beg_auth_seq_id 
_struct_sheet_range.end_auth_comp_id 
_struct_sheet_range.end_auth_asym_id 
_struct_sheet_range.end_auth_seq_id 
AA1 1 GLY A 32  ? ILE A 34  ? GLY A 109 ILE A 111 
AA1 2 LEU A 2   ? LEU A 7   ? LEU A 79  LEU A 84  
AA1 3 SER A 55  ? LEU A 61  ? SER A 132 LEU A 138 
AA1 4 VAL A 93  ? ARG A 97  ? VAL A 170 ARG A 174 
AA1 5 LEU A 118 ? GLU A 119 ? LEU A 195 GLU A 196 
# 
loop_
_pdbx_struct_sheet_hbond.sheet_id 
_pdbx_struct_sheet_hbond.range_id_1 
_pdbx_struct_sheet_hbond.range_id_2 
_pdbx_struct_sheet_hbond.range_1_label_atom_id 
_pdbx_struct_sheet_hbond.range_1_label_comp_id 
_pdbx_struct_sheet_hbond.range_1_label_asym_id 
_pdbx_struct_sheet_hbond.range_1_label_seq_id 
_pdbx_struct_sheet_hbond.range_1_PDB_ins_code 
_pdbx_struct_sheet_hbond.range_1_auth_atom_id 
_pdbx_struct_sheet_hbond.range_1_auth_comp_id 
_pdbx_struct_sheet_hbond.range_1_auth_asym_id 
_pdbx_struct_sheet_hbond.range_1_auth_seq_id 
_pdbx_struct_sheet_hbond.range_2_label_atom_id 
_pdbx_struct_sheet_hbond.range_2_label_comp_id 
_pdbx_struct_sheet_hbond.range_2_label_asym_id 
_pdbx_struct_sheet_hbond.range_2_label_seq_id 
_pdbx_struct_sheet_hbond.range_2_PDB_ins_code 
_pdbx_struct_sheet_hbond.range_2_auth_atom_id 
_pdbx_struct_sheet_hbond.range_2_auth_comp_id 
_pdbx_struct_sheet_hbond.range_2_auth_asym_id 
_pdbx_struct_sheet_hbond.range_2_auth_seq_id 
AA1 1 2 O ILE A 33 ? O ILE A 110 N ILE A 6   ? N ILE A 83  
AA1 2 3 N VAL A 5  ? N VAL A 82  O ILE A 59  ? O ILE A 136 
AA1 3 4 N LEU A 60 ? N LEU A 137 O MET A 96  ? O MET A 173 
AA1 4 5 N PRO A 95 ? N PRO A 172 O LEU A 118 ? O LEU A 195 
# 
_pdbx_entry_details.entry_id                   9DKI 
_pdbx_entry_details.compound_details           ? 
_pdbx_entry_details.source_details             ? 
_pdbx_entry_details.nonpolymer_details         ? 
_pdbx_entry_details.sequence_details           ? 
_pdbx_entry_details.has_ligand_of_interest     ? 
_pdbx_entry_details.has_protein_modification   N 
# 
loop_
_chem_comp_atom.comp_id 
_chem_comp_atom.atom_id 
_chem_comp_atom.type_symbol 
_chem_comp_atom.pdbx_aromatic_flag 
_chem_comp_atom.pdbx_stereo_config 
_chem_comp_atom.pdbx_ordinal 
ALA N    N N N 1   
ALA CA   C N S 2   
ALA C    C N N 3   
ALA O    O N N 4   
ALA CB   C N N 5   
ALA OXT  O N N 6   
ALA H    H N N 7   
ALA H2   H N N 8   
ALA HA   H N N 9   
ALA HB1  H N N 10  
ALA HB2  H N N 11  
ALA HB3  H N N 12  
ALA HXT  H N N 13  
ARG N    N N N 14  
ARG CA   C N S 15  
ARG C    C N N 16  
ARG O    O N N 17  
ARG CB   C N N 18  
ARG CG   C N N 19  
ARG CD   C N N 20  
ARG NE   N N N 21  
ARG CZ   C N N 22  
ARG NH1  N N N 23  
ARG NH2  N N N 24  
ARG OXT  O N N 25  
ARG H    H N N 26  
ARG H2   H N N 27  
ARG HA   H N N 28  
ARG HB2  H N N 29  
ARG HB3  H N N 30  
ARG HG2  H N N 31  
ARG HG3  H N N 32  
ARG HD2  H N N 33  
ARG HD3  H N N 34  
ARG HE   H N N 35  
ARG HH11 H N N 36  
ARG HH12 H N N 37  
ARG HH21 H N N 38  
ARG HH22 H N N 39  
ARG HXT  H N N 40  
ASN N    N N N 41  
ASN CA   C N S 42  
ASN C    C N N 43  
ASN O    O N N 44  
ASN CB   C N N 45  
ASN CG   C N N 46  
ASN OD1  O N N 47  
ASN ND2  N N N 48  
ASN OXT  O N N 49  
ASN H    H N N 50  
ASN H2   H N N 51  
ASN HA   H N N 52  
ASN HB2  H N N 53  
ASN HB3  H N N 54  
ASN HD21 H N N 55  
ASN HD22 H N N 56  
ASN HXT  H N N 57  
ASP N    N N N 58  
ASP CA   C N S 59  
ASP C    C N N 60  
ASP O    O N N 61  
ASP CB   C N N 62  
ASP CG   C N N 63  
ASP OD1  O N N 64  
ASP OD2  O N N 65  
ASP OXT  O N N 66  
ASP H    H N N 67  
ASP H2   H N N 68  
ASP HA   H N N 69  
ASP HB2  H N N 70  
ASP HB3  H N N 71  
ASP HD2  H N N 72  
ASP HXT  H N N 73  
CYS N    N N N 74  
CYS CA   C N R 75  
CYS C    C N N 76  
CYS O    O N N 77  
CYS CB   C N N 78  
CYS SG   S N N 79  
CYS OXT  O N N 80  
CYS H    H N N 81  
CYS H2   H N N 82  
CYS HA   H N N 83  
CYS HB2  H N N 84  
CYS HB3  H N N 85  
CYS HG   H N N 86  
CYS HXT  H N N 87  
GLN N    N N N 88  
GLN CA   C N S 89  
GLN C    C N N 90  
GLN O    O N N 91  
GLN CB   C N N 92  
GLN CG   C N N 93  
GLN CD   C N N 94  
GLN OE1  O N N 95  
GLN NE2  N N N 96  
GLN OXT  O N N 97  
GLN H    H N N 98  
GLN H2   H N N 99  
GLN HA   H N N 100 
GLN HB2  H N N 101 
GLN HB3  H N N 102 
GLN HG2  H N N 103 
GLN HG3  H N N 104 
GLN HE21 H N N 105 
GLN HE22 H N N 106 
GLN HXT  H N N 107 
GLU N    N N N 108 
GLU CA   C N S 109 
GLU C    C N N 110 
GLU O    O N N 111 
GLU CB   C N N 112 
GLU CG   C N N 113 
GLU CD   C N N 114 
GLU OE1  O N N 115 
GLU OE2  O N N 116 
GLU OXT  O N N 117 
GLU H    H N N 118 
GLU H2   H N N 119 
GLU HA   H N N 120 
GLU HB2  H N N 121 
GLU HB3  H N N 122 
GLU HG2  H N N 123 
GLU HG3  H N N 124 
GLU HE2  H N N 125 
GLU HXT  H N N 126 
GLY N    N N N 127 
GLY CA   C N N 128 
GLY C    C N N 129 
GLY O    O N N 130 
GLY OXT  O N N 131 
GLY H    H N N 132 
GLY H2   H N N 133 
GLY HA2  H N N 134 
GLY HA3  H N N 135 
GLY HXT  H N N 136 
HIS N    N N N 137 
HIS CA   C N S 138 
HIS C    C N N 139 
HIS O    O N N 140 
HIS CB   C N N 141 
HIS CG   C Y N 142 
HIS ND1  N Y N 143 
HIS CD2  C Y N 144 
HIS CE1  C Y N 145 
HIS NE2  N Y N 146 
HIS OXT  O N N 147 
HIS H    H N N 148 
HIS H2   H N N 149 
HIS HA   H N N 150 
HIS HB2  H N N 151 
HIS HB3  H N N 152 
HIS HD1  H N N 153 
HIS HD2  H N N 154 
HIS HE1  H N N 155 
HIS HE2  H N N 156 
HIS HXT  H N N 157 
ILE N    N N N 158 
ILE CA   C N S 159 
ILE C    C N N 160 
ILE O    O N N 161 
ILE CB   C N S 162 
ILE CG1  C N N 163 
ILE CG2  C N N 164 
ILE CD1  C N N 165 
ILE OXT  O N N 166 
ILE H    H N N 167 
ILE H2   H N N 168 
ILE HA   H N N 169 
ILE HB   H N N 170 
ILE HG12 H N N 171 
ILE HG13 H N N 172 
ILE HG21 H N N 173 
ILE HG22 H N N 174 
ILE HG23 H N N 175 
ILE HD11 H N N 176 
ILE HD12 H N N 177 
ILE HD13 H N N 178 
ILE HXT  H N N 179 
LEU N    N N N 180 
LEU CA   C N S 181 
LEU C    C N N 182 
LEU O    O N N 183 
LEU CB   C N N 184 
LEU CG   C N N 185 
LEU CD1  C N N 186 
LEU CD2  C N N 187 
LEU OXT  O N N 188 
LEU H    H N N 189 
LEU H2   H N N 190 
LEU HA   H N N 191 
LEU HB2  H N N 192 
LEU HB3  H N N 193 
LEU HG   H N N 194 
LEU HD11 H N N 195 
LEU HD12 H N N 196 
LEU HD13 H N N 197 
LEU HD21 H N N 198 
LEU HD22 H N N 199 
LEU HD23 H N N 200 
LEU HXT  H N N 201 
LYS N    N N N 202 
LYS CA   C N S 203 
LYS C    C N N 204 
LYS O    O N N 205 
LYS CB   C N N 206 
LYS CG   C N N 207 
LYS CD   C N N 208 
LYS CE   C N N 209 
LYS NZ   N N N 210 
LYS OXT  O N N 211 
LYS H    H N N 212 
LYS H2   H N N 213 
LYS HA   H N N 214 
LYS HB2  H N N 215 
LYS HB3  H N N 216 
LYS HG2  H N N 217 
LYS HG3  H N N 218 
LYS HD2  H N N 219 
LYS HD3  H N N 220 
LYS HE2  H N N 221 
LYS HE3  H N N 222 
LYS HZ1  H N N 223 
LYS HZ2  H N N 224 
LYS HZ3  H N N 225 
LYS HXT  H N N 226 
MET N    N N N 227 
MET CA   C N S 228 
MET C    C N N 229 
MET O    O N N 230 
MET CB   C N N 231 
MET CG   C N N 232 
MET SD   S N N 233 
MET CE   C N N 234 
MET OXT  O N N 235 
MET H    H N N 236 
MET H2   H N N 237 
MET HA   H N N 238 
MET HB2  H N N 239 
MET HB3  H N N 240 
MET HG2  H N N 241 
MET HG3  H N N 242 
MET HE1  H N N 243 
MET HE2  H N N 244 
MET HE3  H N N 245 
MET HXT  H N N 246 
PHE N    N N N 247 
PHE CA   C N S 248 
PHE C    C N N 249 
PHE O    O N N 250 
PHE CB   C N N 251 
PHE CG   C Y N 252 
PHE CD1  C Y N 253 
PHE CD2  C Y N 254 
PHE CE1  C Y N 255 
PHE CE2  C Y N 256 
PHE CZ   C Y N 257 
PHE OXT  O N N 258 
PHE H    H N N 259 
PHE H2   H N N 260 
PHE HA   H N N 261 
PHE HB2  H N N 262 
PHE HB3  H N N 263 
PHE HD1  H N N 264 
PHE HD2  H N N 265 
PHE HE1  H N N 266 
PHE HE2  H N N 267 
PHE HZ   H N N 268 
PHE HXT  H N N 269 
PRO N    N N N 270 
PRO CA   C N S 271 
PRO C    C N N 272 
PRO O    O N N 273 
PRO CB   C N N 274 
PRO CG   C N N 275 
PRO CD   C N N 276 
PRO OXT  O N N 277 
PRO H    H N N 278 
PRO HA   H N N 279 
PRO HB2  H N N 280 
PRO HB3  H N N 281 
PRO HG2  H N N 282 
PRO HG3  H N N 283 
PRO HD2  H N N 284 
PRO HD3  H N N 285 
PRO HXT  H N N 286 
SER N    N N N 287 
SER CA   C N S 288 
SER C    C N N 289 
SER O    O N N 290 
SER CB   C N N 291 
SER OG   O N N 292 
SER OXT  O N N 293 
SER H    H N N 294 
SER H2   H N N 295 
SER HA   H N N 296 
SER HB2  H N N 297 
SER HB3  H N N 298 
SER HG   H N N 299 
SER HXT  H N N 300 
THR N    N N N 301 
THR CA   C N S 302 
THR C    C N N 303 
THR O    O N N 304 
THR CB   C N R 305 
THR OG1  O N N 306 
THR CG2  C N N 307 
THR OXT  O N N 308 
THR H    H N N 309 
THR H2   H N N 310 
THR HA   H N N 311 
THR HB   H N N 312 
THR HG1  H N N 313 
THR HG21 H N N 314 
THR HG22 H N N 315 
THR HG23 H N N 316 
THR HXT  H N N 317 
TRP N    N N N 318 
TRP CA   C N S 319 
TRP C    C N N 320 
TRP O    O N N 321 
TRP CB   C N N 322 
TRP CG   C Y N 323 
TRP CD1  C Y N 324 
TRP CD2  C Y N 325 
TRP NE1  N Y N 326 
TRP CE2  C Y N 327 
TRP CE3  C Y N 328 
TRP CZ2  C Y N 329 
TRP CZ3  C Y N 330 
TRP CH2  C Y N 331 
TRP OXT  O N N 332 
TRP H    H N N 333 
TRP H2   H N N 334 
TRP HA   H N N 335 
TRP HB2  H N N 336 
TRP HB3  H N N 337 
TRP HD1  H N N 338 
TRP HE1  H N N 339 
TRP HE3  H N N 340 
TRP HZ2  H N N 341 
TRP HZ3  H N N 342 
TRP HH2  H N N 343 
TRP HXT  H N N 344 
TYR N    N N N 345 
TYR CA   C N S 346 
TYR C    C N N 347 
TYR O    O N N 348 
TYR CB   C N N 349 
TYR CG   C Y N 350 
TYR CD1  C Y N 351 
TYR CD2  C Y N 352 
TYR CE1  C Y N 353 
TYR CE2  C Y N 354 
TYR CZ   C Y N 355 
TYR OH   O N N 356 
TYR OXT  O N N 357 
TYR H    H N N 358 
TYR H2   H N N 359 
TYR HA   H N N 360 
TYR HB2  H N N 361 
TYR HB3  H N N 362 
TYR HD1  H N N 363 
TYR HD2  H N N 364 
TYR HE1  H N N 365 
TYR HE2  H N N 366 
TYR HH   H N N 367 
TYR HXT  H N N 368 
VAL N    N N N 369 
VAL CA   C N S 370 
VAL C    C N N 371 
VAL O    O N N 372 
VAL CB   C N N 373 
VAL CG1  C N N 374 
VAL CG2  C N N 375 
VAL OXT  O N N 376 
VAL H    H N N 377 
VAL H2   H N N 378 
VAL HA   H N N 379 
VAL HB   H N N 380 
VAL HG11 H N N 381 
VAL HG12 H N N 382 
VAL HG13 H N N 383 
VAL HG21 H N N 384 
VAL HG22 H N N 385 
VAL HG23 H N N 386 
VAL HXT  H N N 387 
# 
loop_
_chem_comp_bond.comp_id 
_chem_comp_bond.atom_id_1 
_chem_comp_bond.atom_id_2 
_chem_comp_bond.value_order 
_chem_comp_bond.pdbx_aromatic_flag 
_chem_comp_bond.pdbx_stereo_config 
_chem_comp_bond.pdbx_ordinal 
ALA N   CA   sing N N 1   
ALA N   H    sing N N 2   
ALA N   H2   sing N N 3   
ALA CA  C    sing N N 4   
ALA CA  CB   sing N N 5   
ALA CA  HA   sing N N 6   
ALA C   O    doub N N 7   
ALA C   OXT  sing N N 8   
ALA CB  HB1  sing N N 9   
ALA CB  HB2  sing N N 10  
ALA CB  HB3  sing N N 11  
ALA OXT HXT  sing N N 12  
ARG N   CA   sing N N 13  
ARG N   H    sing N N 14  
ARG N   H2   sing N N 15  
ARG CA  C    sing N N 16  
ARG CA  CB   sing N N 17  
ARG CA  HA   sing N N 18  
ARG C   O    doub N N 19  
ARG C   OXT  sing N N 20  
ARG CB  CG   sing N N 21  
ARG CB  HB2  sing N N 22  
ARG CB  HB3  sing N N 23  
ARG CG  CD   sing N N 24  
ARG CG  HG2  sing N N 25  
ARG CG  HG3  sing N N 26  
ARG CD  NE   sing N N 27  
ARG CD  HD2  sing N N 28  
ARG CD  HD3  sing N N 29  
ARG NE  CZ   sing N N 30  
ARG NE  HE   sing N N 31  
ARG CZ  NH1  sing N N 32  
ARG CZ  NH2  doub N N 33  
ARG NH1 HH11 sing N N 34  
ARG NH1 HH12 sing N N 35  
ARG NH2 HH21 sing N N 36  
ARG NH2 HH22 sing N N 37  
ARG OXT HXT  sing N N 38  
ASN N   CA   sing N N 39  
ASN N   H    sing N N 40  
ASN N   H2   sing N N 41  
ASN CA  C    sing N N 42  
ASN CA  CB   sing N N 43  
ASN CA  HA   sing N N 44  
ASN C   O    doub N N 45  
ASN C   OXT  sing N N 46  
ASN CB  CG   sing N N 47  
ASN CB  HB2  sing N N 48  
ASN CB  HB3  sing N N 49  
ASN CG  OD1  doub N N 50  
ASN CG  ND2  sing N N 51  
ASN ND2 HD21 sing N N 52  
ASN ND2 HD22 sing N N 53  
ASN OXT HXT  sing N N 54  
ASP N   CA   sing N N 55  
ASP N   H    sing N N 56  
ASP N   H2   sing N N 57  
ASP CA  C    sing N N 58  
ASP CA  CB   sing N N 59  
ASP CA  HA   sing N N 60  
ASP C   O    doub N N 61  
ASP C   OXT  sing N N 62  
ASP CB  CG   sing N N 63  
ASP CB  HB2  sing N N 64  
ASP CB  HB3  sing N N 65  
ASP CG  OD1  doub N N 66  
ASP CG  OD2  sing N N 67  
ASP OD2 HD2  sing N N 68  
ASP OXT HXT  sing N N 69  
CYS N   CA   sing N N 70  
CYS N   H    sing N N 71  
CYS N   H2   sing N N 72  
CYS CA  C    sing N N 73  
CYS CA  CB   sing N N 74  
CYS CA  HA   sing N N 75  
CYS C   O    doub N N 76  
CYS C   OXT  sing N N 77  
CYS CB  SG   sing N N 78  
CYS CB  HB2  sing N N 79  
CYS CB  HB3  sing N N 80  
CYS SG  HG   sing N N 81  
CYS OXT HXT  sing N N 82  
GLN N   CA   sing N N 83  
GLN N   H    sing N N 84  
GLN N   H2   sing N N 85  
GLN CA  C    sing N N 86  
GLN CA  CB   sing N N 87  
GLN CA  HA   sing N N 88  
GLN C   O    doub N N 89  
GLN C   OXT  sing N N 90  
GLN CB  CG   sing N N 91  
GLN CB  HB2  sing N N 92  
GLN CB  HB3  sing N N 93  
GLN CG  CD   sing N N 94  
GLN CG  HG2  sing N N 95  
GLN CG  HG3  sing N N 96  
GLN CD  OE1  doub N N 97  
GLN CD  NE2  sing N N 98  
GLN NE2 HE21 sing N N 99  
GLN NE2 HE22 sing N N 100 
GLN OXT HXT  sing N N 101 
GLU N   CA   sing N N 102 
GLU N   H    sing N N 103 
GLU N   H2   sing N N 104 
GLU CA  C    sing N N 105 
GLU CA  CB   sing N N 106 
GLU CA  HA   sing N N 107 
GLU C   O    doub N N 108 
GLU C   OXT  sing N N 109 
GLU CB  CG   sing N N 110 
GLU CB  HB2  sing N N 111 
GLU CB  HB3  sing N N 112 
GLU CG  CD   sing N N 113 
GLU CG  HG2  sing N N 114 
GLU CG  HG3  sing N N 115 
GLU CD  OE1  doub N N 116 
GLU CD  OE2  sing N N 117 
GLU OE2 HE2  sing N N 118 
GLU OXT HXT  sing N N 119 
GLY N   CA   sing N N 120 
GLY N   H    sing N N 121 
GLY N   H2   sing N N 122 
GLY CA  C    sing N N 123 
GLY CA  HA2  sing N N 124 
GLY CA  HA3  sing N N 125 
GLY C   O    doub N N 126 
GLY C   OXT  sing N N 127 
GLY OXT HXT  sing N N 128 
HIS N   CA   sing N N 129 
HIS N   H    sing N N 130 
HIS N   H2   sing N N 131 
HIS CA  C    sing N N 132 
HIS CA  CB   sing N N 133 
HIS CA  HA   sing N N 134 
HIS C   O    doub N N 135 
HIS C   OXT  sing N N 136 
HIS CB  CG   sing N N 137 
HIS CB  HB2  sing N N 138 
HIS CB  HB3  sing N N 139 
HIS CG  ND1  sing Y N 140 
HIS CG  CD2  doub Y N 141 
HIS ND1 CE1  doub Y N 142 
HIS ND1 HD1  sing N N 143 
HIS CD2 NE2  sing Y N 144 
HIS CD2 HD2  sing N N 145 
HIS CE1 NE2  sing Y N 146 
HIS CE1 HE1  sing N N 147 
HIS NE2 HE2  sing N N 148 
HIS OXT HXT  sing N N 149 
ILE N   CA   sing N N 150 
ILE N   H    sing N N 151 
ILE N   H2   sing N N 152 
ILE CA  C    sing N N 153 
ILE CA  CB   sing N N 154 
ILE CA  HA   sing N N 155 
ILE C   O    doub N N 156 
ILE C   OXT  sing N N 157 
ILE CB  CG1  sing N N 158 
ILE CB  CG2  sing N N 159 
ILE CB  HB   sing N N 160 
ILE CG1 CD1  sing N N 161 
ILE CG1 HG12 sing N N 162 
ILE CG1 HG13 sing N N 163 
ILE CG2 HG21 sing N N 164 
ILE CG2 HG22 sing N N 165 
ILE CG2 HG23 sing N N 166 
ILE CD1 HD11 sing N N 167 
ILE CD1 HD12 sing N N 168 
ILE CD1 HD13 sing N N 169 
ILE OXT HXT  sing N N 170 
LEU N   CA   sing N N 171 
LEU N   H    sing N N 172 
LEU N   H2   sing N N 173 
LEU CA  C    sing N N 174 
LEU CA  CB   sing N N 175 
LEU CA  HA   sing N N 176 
LEU C   O    doub N N 177 
LEU C   OXT  sing N N 178 
LEU CB  CG   sing N N 179 
LEU CB  HB2  sing N N 180 
LEU CB  HB3  sing N N 181 
LEU CG  CD1  sing N N 182 
LEU CG  CD2  sing N N 183 
LEU CG  HG   sing N N 184 
LEU CD1 HD11 sing N N 185 
LEU CD1 HD12 sing N N 186 
LEU CD1 HD13 sing N N 187 
LEU CD2 HD21 sing N N 188 
LEU CD2 HD22 sing N N 189 
LEU CD2 HD23 sing N N 190 
LEU OXT HXT  sing N N 191 
LYS N   CA   sing N N 192 
LYS N   H    sing N N 193 
LYS N   H2   sing N N 194 
LYS CA  C    sing N N 195 
LYS CA  CB   sing N N 196 
LYS CA  HA   sing N N 197 
LYS C   O    doub N N 198 
LYS C   OXT  sing N N 199 
LYS CB  CG   sing N N 200 
LYS CB  HB2  sing N N 201 
LYS CB  HB3  sing N N 202 
LYS CG  CD   sing N N 203 
LYS CG  HG2  sing N N 204 
LYS CG  HG3  sing N N 205 
LYS CD  CE   sing N N 206 
LYS CD  HD2  sing N N 207 
LYS CD  HD3  sing N N 208 
LYS CE  NZ   sing N N 209 
LYS CE  HE2  sing N N 210 
LYS CE  HE3  sing N N 211 
LYS NZ  HZ1  sing N N 212 
LYS NZ  HZ2  sing N N 213 
LYS NZ  HZ3  sing N N 214 
LYS OXT HXT  sing N N 215 
MET N   CA   sing N N 216 
MET N   H    sing N N 217 
MET N   H2   sing N N 218 
MET CA  C    sing N N 219 
MET CA  CB   sing N N 220 
MET CA  HA   sing N N 221 
MET C   O    doub N N 222 
MET C   OXT  sing N N 223 
MET CB  CG   sing N N 224 
MET CB  HB2  sing N N 225 
MET CB  HB3  sing N N 226 
MET CG  SD   sing N N 227 
MET CG  HG2  sing N N 228 
MET CG  HG3  sing N N 229 
MET SD  CE   sing N N 230 
MET CE  HE1  sing N N 231 
MET CE  HE2  sing N N 232 
MET CE  HE3  sing N N 233 
MET OXT HXT  sing N N 234 
PHE N   CA   sing N N 235 
PHE N   H    sing N N 236 
PHE N   H2   sing N N 237 
PHE CA  C    sing N N 238 
PHE CA  CB   sing N N 239 
PHE CA  HA   sing N N 240 
PHE C   O    doub N N 241 
PHE C   OXT  sing N N 242 
PHE CB  CG   sing N N 243 
PHE CB  HB2  sing N N 244 
PHE CB  HB3  sing N N 245 
PHE CG  CD1  doub Y N 246 
PHE CG  CD2  sing Y N 247 
PHE CD1 CE1  sing Y N 248 
PHE CD1 HD1  sing N N 249 
PHE CD2 CE2  doub Y N 250 
PHE CD2 HD2  sing N N 251 
PHE CE1 CZ   doub Y N 252 
PHE CE1 HE1  sing N N 253 
PHE CE2 CZ   sing Y N 254 
PHE CE2 HE2  sing N N 255 
PHE CZ  HZ   sing N N 256 
PHE OXT HXT  sing N N 257 
PRO N   CA   sing N N 258 
PRO N   CD   sing N N 259 
PRO N   H    sing N N 260 
PRO CA  C    sing N N 261 
PRO CA  CB   sing N N 262 
PRO CA  HA   sing N N 263 
PRO C   O    doub N N 264 
PRO C   OXT  sing N N 265 
PRO CB  CG   sing N N 266 
PRO CB  HB2  sing N N 267 
PRO CB  HB3  sing N N 268 
PRO CG  CD   sing N N 269 
PRO CG  HG2  sing N N 270 
PRO CG  HG3  sing N N 271 
PRO CD  HD2  sing N N 272 
PRO CD  HD3  sing N N 273 
PRO OXT HXT  sing N N 274 
SER N   CA   sing N N 275 
SER N   H    sing N N 276 
SER N   H2   sing N N 277 
SER CA  C    sing N N 278 
SER CA  CB   sing N N 279 
SER CA  HA   sing N N 280 
SER C   O    doub N N 281 
SER C   OXT  sing N N 282 
SER CB  OG   sing N N 283 
SER CB  HB2  sing N N 284 
SER CB  HB3  sing N N 285 
SER OG  HG   sing N N 286 
SER OXT HXT  sing N N 287 
THR N   CA   sing N N 288 
THR N   H    sing N N 289 
THR N   H2   sing N N 290 
THR CA  C    sing N N 291 
THR CA  CB   sing N N 292 
THR CA  HA   sing N N 293 
THR C   O    doub N N 294 
THR C   OXT  sing N N 295 
THR CB  OG1  sing N N 296 
THR CB  CG2  sing N N 297 
THR CB  HB   sing N N 298 
THR OG1 HG1  sing N N 299 
THR CG2 HG21 sing N N 300 
THR CG2 HG22 sing N N 301 
THR CG2 HG23 sing N N 302 
THR OXT HXT  sing N N 303 
TRP N   CA   sing N N 304 
TRP N   H    sing N N 305 
TRP N   H2   sing N N 306 
TRP CA  C    sing N N 307 
TRP CA  CB   sing N N 308 
TRP CA  HA   sing N N 309 
TRP C   O    doub N N 310 
TRP C   OXT  sing N N 311 
TRP CB  CG   sing N N 312 
TRP CB  HB2  sing N N 313 
TRP CB  HB3  sing N N 314 
TRP CG  CD1  doub Y N 315 
TRP CG  CD2  sing Y N 316 
TRP CD1 NE1  sing Y N 317 
TRP CD1 HD1  sing N N 318 
TRP CD2 CE2  doub Y N 319 
TRP CD2 CE3  sing Y N 320 
TRP NE1 CE2  sing Y N 321 
TRP NE1 HE1  sing N N 322 
TRP CE2 CZ2  sing Y N 323 
TRP CE3 CZ3  doub Y N 324 
TRP CE3 HE3  sing N N 325 
TRP CZ2 CH2  doub Y N 326 
TRP CZ2 HZ2  sing N N 327 
TRP CZ3 CH2  sing Y N 328 
TRP CZ3 HZ3  sing N N 329 
TRP CH2 HH2  sing N N 330 
TRP OXT HXT  sing N N 331 
TYR N   CA   sing N N 332 
TYR N   H    sing N N 333 
TYR N   H2   sing N N 334 
TYR CA  C    sing N N 335 
TYR CA  CB   sing N N 336 
TYR CA  HA   sing N N 337 
TYR C   O    doub N N 338 
TYR C   OXT  sing N N 339 
TYR CB  CG   sing N N 340 
TYR CB  HB2  sing N N 341 
TYR CB  HB3  sing N N 342 
TYR CG  CD1  doub Y N 343 
TYR CG  CD2  sing Y N 344 
TYR CD1 CE1  sing Y N 345 
TYR CD1 HD1  sing N N 346 
TYR CD2 CE2  doub Y N 347 
TYR CD2 HD2  sing N N 348 
TYR CE1 CZ   doub Y N 349 
TYR CE1 HE1  sing N N 350 
TYR CE2 CZ   sing Y N 351 
TYR CE2 HE2  sing N N 352 
TYR CZ  OH   sing N N 353 
TYR OH  HH   sing N N 354 
TYR OXT HXT  sing N N 355 
VAL N   CA   sing N N 356 
VAL N   H    sing N N 357 
VAL N   H2   sing N N 358 
VAL CA  C    sing N N 359 
VAL CA  CB   sing N N 360 
VAL CA  HA   sing N N 361 
VAL C   O    doub N N 362 
VAL C   OXT  sing N N 363 
VAL CB  CG1  sing N N 364 
VAL CB  CG2  sing N N 365 
VAL CB  HB   sing N N 366 
VAL CG1 HG11 sing N N 367 
VAL CG1 HG12 sing N N 368 
VAL CG1 HG13 sing N N 369 
VAL CG2 HG21 sing N N 370 
VAL CG2 HG22 sing N N 371 
VAL CG2 HG23 sing N N 372 
VAL OXT HXT  sing N N 373 
# 
loop_
_pdbx_audit_support.funding_organization 
_pdbx_audit_support.country 
_pdbx_audit_support.grant_number 
_pdbx_audit_support.ordinal 
'National Health and Medical Research Council (NHMRC, Australia)' Australia 2025931     1 
'Australian Research Council (ARC)'                               Australia FL180100109 2 
# 
_pdbx_initial_refinement_model.id               1 
_pdbx_initial_refinement_model.entity_id_list   ? 
_pdbx_initial_refinement_model.type             'in silico model' 
_pdbx_initial_refinement_model.source_name      AlphaFold 
_pdbx_initial_refinement_model.accession_code   ? 
_pdbx_initial_refinement_model.details          ? 
# 
_atom_sites.entry_id                    9DKI 
_atom_sites.Cartn_transf_matrix[1][1]   ? 
_atom_sites.Cartn_transf_matrix[1][2]   ? 
_atom_sites.Cartn_transf_matrix[1][3]   ? 
_atom_sites.Cartn_transf_matrix[2][1]   ? 
_atom_sites.Cartn_transf_matrix[2][2]   ? 
_atom_sites.Cartn_transf_matrix[2][3]   ? 
_atom_sites.Cartn_transf_matrix[3][1]   ? 
_atom_sites.Cartn_transf_matrix[3][2]   ? 
_atom_sites.Cartn_transf_matrix[3][3]   ? 
_atom_sites.Cartn_transf_vector[1]      ? 
_atom_sites.Cartn_transf_vector[2]      ? 
_atom_sites.Cartn_transf_vector[3]      ? 
_atom_sites.Cartn_transform_axes        ? 
_atom_sites.fract_transf_matrix[1][1]   0.00040185 
_atom_sites.fract_transf_matrix[1][2]   -0.00723979 
_atom_sites.fract_transf_matrix[1][3]   -0.00891443 
_atom_sites.fract_transf_matrix[2][1]   0.00263946 
_atom_sites.fract_transf_matrix[2][2]   -0.00862286 
_atom_sites.fract_transf_matrix[2][3]   0.00712198 
_atom_sites.fract_transf_matrix[3][1]   -0.01117653 
_atom_sites.fract_transf_matrix[3][2]   -0.00229669 
_atom_sites.fract_transf_matrix[3][3]   0.00136142 
_atom_sites.fract_transf_vector[1]      -0.127318 
_atom_sites.fract_transf_vector[2]      0.027130 
_atom_sites.fract_transf_vector[3]      0.340397 
_atom_sites.solution_primary            ? 
_atom_sites.solution_secondary          ? 
_atom_sites.solution_hydrogens          ? 
_atom_sites.special_details             ? 
# 
loop_
_atom_type.symbol 
C 
N 
O 
S 
# 
loop_
_atom_site.group_PDB 
_atom_site.id 
_atom_site.type_symbol 
_atom_site.label_atom_id 
_atom_site.label_alt_id 
_atom_site.label_comp_id 
_atom_site.label_asym_id 
_atom_site.label_entity_id 
_atom_site.label_seq_id 
_atom_site.pdbx_PDB_ins_code 
_atom_site.Cartn_x 
_atom_site.Cartn_y 
_atom_site.Cartn_z 
_atom_site.occupancy 
_atom_site.B_iso_or_equiv 
_atom_site.pdbx_formal_charge 
_atom_site.auth_seq_id 
_atom_site.auth_comp_id 
_atom_site.auth_asym_id 
_atom_site.auth_atom_id 
_atom_site.pdbx_PDB_model_num 
ATOM 1    N N   . PHE A 1 1   ? 15.33591  2.05659   -5.42710  1.000 126.78179 ? 78  PHE A N   1 
ATOM 2    C CA  . PHE A 1 1   ? 14.45481  1.05521   -4.84429  1.000 125.59527 ? 78  PHE A CA  1 
ATOM 3    C C   . PHE A 1 1   ? 13.97759  1.53855   -3.47554  1.000 137.22141 ? 78  PHE A C   1 
ATOM 4    O O   . PHE A 1 1   ? 14.69670  1.43435   -2.48120  1.000 130.74747 ? 78  PHE A O   1 
ATOM 5    C CB  . PHE A 1 1   ? 15.18460  -0.28747  -4.74025  1.000 133.41649 ? 78  PHE A CB  1 
ATOM 6    C CG  . PHE A 1 1   ? 14.33078  -1.41412  -4.23736  1.000 138.45438 ? 78  PHE A CG  1 
ATOM 7    C CD1 . PHE A 1 1   ? 13.44903  -2.05966  -5.08763  1.000 138.59784 ? 78  PHE A CD1 1 
ATOM 8    C CD2 . PHE A 1 1   ? 14.43226  -1.85038  -2.92743  1.000 137.37478 ? 78  PHE A CD2 1 
ATOM 9    C CE1 . PHE A 1 1   ? 12.66780  -3.10289  -4.63652  1.000 132.44885 ? 78  PHE A CE1 1 
ATOM 10   C CE2 . PHE A 1 1   ? 13.65483  -2.89510  -2.47071  1.000 144.32865 ? 78  PHE A CE2 1 
ATOM 11   C CZ  . PHE A 1 1   ? 12.77259  -3.52265  -3.32749  1.000 138.91078 ? 78  PHE A CZ  1 
ATOM 12   N N   . LEU A 1 2   ? 12.75770  2.07034   -3.43562  1.000 137.80214 ? 79  LEU A N   1 
ATOM 13   C CA  . LEU A 1 2   ? 12.19408  2.62885   -2.21671  1.000 125.45039 ? 79  LEU A CA  1 
ATOM 14   C C   . LEU A 1 2   ? 11.71094  1.52065   -1.28203  1.000 129.88625 ? 79  LEU A C   1 
ATOM 15   O O   . LEU A 1 2   ? 11.66995  0.33818   -1.63793  1.000 132.76337 ? 79  LEU A O   1 
ATOM 16   C CB  . LEU A 1 2   ? 11.05288  3.58617   -2.55169  1.000 121.44420 ? 79  LEU A CB  1 
ATOM 17   C CG  . LEU A 1 2   ? 11.33168  4.54843   -3.70847  1.000 127.79665 ? 79  LEU A CG  1 
ATOM 18   C CD1 . LEU A 1 2   ? 10.11359  5.40254   -4.00122  1.000 118.50896 ? 79  LEU A CD1 1 
ATOM 19   C CD2 . LEU A 1 2   ? 12.54406  5.41821   -3.41551  1.000 131.70450 ? 79  LEU A CD2 1 
ATOM 20   N N   . LYS A 1 3   ? 11.36284  1.91234   -0.05353  1.000 122.65589 ? 80  LYS A N   1 
ATOM 21   C CA  . LYS A 1 3   ? 10.85590  0.92642   0.89234   1.000 120.14929 ? 80  LYS A CA  1 
ATOM 22   C C   . LYS A 1 3   ? 9.35104   0.71585   0.76632   1.000 120.15908 ? 80  LYS A C   1 
ATOM 23   O O   . LYS A 1 3   ? 8.87696   -0.42137  0.86141   1.000 124.62777 ? 80  LYS A O   1 
ATOM 24   C CB  . LYS A 1 3   ? 11.19300  1.36042   2.32086   1.000 116.61706 ? 80  LYS A CB  1 
ATOM 25   C CG  . LYS A 1 3   ? 12.45961  2.19745   2.42346   1.000 121.69344 ? 80  LYS A CG  1 
ATOM 26   C CD  . LYS A 1 3   ? 13.59187  1.45962   3.12124   1.000 129.42484 ? 80  LYS A CD  1 
ATOM 27   C CE  . LYS A 1 3   ? 13.32029  1.30880   4.60950   1.000 119.54081 ? 80  LYS A CE  1 
ATOM 28   N NZ  . LYS A 1 3   ? 14.47279  0.70273   5.33476   1.000 127.44617 ? 80  LYS A NZ  1 
ATOM 29   N N   . PHE A 1 4   ? 8.58706   1.78547   0.55042   1.000 112.63836 ? 81  PHE A N   1 
ATOM 30   C CA  . PHE A 1 4   ? 7.13551   1.69025   0.52651   1.000 110.11189 ? 81  PHE A CA  1 
ATOM 31   C C   . PHE A 1 4   ? 6.54958   2.64244   -0.50617  1.000 109.13028 ? 81  PHE A C   1 
ATOM 32   O O   . PHE A 1 4   ? 7.08689   3.72609   -0.74754  1.000 106.08660 ? 81  PHE A O   1 
ATOM 33   C CB  . PHE A 1 4   ? 6.53885   1.95313   1.92468   1.000 109.34412 ? 81  PHE A CB  1 
ATOM 34   C CG  . PHE A 1 4   ? 6.56141   3.39891   2.35235   1.000 99.10825  ? 81  PHE A CG  1 
ATOM 35   C CD1 . PHE A 1 4   ? 5.54393   4.26908   1.98840   1.000 98.45295  ? 81  PHE A CD1 1 
ATOM 36   C CD2 . PHE A 1 4   ? 7.59287   3.88001   3.14311   1.000 104.02716 ? 81  PHE A CD2 1 
ATOM 37   C CE1 . PHE A 1 4   ? 5.56626   5.59268   2.38779   1.000 107.21427 ? 81  PHE A CE1 1 
ATOM 38   C CE2 . PHE A 1 4   ? 7.61726   5.20135   3.54883   1.000 100.75751 ? 81  PHE A CE2 1 
ATOM 39   C CZ  . PHE A 1 4   ? 6.60442   6.05765   3.17166   1.000 104.85685 ? 81  PHE A CZ  1 
ATOM 40   N N   . VAL A 1 5   ? 5.45416   2.21368   -1.13140  1.000 109.57795 ? 82  VAL A N   1 
ATOM 41   C CA  . VAL A 1 5   ? 4.67444   3.04947   -2.03811  1.000 106.01933 ? 82  VAL A CA  1 
ATOM 42   C C   . VAL A 1 5   ? 3.22278   2.96011   -1.58672  1.000 99.42993  ? 82  VAL A C   1 
ATOM 43   O O   . VAL A 1 5   ? 2.68926   1.85816   -1.41835  1.000 106.82479 ? 82  VAL A O   1 
ATOM 44   C CB  . VAL A 1 5   ? 4.82617   2.63920   -3.51824  1.000 104.49074 ? 82  VAL A CB  1 
ATOM 45   C CG1 . VAL A 1 5   ? 4.54316   1.16101   -3.71484  1.000 102.32966 ? 82  VAL A CG1 1 
ATOM 46   C CG2 . VAL A 1 5   ? 3.90823   3.47889   -4.39607  1.000 91.60580  ? 82  VAL A CG2 1 
ATOM 47   N N   . ILE A 1 6   ? 2.59834   4.10517   -1.34287  1.000 96.58830  ? 83  ILE A N   1 
ATOM 48   C CA  . ILE A 1 6   ? 1.23994   4.14146   -0.81661  1.000 100.07402 ? 83  ILE A CA  1 
ATOM 49   C C   . ILE A 1 6   ? 0.27225   4.33220   -1.97702  1.000 96.50625  ? 83  ILE A C   1 
ATOM 50   O O   . ILE A 1 6   ? 0.18535   5.42209   -2.55247  1.000 92.64874  ? 83  ILE A O   1 
ATOM 51   C CB  . ILE A 1 6   ? 1.07477   5.25139   0.23046   1.000 96.50760  ? 83  ILE A CB  1 
ATOM 52   C CG1 . ILE A 1 6   ? 2.09889   5.08421   1.35243   1.000 95.65455  ? 83  ILE A CG1 1 
ATOM 53   C CG2 . ILE A 1 6   ? -0.33876  5.25504   0.78803   1.000 80.76273  ? 83  ILE A CG2 1 
ATOM 54   C CD1 . ILE A 1 6   ? 1.93628   6.08448   2.47219   1.000 96.23022  ? 83  ILE A CD1 1 
ATOM 55   N N   . LEU A 1 7   ? -0.45284  3.27247   -2.32697  1.000 89.70666  ? 84  LEU A N   1 
ATOM 56   C CA  . LEU A 1 7   ? -1.46966  3.35913   -3.36457  1.000 94.81420  ? 84  LEU A CA  1 
ATOM 57   C C   . LEU A 1 7   ? -2.69444  4.03315   -2.75789  1.000 87.68265  ? 84  LEU A C   1 
ATOM 58   O O   . LEU A 1 7   ? -3.14895  3.64196   -1.67882  1.000 89.24711  ? 84  LEU A O   1 
ATOM 59   C CB  . LEU A 1 7   ? -1.80843  1.97004   -3.90324  1.000 98.66150  ? 84  LEU A CB  1 
ATOM 60   C CG  . LEU A 1 7   ? -2.48597  1.91135   -5.27009  1.000 98.74005  ? 84  LEU A CG  1 
ATOM 61   C CD1 . LEU A 1 7   ? -1.74732  2.78823   -6.26807  1.000 95.31050  ? 84  LEU A CD1 1 
ATOM 62   C CD2 . LEU A 1 7   ? -2.55040  0.47683   -5.76330  1.000 86.54160  ? 84  LEU A CD2 1 
ATOM 63   N N   . HIS A 1 8   ? -3.23582  5.03695   -3.44171  1.000 85.49823  ? 85  HIS A N   1 
ATOM 64   C CA  . HIS A 1 8   ? -4.31010  5.80718   -2.83372  1.000 83.94143  ? 85  HIS A CA  1 
ATOM 65   C C   . HIS A 1 8   ? -5.17593  6.45894   -3.89819  1.000 97.86150  ? 85  HIS A C   1 
ATOM 66   O O   . HIS A 1 8   ? -4.65962  6.97644   -4.89180  1.000 112.32912 ? 85  HIS A O   1 
ATOM 67   C CB  . HIS A 1 8   ? -3.74213  6.89384   -1.91599  1.000 97.91415  ? 85  HIS A CB  1 
ATOM 68   C CG  . HIS A 1 8   ? -2.93540  7.92096   -2.64452  1.000 100.44784 ? 85  HIS A CG  1 
ATOM 69   N ND1 . HIS A 1 8   ? -3.49187  9.06867   -3.16579  1.000 101.21615 ? 85  HIS A ND1 1 
ATOM 70   C CD2 . HIS A 1 8   ? -1.62113  7.96060   -2.96421  1.000 97.16363  ? 85  HIS A CD2 1 
ATOM 71   C CE1 . HIS A 1 8   ? -2.55161  9.77836   -3.76228  1.000 103.74483 ? 85  HIS A CE1 1 
ATOM 72   N NE2 . HIS A 1 8   ? -1.40711  9.12855   -3.65363  1.000 108.85610 ? 85  HIS A NE2 1 
ATOM 73   N N   . ALA A 1 9   ? -6.49031  6.39017   -3.70152  1.000 101.29535 ? 86  ALA A N   1 
ATOM 74   C CA  . ALA A 1 9   ? -7.40954  7.09460   -4.58088  1.000 99.69605  ? 86  ALA A CA  1 
ATOM 75   C C   . ALA A 1 9   ? -7.09721  8.58795   -4.55573  1.000 101.79198 ? 86  ALA A C   1 
ATOM 76   O O   . ALA A 1 9   ? -6.59596  9.12158   -3.56188  1.000 92.08658  ? 86  ALA A O   1 
ATOM 77   C CB  . ALA A 1 9   ? -8.85672  6.84468   -4.15480  1.000 95.92975  ? 86  ALA A CB  1 
ATOM 78   N N   . GLU A 1 10  ? -7.38345  9.25921   -5.67531  1.000 113.36065 ? 87  GLU A N   1 
ATOM 79   C CA  . GLU A 1 10  ? -7.00230  10.66229  -5.83894  1.000 119.01309 ? 87  GLU A CA  1 
ATOM 80   C C   . GLU A 1 10  ? -7.52008  11.54449  -4.70488  1.000 117.94941 ? 87  GLU A C   1 
ATOM 81   O O   . GLU A 1 10  ? -6.79664  12.41302  -4.20296  1.000 113.21798 ? 87  GLU A O   1 
ATOM 82   C CB  . GLU A 1 10  ? -7.50676  11.18171  -7.18778  1.000 128.47592 ? 87  GLU A CB  1 
ATOM 83   C CG  . GLU A 1 10  ? -7.12567  12.62738  -7.50013  1.000 139.85123 ? 87  GLU A CG  1 
ATOM 84   C CD  . GLU A 1 10  ? -5.63915  12.81432  -7.77097  1.000 156.89883 ? 87  GLU A CD  1 
ATOM 85   O OE1 . GLU A 1 10  ? -4.89542  11.81018  -7.79728  1.000 149.28072 ? 87  GLU A OE1 1 
ATOM 86   O OE2 . GLU A 1 10  ? -5.21247  13.97277  -7.96119  1.000 165.79478 ? 87  GLU A OE2 1 
ATOM 87   N N   . ASP A 1 11  ? -8.77242  11.33895  -4.29166  1.000 107.15761 ? 88  ASP A N   1 
ATOM 88   C CA  . ASP A 1 11  ? -9.38000  12.11647  -3.21497  1.000 109.88042 ? 88  ASP A CA  1 
ATOM 89   C C   . ASP A 1 11  ? -8.76606  11.86452  -1.84078  1.000 107.71990 ? 88  ASP A C   1 
ATOM 90   O O   . ASP A 1 11  ? -9.03166  12.64365  -0.91937  1.000 116.36840 ? 88  ASP A O   1 
ATOM 91   C CB  . ASP A 1 11  ? -10.88487 11.84520  -3.16758  1.000 121.69747 ? 88  ASP A CB  1 
ATOM 92   C CG  . ASP A 1 11  ? -11.61880 12.44313  -4.35267  1.000 138.08054 ? 88  ASP A CG  1 
ATOM 93   O OD1 . ASP A 1 11  ? -11.03011 13.30253  -5.04375  1.000 148.42699 ? 88  ASP A OD1 1 
ATOM 94   O OD2 . ASP A 1 11  ? -12.78144 12.05708  -4.59444  1.000 147.66996 ? 88  ASP A OD2 1 
ATOM 95   N N   . ASP A 1 12  ? -7.96814  10.81267  -1.67051  1.000 106.85725 ? 89  ASP A N   1 
ATOM 96   C CA  . ASP A 1 12  ? -7.31718  10.52467  -0.39805  1.000 103.11655 ? 89  ASP A CA  1 
ATOM 97   C C   . ASP A 1 12  ? -5.85856  10.96445  -0.36312  1.000 111.04423 ? 89  ASP A C   1 
ATOM 98   O O   . ASP A 1 12  ? -5.11574  10.54333  0.53013   1.000 110.28638 ? 89  ASP A O   1 
ATOM 99   C CB  . ASP A 1 12  ? -7.41676  9.03176   -0.08274  1.000 95.55422  ? 89  ASP A CB  1 
ATOM 100  C CG  . ASP A 1 12  ? -8.84897  8.54566   -0.02254  1.000 105.74216 ? 89  ASP A CG  1 
ATOM 101  O OD1 . ASP A 1 12  ? -9.75842  9.38810   0.13003   1.000 108.67402 ? 89  ASP A OD1 1 
ATOM 102  O OD2 . ASP A 1 12  ? -9.06493  7.32145   -0.13379  1.000 120.77735 ? 89  ASP A OD2 1 
ATOM 103  N N   . THR A 1 13  ? -5.43068  11.77929  -1.33014  1.000 112.15247 ? 90  THR A N   1 
ATOM 104  C CA  . THR A 1 13  ? -4.04163  12.22524  -1.39505  1.000 112.83232 ? 90  THR A CA  1 
ATOM 105  C C   . THR A 1 13  ? -3.58737  12.92081  -0.11252  1.000 112.75095 ? 90  THR A C   1 
ATOM 106  O O   . THR A 1 13  ? -2.41564  12.80900  0.26697   1.000 103.97578 ? 90  THR A O   1 
ATOM 107  C CB  . THR A 1 13  ? -3.84515  13.13873  -2.60885  1.000 116.09211 ? 90  THR A CB  1 
ATOM 108  O OG1 . THR A 1 13  ? -2.46126  13.49166  -2.72706  1.000 141.85944 ? 90  THR A OG1 1 
ATOM 109  C CG2 . THR A 1 13  ? -4.69334  14.40187  -2.49357  1.000 130.56040 ? 90  THR A CG2 1 
ATOM 110  N N   . ASP A 1 14  ? -4.48379  13.64776  0.56208   1.000 119.44466 ? 91  ASP A N   1 
ATOM 111  C CA  . ASP A 1 14  ? -4.12513  14.25777  1.84073   1.000 112.33936 ? 91  ASP A CA  1 
ATOM 112  C C   . ASP A 1 14  ? -3.83492  13.20876  2.90778   1.000 109.70968 ? 91  ASP A C   1 
ATOM 113  O O   . ASP A 1 14  ? -2.89439  13.36386  3.69544   1.000 111.98415 ? 91  ASP A O   1 
ATOM 114  C CB  . ASP A 1 14  ? -5.24056  15.19409  2.30788   1.000 112.70543 ? 91  ASP A CB  1 
ATOM 115  C CG  . ASP A 1 14  ? -5.35178  16.43991  1.45407   1.000 124.97055 ? 91  ASP A CG  1 
ATOM 116  O OD1 . ASP A 1 14  ? -4.41661  16.71082  0.67130   1.000 125.90625 ? 91  ASP A OD1 1 
ATOM 117  O OD2 . ASP A 1 14  ? -6.37184  17.15097  1.56892   1.000 133.59000 ? 91  ASP A OD2 1 
ATOM 118  N N   . GLU A 1 15  ? -4.61979  12.13018  2.94447   1.000 107.76282 ? 92  GLU A N   1 
ATOM 119  C CA  . GLU A 1 15  ? -4.32732  11.03789  3.86822   1.000 105.08531 ? 92  GLU A CA  1 
ATOM 120  C C   . GLU A 1 15  ? -3.05224  10.29786  3.48301   1.000 104.21493 ? 92  GLU A C   1 
ATOM 121  O O   . GLU A 1 15  ? -2.27739  9.89379   4.35753   1.000 111.20645 ? 92  GLU A O   1 
ATOM 122  C CB  . GLU A 1 15  ? -5.50923  10.07122  3.93075   1.000 103.20444 ? 92  GLU A CB  1 
ATOM 123  C CG  . GLU A 1 15  ? -6.56747  10.45871  4.94898   1.000 114.53406 ? 92  GLU A CG  1 
ATOM 124  C CD  . GLU A 1 15  ? -6.06709  10.34004  6.37681   1.000 116.23066 ? 92  GLU A CD  1 
ATOM 125  O OE1 . GLU A 1 15  ? -5.63475  9.23544   6.76774   1.000 106.31072 ? 92  GLU A OE1 1 
ATOM 126  O OE2 . GLU A 1 15  ? -6.10459  11.35207  7.10893   1.000 131.36952 ? 92  GLU A OE2 1 
ATOM 127  N N   . ALA A 1 16  ? -2.81886  10.10706  2.18319   1.000 101.94847 ? 93  ALA A N   1 
ATOM 128  C CA  . ALA A 1 16  ? -1.58646  9.46401   1.73765   1.000 103.34661 ? 93  ALA A CA  1 
ATOM 129  C C   . ALA A 1 16  ? -0.34977  10.24397  2.17039   1.000 106.25744 ? 93  ALA A C   1 
ATOM 130  O O   . ALA A 1 16  ? 0.64605   9.65105   2.60266   1.000 101.87169 ? 93  ALA A O   1 
ATOM 131  C CB  . ALA A 1 16  ? -1.60727  9.29908   0.21924   1.000 99.37572  ? 93  ALA A CB  1 
ATOM 132  N N   . LEU A 1 17  ? -0.38920  11.57297  2.05377   1.000 106.47761 ? 94  LEU A N   1 
ATOM 133  C CA  . LEU A 1 17  ? 0.69166   12.39929  2.58486   1.000 105.06668 ? 94  LEU A CA  1 
ATOM 134  C C   . LEU A 1 17  ? 0.85399   12.22046  4.08989   1.000 105.30730 ? 94  LEU A C   1 
ATOM 135  O O   . LEU A 1 17  ? 1.97952   12.10584  4.59060   1.000 105.55897 ? 94  LEU A O   1 
ATOM 136  C CB  . LEU A 1 17  ? 0.43922   13.86872  2.24698   1.000 116.67384 ? 94  LEU A CB  1 
ATOM 137  C CG  . LEU A 1 17  ? 0.66333   14.28836  0.79350   1.000 105.74266 ? 94  LEU A CG  1 
ATOM 138  C CD1 . LEU A 1 17  ? 0.11907   15.68785  0.54736   1.000 122.32429 ? 94  LEU A CD1 1 
ATOM 139  C CD2 . LEU A 1 17  ? 2.13813   14.21139  0.43313   1.000 114.34268 ? 94  LEU A CD2 1 
ATOM 140  N N   . ARG A 1 18  ? -0.25831  12.21119  4.82904   1.000 103.18376 ? 95  ARG A N   1 
ATOM 141  C CA  . ARG A 1 18  ? -0.18740  12.06547  6.28064   1.000 99.51130  ? 95  ARG A CA  1 
ATOM 142  C C   . ARG A 1 18  ? 0.42213   10.73037  6.69565   1.000 100.12966 ? 95  ARG A C   1 
ATOM 143  O O   . ARG A 1 18  ? 1.25492   10.67964  7.60862   1.000 101.24263 ? 95  ARG A O   1 
ATOM 144  C CB  . ARG A 1 18  ? -1.58081  12.21861  6.88923   1.000 89.85956  ? 95  ARG A CB  1 
ATOM 145  C CG  . ARG A 1 18  ? -1.57269  12.41964  8.39462   1.000 108.82318 ? 95  ARG A CG  1 
ATOM 146  C CD  . ARG A 1 18  ? -2.98003  12.37913  8.97045   1.000 106.30054 ? 95  ARG A CD  1 
ATOM 147  N NE  . ARG A 1 18  ? -3.61599  11.08469  8.75430   1.000 106.54949 ? 95  ARG A NE  1 
ATOM 148  C CZ  . ARG A 1 18  ? -3.27320  9.96377   9.37549   1.000 104.23872 ? 95  ARG A CZ  1 
ATOM 149  N NH1 . ARG A 1 18  ? -2.37664  9.95729   10.34867  1.000 93.37106  ? 95  ARG A NH1 1 
ATOM 150  N NH2 . ARG A 1 18  ? -3.86947  8.82520   9.03431   1.000 110.39532 ? 95  ARG A NH2 1 
ATOM 151  N N   . VAL A 1 19  ? 0.03012   9.64014   6.03356   1.000 98.85250  ? 96  VAL A N   1 
ATOM 152  C CA  . VAL A 1 19  ? 0.61404   8.33857   6.34422   1.000 98.74741  ? 96  VAL A CA  1 
ATOM 153  C C   . VAL A 1 19  ? 2.08007   8.28720   5.92990   1.000 101.97970 ? 96  VAL A C   1 
ATOM 154  O O   . VAL A 1 19  ? 2.91233   7.68802   6.62352   1.000 99.34555  ? 96  VAL A O   1 
ATOM 155  C CB  . VAL A 1 19  ? -0.20800  7.21625   5.68155   1.000 100.39854 ? 96  VAL A CB  1 
ATOM 156  C CG1 . VAL A 1 19  ? 0.43870   5.85760   5.92161   1.000 74.54125  ? 96  VAL A CG1 1 
ATOM 157  C CG2 . VAL A 1 19  ? -1.63781  7.22813   6.20171   1.000 94.80625  ? 96  VAL A CG2 1 
ATOM 158  N N   . GLN A 1 20  ? 2.42338   8.91252   4.80044   1.000 102.90677 ? 97  GLN A N   1 
ATOM 159  C CA  . GLN A 1 20  ? 3.82736   9.01374   4.41025   1.000 105.22499 ? 97  GLN A CA  1 
ATOM 160  C C   . GLN A 1 20  ? 4.64878   9.74445   5.46585   1.000 103.51240 ? 97  GLN A C   1 
ATOM 161  O O   . GLN A 1 20  ? 5.71595   9.27242   5.87509   1.000 97.05096  ? 97  GLN A O   1 
ATOM 162  C CB  . GLN A 1 20  ? 3.94821   9.72395   3.06181   1.000 102.07921 ? 97  GLN A CB  1 
ATOM 163  C CG  . GLN A 1 20  ? 5.38651   9.95060   2.62153   1.000 105.70484 ? 97  GLN A CG  1 
ATOM 164  C CD  . GLN A 1 20  ? 5.49014   10.54712  1.23312   1.000 109.04113 ? 97  GLN A CD  1 
ATOM 165  O OE1 . GLN A 1 20  ? 5.91065   9.88172   0.29000   1.000 106.43281 ? 97  GLN A OE1 1 
ATOM 166  N NE2 . GLN A 1 20  ? 5.10060   11.81001  1.10028   1.000 118.74119 ? 97  GLN A NE2 1 
ATOM 167  N N   . ASN A 1 21  ? 4.15956   10.89819  5.92608   1.000 98.77724  ? 98  ASN A N   1 
ATOM 168  C CA  . ASN A 1 21  ? 4.84541   11.62337  6.99101   1.000 104.82173 ? 98  ASN A CA  1 
ATOM 169  C C   . ASN A 1 21  ? 4.92408   10.79942  8.26972   1.000 111.07431 ? 98  ASN A C   1 
ATOM 170  O O   . ASN A 1 21  ? 5.95422   10.80101  8.95279   1.000 116.96469 ? 98  ASN A O   1 
ATOM 171  C CB  . ASN A 1 21  ? 4.14344   12.95598  7.25150   1.000 108.38318 ? 98  ASN A CB  1 
ATOM 172  C CG  . ASN A 1 21  ? 4.23065   13.90110  6.06862   1.000 120.10826 ? 98  ASN A CG  1 
ATOM 173  O OD1 . ASN A 1 21  ? 5.09828   13.75636  5.20655   1.000 124.17673 ? 98  ASN A OD1 1 
ATOM 174  N ND2 . ASN A 1 21  ? 3.32250   14.86984  6.01597   1.000 105.57206 ? 98  ASN A ND2 1 
ATOM 175  N N   . LEU A 1 22  ? 3.84862   10.08339  8.60627   1.000 107.74623 ? 99  LEU A N   1 
ATOM 176  C CA  . LEU A 1 22  ? 3.87166   9.21080   9.77695   1.000 101.35625 ? 99  LEU A CA  1 
ATOM 177  C C   . LEU A 1 22  ? 4.96718   8.15553   9.66691   1.000 101.62700 ? 99  LEU A C   1 
ATOM 178  O O   . LEU A 1 22  ? 5.79413   8.00586   10.57330  1.000 108.58909 ? 99  LEU A O   1 
ATOM 179  C CB  . LEU A 1 22  ? 2.50374   8.55506   9.96534   1.000 105.52303 ? 99  LEU A CB  1 
ATOM 180  C CG  . LEU A 1 22  ? 2.37976   7.59184   11.14880  1.000 109.58139 ? 99  LEU A CG  1 
ATOM 181  C CD1 . LEU A 1 22  ? 2.37710   8.35859   12.46246  1.000 103.56330 ? 99  LEU A CD1 1 
ATOM 182  C CD2 . LEU A 1 22  ? 1.12720   6.73703   11.02149  1.000 96.20991  ? 99  LEU A CD2 1 
ATOM 183  N N   . LEU A 1 23  ? 4.98770   7.41162   8.55998   1.000 98.62512  ? 100 LEU A N   1 
ATOM 184  C CA  . LEU A 1 23  ? 6.00048   6.37506   8.37989   1.000 106.28100 ? 100 LEU A CA  1 
ATOM 185  C C   . LEU A 1 23  ? 7.40680   6.95895   8.30553   1.000 113.21762 ? 100 LEU A C   1 
ATOM 186  O O   . LEU A 1 23  ? 8.33867   6.43176   8.92531   1.000 113.76776 ? 100 LEU A O   1 
ATOM 187  C CB  . LEU A 1 23  ? 5.69942   5.57002   7.11696   1.000 107.11659 ? 100 LEU A CB  1 
ATOM 188  C CG  . LEU A 1 23  ? 4.41444   4.74866   7.11514   1.000 101.33115 ? 100 LEU A CG  1 
ATOM 189  C CD1 . LEU A 1 23  ? 4.16619   4.20393   5.72670   1.000 101.82021 ? 100 LEU A CD1 1 
ATOM 190  C CD2 . LEU A 1 23  ? 4.50231   3.61841   8.12721   1.000 97.13911  ? 100 LEU A CD2 1 
ATOM 191  N N   . GLN A 1 24  ? 7.58192   8.04170   7.54492   1.000 118.57677 ? 101 GLN A N   1 
ATOM 192  C CA  . GLN A 1 24  ? 8.90975   8.62514   7.37226   1.000 121.10293 ? 101 GLN A CA  1 
ATOM 193  C C   . GLN A 1 24  ? 9.40426   9.30418   8.64581   1.000 112.43110 ? 101 GLN A C   1 
ATOM 194  O O   . GLN A 1 24  ? 10.55754  9.11559   9.04967   1.000 113.77058 ? 101 GLN A O   1 
ATOM 195  C CB  . GLN A 1 24  ? 8.90172   9.60279   6.19621   1.000 111.36309 ? 101 GLN A CB  1 
ATOM 196  C CG  . GLN A 1 24  ? 8.74615   8.91197   4.84988   1.000 104.21619 ? 101 GLN A CG  1 
ATOM 197  C CD  . GLN A 1 24  ? 9.07384   9.81378   3.67915   1.000 106.25939 ? 101 GLN A CD  1 
ATOM 198  O OE1 . GLN A 1 24  ? 9.63736   9.36786   2.67949   1.000 118.09729 ? 101 GLN A OE1 1 
ATOM 199  N NE2 . GLN A 1 24  ? 8.71960   11.08886  3.79342   1.000 99.67869  ? 101 GLN A NE2 1 
ATOM 200  N N   . ASP A 1 25  ? 8.55334   10.09834  9.29451   1.000 105.45423 ? 102 ASP A N   1 
ATOM 201  C CA  . ASP A 1 25  ? 9.02376   10.91976  10.40420  1.000 110.75139 ? 102 ASP A CA  1 
ATOM 202  C C   . ASP A 1 25  ? 8.92723   10.19982  11.74536  1.000 115.89476 ? 102 ASP A C   1 
ATOM 203  O O   . ASP A 1 25  ? 9.90048   10.17160  12.50486  1.000 117.03197 ? 102 ASP A O   1 
ATOM 204  C CB  . ASP A 1 25  ? 8.23918   12.23437  10.46495  1.000 110.82333 ? 102 ASP A CB  1 
ATOM 205  C CG  . ASP A 1 25  ? 8.34019   13.03355  9.18208   1.000 126.24264 ? 102 ASP A CG  1 
ATOM 206  O OD1 . ASP A 1 25  ? 9.21274   12.71321  8.34796   1.000 124.44054 ? 102 ASP A OD1 1 
ATOM 207  O OD2 . ASP A 1 25  ? 7.54453   13.98109  9.00796   1.000 135.45496 ? 102 ASP A OD2 1 
ATOM 208  N N   . ASP A 1 26  ? 7.77081   9.61244   12.05563  1.000 111.58608 ? 103 ASP A N   1 
ATOM 209  C CA  . ASP A 1 26  ? 7.60407   9.00766   13.37152  1.000 103.66041 ? 103 ASP A CA  1 
ATOM 210  C C   . ASP A 1 26  ? 8.27026   7.64195   13.48179  1.000 107.07097 ? 103 ASP A C   1 
ATOM 211  O O   . ASP A 1 26  ? 8.73531   7.27591   14.56664  1.000 114.75038 ? 103 ASP A O   1 
ATOM 212  C CB  . ASP A 1 26  ? 6.11682   8.88039   13.70417  1.000 98.50505  ? 103 ASP A CB  1 
ATOM 213  C CG  . ASP A 1 26  ? 5.45458   10.22284  13.93282  1.000 111.98048 ? 103 ASP A CG  1 
ATOM 214  O OD1 . ASP A 1 26  ? 6.09321   11.25736  13.64939  1.000 115.05794 ? 103 ASP A OD1 1 
ATOM 215  O OD2 . ASP A 1 26  ? 4.30080   10.24328  14.41248  1.000 116.72261 ? 103 ASP A OD2 1 
ATOM 216  N N   . PHE A 1 27  ? 8.32718   6.87817   12.39142  1.000 102.61081 ? 104 PHE A N   1 
ATOM 217  C CA  . PHE A 1 27  ? 8.92377   5.54875   12.40604  1.000 101.68736 ? 104 PHE A CA  1 
ATOM 218  C C   . PHE A 1 27  ? 10.24221  5.45431   11.64779  1.000 111.22538 ? 104 PHE A C   1 
ATOM 219  O O   . PHE A 1 27  ? 10.87359  4.39222   11.66802  1.000 115.83895 ? 104 PHE A O   1 
ATOM 220  C CB  . PHE A 1 27  ? 7.92192   4.52039   11.86791  1.000 106.61169 ? 104 PHE A CB  1 
ATOM 221  C CG  . PHE A 1 27  ? 6.70934   4.35346   12.74182  1.000 98.76481  ? 104 PHE A CG  1 
ATOM 222  C CD1 . PHE A 1 27  ? 6.78833   3.63236   13.92341  1.000 96.88917  ? 104 PHE A CD1 1 
ATOM 223  C CD2 . PHE A 1 27  ? 5.50080   4.93433   12.39779  1.000 97.26600  ? 104 PHE A CD2 1 
ATOM 224  C CE1 . PHE A 1 27  ? 5.68104   3.48167   14.73786  1.000 100.70476 ? 104 PHE A CE1 1 
ATOM 225  C CE2 . PHE A 1 27  ? 4.38989   4.78785   13.20826  1.000 98.88592  ? 104 PHE A CE2 1 
ATOM 226  C CZ  . PHE A 1 27  ? 4.48108   4.06002   14.38035  1.000 97.90360  ? 104 PHE A CZ  1 
ATOM 227  N N   . GLY A 1 28  ? 10.67892  6.52384   10.98608  1.000 112.97568 ? 105 GLY A N   1 
ATOM 228  C CA  . GLY A 1 28  ? 11.97346  6.50089   10.33223  1.000 111.78415 ? 105 GLY A CA  1 
ATOM 229  C C   . GLY A 1 28  ? 12.07327  5.60677   9.11664   1.000 118.58426 ? 105 GLY A C   1 
ATOM 230  O O   . GLY A 1 28  ? 13.18088  5.21876   8.73590   1.000 121.62193 ? 105 GLY A O   1 
ATOM 231  N N   . ILE A 1 29  ? 10.94778  5.26113   8.49605   1.000 125.21427 ? 106 ILE A N   1 
ATOM 232  C CA  . ILE A 1 29  ? 10.93127  4.38799   7.32607   1.000 124.05859 ? 106 ILE A CA  1 
ATOM 233  C C   . ILE A 1 29  ? 11.10889  5.27672   6.09846   1.000 118.98761 ? 106 ILE A C   1 
ATOM 234  O O   . ILE A 1 29  ? 10.14839  5.86870   5.60188   1.000 118.11296 ? 106 ILE A O   1 
ATOM 235  C CB  . ILE A 1 29  ? 9.64454   3.56490   7.24982   1.000 117.07123 ? 106 ILE A CB  1 
ATOM 236  C CG1 . ILE A 1 29  ? 9.47122   2.73279   8.51977   1.000 119.19711 ? 106 ILE A CG1 1 
ATOM 237  C CG2 . ILE A 1 29  ? 9.66245   2.66119   6.02691   1.000 112.68869 ? 106 ILE A CG2 1 
ATOM 238  C CD1 . ILE A 1 29  ? 8.05912   2.25539   8.73881   1.000 124.13961 ? 106 ILE A CD1 1 
ATOM 239  N N   . LYS A 1 30  ? 12.34425  5.38380   5.61403   1.000 119.65781 ? 107 LYS A N   1 
ATOM 240  C CA  . LYS A 1 30  ? 12.61804  6.16158   4.41766   1.000 115.16312 ? 107 LYS A CA  1 
ATOM 241  C C   . LYS A 1 30  ? 13.52013  5.39222   3.46433   1.000 120.22125 ? 107 LYS A C   1 
ATOM 242  O O   . LYS A 1 30  ? 14.32658  4.56065   3.89342   1.000 125.44473 ? 107 LYS A O   1 
ATOM 243  C CB  . LYS A 1 30  ? 13.27950  7.49965   4.78027   1.000 116.49236 ? 107 LYS A CB  1 
ATOM 244  C CG  . LYS A 1 30  ? 12.32974  8.51453   5.39789   1.000 127.15960 ? 107 LYS A CG  1 
ATOM 245  C CD  . LYS A 1 30  ? 13.07668  9.70463   5.98086   1.000 122.51737 ? 107 LYS A CD  1 
ATOM 246  C CE  . LYS A 1 30  ? 13.81680  9.32535   7.25007   1.000 119.06896 ? 107 LYS A CE  1 
ATOM 247  N NZ  . LYS A 1 30  ? 14.29659  10.52470  7.99013   1.000 125.31724 ? 107 LYS A NZ  1 
ATOM 248  N N   . PRO A 1 31  ? 13.40171  5.65303   2.15523   1.000 114.93327 ? 108 PRO A N   1 
ATOM 249  C CA  . PRO A 1 31  ? 12.52916  6.65178   1.52798   1.000 114.41189 ? 108 PRO A CA  1 
ATOM 250  C C   . PRO A 1 31  ? 11.18300  6.08951   1.07839   1.000 119.46417 ? 108 PRO A C   1 
ATOM 251  O O   . PRO A 1 31  ? 11.02628  4.88956   0.87070   1.000 112.30952 ? 108 PRO A O   1 
ATOM 252  C CB  . PRO A 1 31  ? 13.39163  7.11113   0.35303   1.000 96.84191  ? 108 PRO A CB  1 
ATOM 253  C CG  . PRO A 1 31  ? 14.01192  5.81420   -0.12294  1.000 104.16311 ? 108 PRO A CG  1 
ATOM 254  C CD  . PRO A 1 31  ? 14.27095  5.00911   1.14964   1.000 107.43659 ? 108 PRO A CD  1 
ATOM 255  N N   . GLY A 1 32  ? 10.19633  6.95908   0.92354   1.000 111.07520 ? 109 GLY A N   1 
ATOM 256  C CA  . GLY A 1 32  ? 8.85578   6.53401   0.56104   1.000 105.79153 ? 109 GLY A CA  1 
ATOM 257  C C   . GLY A 1 32  ? 8.18503   7.55646   -0.32390  1.000 116.21791 ? 109 GLY A C   1 
ATOM 258  O O   . GLY A 1 32  ? 8.52058   8.74453   -0.29155  1.000 124.10768 ? 109 GLY A O   1 
ATOM 259  N N   . ILE A 1 33  ? 7.22189   7.09243   -1.12224  1.000 109.73116 ? 110 ILE A N   1 
ATOM 260  C CA  . ILE A 1 33  ? 6.54688   7.94738   -2.08895  1.000 110.89357 ? 110 ILE A CA  1 
ATOM 261  C C   . ILE A 1 33  ? 5.06727   7.58649   -2.09214  1.000 112.20282 ? 110 ILE A C   1 
ATOM 262  O O   . ILE A 1 33  ? 4.66725   6.50329   -1.66046  1.000 112.73292 ? 110 ILE A O   1 
ATOM 263  C CB  . ILE A 1 33  ? 7.14588   7.80691   -3.50976  1.000 120.94233 ? 110 ILE A CB  1 
ATOM 264  C CG1 . ILE A 1 33  ? 6.74175   8.98649   -4.39871  1.000 130.39983 ? 110 ILE A CG1 1 
ATOM 265  C CG2 . ILE A 1 33  ? 6.71269   6.49395   -4.14587  1.000 116.73063 ? 110 ILE A CG2 1 
ATOM 266  C CD1 . ILE A 1 33  ? 7.14130   8.82529   -5.85049  1.000 142.99705 ? 110 ILE A CD1 1 
ATOM 267  N N   . ILE A 1 34  ? 4.24873   8.52312   -2.56631  1.000 111.94466 ? 111 ILE A N   1 
ATOM 268  C CA  . ILE A 1 34  ? 2.81713   8.31267   -2.74429  1.000 106.72048 ? 111 ILE A CA  1 
ATOM 269  C C   . ILE A 1 34  ? 2.53391   8.22520   -4.23651  1.000 109.87047 ? 111 ILE A C   1 
ATOM 270  O O   . ILE A 1 34  ? 3.21570   8.86866   -5.04376  1.000 130.17543 ? 111 ILE A O   1 
ATOM 271  C CB  . ILE A 1 34  ? 1.97220   9.41326   -2.06607  1.000 103.48640 ? 111 ILE A CB  1 
ATOM 272  C CG1 . ILE A 1 34  ? 1.77294   10.61733  -2.98752  1.000 106.39382 ? 111 ILE A CG1 1 
ATOM 273  C CG2 . ILE A 1 34  ? 2.60590   9.83381   -0.75363  1.000 115.83562 ? 111 ILE A CG2 1 
ATOM 274  C CD1 . ILE A 1 34  ? 0.89641   11.69711  -2.38795  1.000 111.40268 ? 111 ILE A CD1 1 
ATOM 275  N N   . PHE A 1 35  ? 1.57490   7.36925   -4.60348  1.000 111.89960 ? 112 PHE A N   1 
ATOM 276  C CA  . PHE A 1 35  ? 1.24408   7.15012   -6.00952  1.000 109.25256 ? 112 PHE A CA  1 
ATOM 277  C C   . PHE A 1 35  ? 0.99876   8.45688   -6.75945  1.000 109.53533 ? 112 PHE A C   1 
ATOM 278  O O   . PHE A 1 35  ? 1.27615   8.54457   -7.96133  1.000 112.68594 ? 112 PHE A O   1 
ATOM 279  C CB  . PHE A 1 35  ? 0.02455   6.23192   -6.12344  1.000 98.53167  ? 112 PHE A CB  1 
ATOM 280  C CG  . PHE A 1 35  ? -0.25180  5.76494   -7.52257  1.000 101.96974 ? 112 PHE A CG  1 
ATOM 281  C CD1 . PHE A 1 35  ? 0.59097   4.85184   -8.13552  1.000 105.98521 ? 112 PHE A CD1 1 
ATOM 282  C CD2 . PHE A 1 35  ? -1.34742  6.23694   -8.22626  1.000 105.66184 ? 112 PHE A CD2 1 
ATOM 283  C CE1 . PHE A 1 35  ? 0.34651   4.41499   -9.42155  1.000 109.25486 ? 112 PHE A CE1 1 
ATOM 284  C CE2 . PHE A 1 35  ? -1.59855  5.80441   -9.51688  1.000 111.23595 ? 112 PHE A CE2 1 
ATOM 285  C CZ  . PHE A 1 35  ? -0.74961  4.89175   -10.11503 1.000 114.70385 ? 112 PHE A CZ  1 
ATOM 286  N N   . ALA A 1 36  ? 0.47424   9.48003   -6.07684  1.000 109.74712 ? 113 ALA A N   1 
ATOM 287  C CA  . ALA A 1 36  ? 0.25478   10.76203  -6.73764  1.000 115.13005 ? 113 ALA A CA  1 
ATOM 288  C C   . ALA A 1 36  ? 1.55556   11.46070  -7.11029  1.000 122.36976 ? 113 ALA A C   1 
ATOM 289  O O   . ALA A 1 36  ? 1.55083   12.29645  -8.02184  1.000 125.41437 ? 113 ALA A O   1 
ATOM 290  C CB  . ALA A 1 36  ? -0.58452  11.68005  -5.84709  1.000 105.71908 ? 113 ALA A CB  1 
ATOM 291  N N   . GLU A 1 37  ? 2.66308   11.14020  -6.44450  1.000 122.03661 ? 114 GLU A N   1 
ATOM 292  C CA  . GLU A 1 37  ? 3.92241   11.80614  -6.73395  1.000 126.12346 ? 114 GLU A CA  1 
ATOM 293  C C   . GLU A 1 37  ? 4.67137   11.11742  -7.86438  1.000 132.20172 ? 114 GLU A C   1 
ATOM 294  O O   . GLU A 1 37  ? 5.76638   11.55863  -8.23269  1.000 142.06951 ? 114 GLU A O   1 
ATOM 295  C CB  . GLU A 1 37  ? 4.80311   11.85976  -5.48100  1.000 125.31089 ? 114 GLU A CB  1 
ATOM 296  C CG  . GLU A 1 37  ? 4.31195   12.82487  -4.41689  1.000 126.51987 ? 114 GLU A CG  1 
ATOM 297  C CD  . GLU A 1 37  ? 5.15134   12.77233  -3.15685  1.000 145.16577 ? 114 GLU A CD  1 
ATOM 298  O OE1 . GLU A 1 37  ? 6.11210   11.97294  -3.11931  1.000 136.49200 ? 114 GLU A OE1 1 
ATOM 299  O OE2 . GLU A 1 37  ? 4.85365   13.52695  -2.20783  1.000 142.46432 ? 114 GLU A OE2 1 
ATOM 300  N N   . MET A 1 38  ? 4.09873   10.04868  -8.41250  1.000 130.00571 ? 115 MET A N   1 
ATOM 301  C CA  . MET A 1 38  ? 4.73926   9.25677   -9.43968  1.000 140.63865 ? 115 MET A CA  1 
ATOM 302  C C   . MET A 1 38  ? 4.74262   10.04012  -10.74768 1.000 141.67027 ? 115 MET A C   1 
ATOM 303  O O   . MET A 1 38  ? 3.98094   10.99896  -10.89795 1.000 140.43130 ? 115 MET A O   1 
ATOM 304  C CB  . MET A 1 38  ? 3.99782   7.93235   -9.61983  1.000 140.43977 ? 115 MET A CB  1 
ATOM 305  C CG  . MET A 1 38  ? 4.33345   6.87705   -8.58027  1.000 135.81752 ? 115 MET A CG  1 
ATOM 306  S SD  . MET A 1 38  ? 5.92546   6.09176   -8.87982  1.000 159.94974 ? 115 MET A SD  1 
ATOM 307  C CE  . MET A 1 38  ? 5.58714   5.22225   -10.40883 1.000 138.67202 ? 115 MET A CE  1 
ATOM 308  N N   . PRO A 1 39  ? 5.65112   9.70343   -11.68480 1.000 145.81286 ? 116 PRO A N   1 
ATOM 309  C CA  . PRO A 1 39  ? 5.62094   10.35470  -13.00241 1.000 149.38281 ? 116 PRO A CA  1 
ATOM 310  C C   . PRO A 1 39  ? 4.19959   10.45237  -13.53259 1.000 153.35750 ? 116 PRO A C   1 
ATOM 311  O O   . PRO A 1 39  ? 3.57575   9.43329   -13.84666 1.000 154.04143 ? 116 PRO A O   1 
ATOM 312  C CB  . PRO A 1 39  ? 6.49889   9.43704   -13.86906 1.000 142.80685 ? 116 PRO A CB  1 
ATOM 313  C CG  . PRO A 1 39  ? 6.78843   8.21198   -12.99790 1.000 147.09517 ? 116 PRO A CG  1 
ATOM 314  C CD  . PRO A 1 39  ? 6.75888   8.74134   -11.60574 1.000 148.56378 ? 116 PRO A CD  1 
ATOM 315  N N   . HIS A 1 40  ? 3.67738   11.67143  -13.63019 1.000 156.53049 ? 117 HIS A N   1 
ATOM 316  C CA  . HIS A 1 40  ? 2.34218   11.85270  -14.16962 1.000 163.42053 ? 117 HIS A CA  1 
ATOM 317  C C   . HIS A 1 40  ? 2.37767   11.69120  -15.68818 1.000 166.99798 ? 117 HIS A C   1 
ATOM 318  O O   . HIS A 1 40  ? 3.44226   11.66401  -16.31457 1.000 164.79515 ? 117 HIS A O   1 
ATOM 319  C CB  . HIS A 1 40  ? 1.77800   13.21349  -13.75290 1.000 165.03780 ? 117 HIS A CB  1 
ATOM 320  C CG  . HIS A 1 40  ? 0.33353   13.40275  -14.09992 1.000 170.47005 ? 117 HIS A CG  1 
ATOM 321  N ND1 . HIS A 1 40  ? -0.08634  13.98010  -15.27900 1.000 176.19112 ? 117 HIS A ND1 1 
ATOM 322  C CD2 . HIS A 1 40  ? -0.79110  13.07284  -13.42148 1.000 172.56569 ? 117 HIS A CD2 1 
ATOM 323  C CE1 . HIS A 1 40  ? -1.40729  14.00376  -15.30813 1.000 176.07490 ? 117 HIS A CE1 1 
ATOM 324  N NE2 . HIS A 1 40  ? -1.85929  13.45924  -14.19292 1.000 170.82346 ? 117 HIS A NE2 1 
ATOM 325  N N   . GLY A 1 41  ? 1.19820   11.58201  -16.28360 1.000 167.55213 ? 118 GLY A N   1 
ATOM 326  C CA  . GLY A 1 41  ? 1.13098   11.34351  -17.72239 1.000 161.95937 ? 118 GLY A CA  1 
ATOM 327  C C   . GLY A 1 41  ? 1.32438   9.87401   -18.01351 1.000 164.03693 ? 118 GLY A C   1 
ATOM 328  O O   . GLY A 1 41  ? 0.57687   9.30106   -18.81169 1.000 170.31839 ? 118 GLY A O   1 
ATOM 329  N N   . ARG A 1 42  ? 2.34840   9.26094   -17.41641 1.000 157.38958 ? 119 ARG A N   1 
ATOM 330  C CA  . ARG A 1 42  ? 2.58413   7.82992   -17.55307 1.000 154.97713 ? 119 ARG A CA  1 
ATOM 331  C C   . ARG A 1 42  ? 1.28503   7.07017   -17.32335 1.000 163.05829 ? 119 ARG A C   1 
ATOM 332  O O   . ARG A 1 42  ? 0.57711   7.31455   -16.34276 1.000 171.78954 ? 119 ARG A O   1 
ATOM 333  C CB  . ARG A 1 42  ? 3.65148   7.37897   -16.55382 1.000 150.19404 ? 119 ARG A CB  1 
ATOM 334  C CG  . ARG A 1 42  ? 5.08185   7.68965   -16.97655 1.000 143.89928 ? 119 ARG A CG  1 
ATOM 335  C CD  . ARG A 1 42  ? 5.45825   7.02231   -18.29391 1.000 150.60293 ? 119 ARG A CD  1 
ATOM 336  N NE  . ARG A 1 42  ? 5.42276   5.56597   -18.21535 1.000 148.41621 ? 119 ARG A NE  1 
ATOM 337  C CZ  . ARG A 1 42  ? 6.23632   4.83191   -17.46804 1.000 147.80624 ? 119 ARG A CZ  1 
ATOM 338  N NH1 . ARG A 1 42  ? 7.26200   5.36989   -16.82791 1.000 145.36446 ? 119 ARG A NH1 1 
ATOM 339  N NH2 . ARG A 1 42  ? 6.04612   3.51742   -17.40144 1.000 147.62041 ? 119 ARG A NH2 1 
ATOM 340  N N   . GLN A 1 43  ? 0.96844   6.16274   -18.24471 1.000 165.11204 ? 120 GLN A N   1 
ATOM 341  C CA  . GLN A 1 43  ? -0.28315  5.41910   -18.18097 1.000 164.00222 ? 120 GLN A CA  1 
ATOM 342  C C   . GLN A 1 43  ? -0.44333  4.73037   -16.83043 1.000 158.54781 ? 120 GLN A C   1 
ATOM 343  O O   . GLN A 1 43  ? 0.52995   4.29171   -16.20928 1.000 156.04468 ? 120 GLN A O   1 
ATOM 344  C CB  . GLN A 1 43  ? -0.34979  4.39241   -19.31455 1.000 166.42495 ? 120 GLN A CB  1 
ATOM 345  C CG  . GLN A 1 43  ? 0.93642   3.61615   -19.53261 1.000 170.45843 ? 120 GLN A CG  1 
ATOM 346  C CD  . GLN A 1 43  ? 0.75863   2.45721   -20.49308 1.000 184.62032 ? 120 GLN A CD  1 
ATOM 347  O OE1 . GLN A 1 43  ? -0.34358  2.20257   -20.97789 1.000 181.36400 ? 120 GLN A OE1 1 
ATOM 348  N NE2 . GLN A 1 43  ? 1.84677   1.75060   -20.77759 1.000 185.99397 ? 120 GLN A NE2 1 
ATOM 349  N N   . HIS A 1 44  ? -1.69637  4.65239   -16.37239 1.000 154.59745 ? 121 HIS A N   1 
ATOM 350  C CA  . HIS A 1 44  ? -1.97971  4.07096   -15.06367 1.000 150.87746 ? 121 HIS A CA  1 
ATOM 351  C C   . HIS A 1 44  ? -1.55813  2.60777   -15.02750 1.000 143.33438 ? 121 HIS A C   1 
ATOM 352  O O   . HIS A 1 44  ? -0.88097  2.16882   -14.09194 1.000 141.80257 ? 121 HIS A O   1 
ATOM 353  C CB  . HIS A 1 44  ? -3.46347  4.22898   -14.72678 1.000 146.00069 ? 121 HIS A CB  1 
ATOM 354  C CG  . HIS A 1 44  ? -3.87666  3.51958   -13.47707 1.000 141.34798 ? 121 HIS A CG  1 
ATOM 355  N ND1 . HIS A 1 44  ? -3.78166  4.09825   -12.22966 1.000 140.22499 ? 121 HIS A ND1 1 
ATOM 356  C CD2 . HIS A 1 44  ? -4.39573  2.28462   -13.28162 1.000 136.52663 ? 121 HIS A CD2 1 
ATOM 357  C CE1 . HIS A 1 44  ? -4.21924  3.24738   -11.31879 1.000 140.70053 ? 121 HIS A CE1 1 
ATOM 358  N NE2 . HIS A 1 44  ? -4.59988  2.14033   -11.93096 1.000 137.82836 ? 121 HIS A NE2 1 
ATOM 359  N N   . LEU A 1 45  ? -2.01708  1.82099   -16.00263 1.000 140.79209 ? 122 LEU A N   1 
ATOM 360  C CA  . LEU A 1 45  ? -1.73618  0.38855   -16.00863 1.000 139.35862 ? 122 LEU A CA  1 
ATOM 361  C C   . LEU A 1 45  ? -0.25446  0.11816   -15.76930 1.000 138.54241 ? 122 LEU A C   1 
ATOM 362  O O   . LEU A 1 45  ? 0.10699   -0.78904  -15.01233 1.000 128.67036 ? 122 LEU A O   1 
ATOM 363  C CB  . LEU A 1 45  ? -2.18911  -0.22336  -17.33113 1.000 143.19200 ? 122 LEU A CB  1 
ATOM 364  C CG  . LEU A 1 45  ? -3.60721  0.15825   -17.76047 1.000 133.79863 ? 122 LEU A CG  1 
ATOM 365  C CD1 . LEU A 1 45  ? -3.91083  -0.34723  -19.16326 1.000 128.17033 ? 122 LEU A CD1 1 
ATOM 366  C CD2 . LEU A 1 45  ? -4.61461  -0.38145  -16.75771 1.000 129.16611 ? 122 LEU A CD2 1 
ATOM 367  N N   . GLN A 1 46  ? 0.61967   0.89460   -16.41544 1.000 145.34043 ? 123 GLN A N   1 
ATOM 368  C CA  . GLN A 1 46  ? 2.05535   0.64700   -16.32113 1.000 145.85943 ? 123 GLN A CA  1 
ATOM 369  C C   . GLN A 1 46  ? 2.63828   1.20093   -15.02455 1.000 137.89236 ? 123 GLN A C   1 
ATOM 370  O O   . GLN A 1 46  ? 3.28279   0.47241   -14.26658 1.000 135.98526 ? 123 GLN A O   1 
ATOM 371  C CB  . GLN A 1 46  ? 2.77422   1.24976   -17.53149 1.000 154.25524 ? 123 GLN A CB  1 
ATOM 372  C CG  . GLN A 1 46  ? 4.20582   0.76931   -17.70674 1.000 150.36372 ? 123 GLN A CG  1 
ATOM 373  C CD  . GLN A 1 46  ? 4.31859   -0.43403  -18.62209 1.000 158.46079 ? 123 GLN A CD  1 
ATOM 374  O OE1 . GLN A 1 46  ? 3.92160   -0.38428  -19.78633 1.000 165.00712 ? 123 GLN A OE1 1 
ATOM 375  N NE2 . GLN A 1 46  ? 4.86678   -1.52400  -18.09865 1.000 152.70073 ? 123 GLN A NE2 1 
ATOM 376  N N   . ASN A 1 47  ? 2.45851   2.50126   -14.76974 1.000 137.74997 ? 124 ASN A N   1 
ATOM 377  C CA  . ASN A 1 47  ? 3.07183   3.10628   -13.58836 1.000 139.60589 ? 124 ASN A CA  1 
ATOM 378  C C   . ASN A 1 47  ? 2.62477   2.43708   -12.28901 1.000 131.60346 ? 124 ASN A C   1 
ATOM 379  O O   . ASN A 1 47  ? 3.29375   2.59861   -11.26271 1.000 130.04593 ? 124 ASN A O   1 
ATOM 380  C CB  . ASN A 1 47  ? 2.82450   4.62466   -13.55344 1.000 139.80241 ? 124 ASN A CB  1 
ATOM 381  C CG  . ASN A 1 47  ? 1.38531   5.00111   -13.24100 1.000 143.29295 ? 124 ASN A CG  1 
ATOM 382  O OD1 . ASN A 1 47  ? 0.51593   4.14889   -13.09721 1.000 141.83632 ? 124 ASN A OD1 1 
ATOM 383  N ND2 . ASN A 1 47  ? 1.12899   6.30114   -13.15695 1.000 145.97758 ? 124 ASN A ND2 1 
ATOM 384  N N   . LEU A 1 48  ? 1.50993   1.69736   -12.30717 1.000 129.00198 ? 125 LEU A N   1 
ATOM 385  C CA  . LEU A 1 48  ? 1.26502   0.69667   -11.27020 1.000 121.09566 ? 125 LEU A CA  1 
ATOM 386  C C   . LEU A 1 48  ? 2.41006   -0.30406  -11.19602 1.000 120.13097 ? 125 LEU A C   1 
ATOM 387  O O   . LEU A 1 48  ? 2.97208   -0.54447  -10.12156 1.000 122.53850 ? 125 LEU A O   1 
ATOM 388  C CB  . LEU A 1 48  ? -0.05159  -0.03446  -11.54081 1.000 119.04631 ? 125 LEU A CB  1 
ATOM 389  C CG  . LEU A 1 48  ? -1.38124  0.58108   -11.10342 1.000 126.20624 ? 125 LEU A CG  1 
ATOM 390  C CD1 . LEU A 1 48  ? -2.53095  -0.33717  -11.49662 1.000 106.30738 ? 125 LEU A CD1 1 
ATOM 391  C CD2 . LEU A 1 48  ? -1.38937  0.84146   -9.60662  1.000 108.47483 ? 125 LEU A CD2 1 
ATOM 392  N N   . ASP A 1 49  ? 2.76070   -0.90770  -12.33434 1.000 127.88769 ? 126 ASP A N   1 
ATOM 393  C CA  . ASP A 1 49  ? 3.84073   -1.88908  -12.35774 1.000 124.61658 ? 126 ASP A CA  1 
ATOM 394  C C   . ASP A 1 49  ? 5.14931   -1.25708  -11.90406 1.000 128.66482 ? 126 ASP A C   1 
ATOM 395  O O   . ASP A 1 49  ? 5.89937   -1.85154  -11.12068 1.000 123.88508 ? 126 ASP A O   1 
ATOM 396  C CB  . ASP A 1 49  ? 3.97649   -2.48177  -13.76155 1.000 122.99035 ? 126 ASP A CB  1 
ATOM 397  C CG  . ASP A 1 49  ? 4.87034   -3.70166  -13.79890 1.000 123.71110 ? 126 ASP A CG  1 
ATOM 398  O OD1 . ASP A 1 49  ? 4.75495   -4.55431  -12.89472 1.000 127.82357 ? 126 ASP A OD1 1 
ATOM 399  O OD2 . ASP A 1 49  ? 5.68713   -3.81166  -14.73724 1.000 126.33730 ? 126 ASP A OD2 1 
ATOM 400  N N   . ASP A 1 50  ? 5.44138   -0.05179  -12.40031 1.000 130.54626 ? 127 ASP A N   1 
ATOM 401  C CA  . ASP A 1 50  ? 6.63827   0.66826   -11.97933 1.000 130.02099 ? 127 ASP A CA  1 
ATOM 402  C C   . ASP A 1 50  ? 6.64229   0.90602   -10.47402 1.000 129.99066 ? 127 ASP A C   1 
ATOM 403  O O   . ASP A 1 50  ? 7.67456   0.74008   -9.81308  1.000 129.92489 ? 127 ASP A O   1 
ATOM 404  C CB  . ASP A 1 50  ? 6.72529   2.00357   -12.72098 1.000 137.20758 ? 127 ASP A CB  1 
ATOM 405  C CG  . ASP A 1 50  ? 6.88818   1.83336   -14.21842 1.000 144.34080 ? 127 ASP A CG  1 
ATOM 406  O OD1 . ASP A 1 50  ? 6.92236   0.67693   -14.69010 1.000 141.54459 ? 127 ASP A OD1 1 
ATOM 407  O OD2 . ASP A 1 50  ? 6.97093   2.85986   -14.92573 1.000 144.67027 ? 127 ASP A OD2 1 
ATOM 408  N N   . ALA A 1 51  ? 5.49384   1.29628   -9.91578  1.000 133.96205 ? 128 ALA A N   1 
ATOM 409  C CA  . ALA A 1 51  ? 5.38856   1.49579   -8.47287  1.000 124.52800 ? 128 ALA A CA  1 
ATOM 410  C C   . ALA A 1 51  ? 5.58429   0.19476   -7.70123  1.000 116.14141 ? 128 ALA A C   1 
ATOM 411  O O   . ALA A 1 51  ? 6.39362   0.13120   -6.76880  1.000 121.90221 ? 128 ALA A O   1 
ATOM 412  C CB  . ALA A 1 51  ? 4.03568   2.12262   -8.13226  1.000 120.07520 ? 128 ALA A CB  1 
ATOM 413  N N   . VAL A 1 52  ? 4.85082   -0.85633  -8.07542  1.000 115.55457 ? 129 VAL A N   1 
ATOM 414  C CA  . VAL A 1 52  ? 4.89474   -2.10016  -7.31005  1.000 114.39661 ? 129 VAL A CA  1 
ATOM 415  C C   . VAL A 1 52  ? 6.26503   -2.76114  -7.41245  1.000 119.40209 ? 129 VAL A C   1 
ATOM 416  O O   . VAL A 1 52  ? 6.78611   -3.29257  -6.42412  1.000 119.70913 ? 129 VAL A O   1 
ATOM 417  C CB  . VAL A 1 52  ? 3.77228   -3.04671  -7.77433  1.000 113.68703 ? 129 VAL A CB  1 
ATOM 418  C CG1 . VAL A 1 52  ? 3.87904   -4.39013  -7.06965  1.000 104.83636 ? 129 VAL A CG1 1 
ATOM 419  C CG2 . VAL A 1 52  ? 2.40895   -2.41634  -7.52382  1.000 112.87222 ? 129 VAL A CG2 1 
ATOM 420  N N   . ASN A 1 53  ? 6.87986   -2.72857  -8.59473  1.000 125.79120 ? 130 ASN A N   1 
ATOM 421  C CA  . ASN A 1 53  ? 8.23068   -3.25748  -8.73785  1.000 125.15418 ? 130 ASN A CA  1 
ATOM 422  C C   . ASN A 1 53  ? 9.29121   -2.33249  -8.15747  1.000 128.32354 ? 130 ASN A C   1 
ATOM 423  O O   . ASN A 1 53  ? 10.38572  -2.79798  -7.82501  1.000 127.61190 ? 130 ASN A O   1 
ATOM 424  C CB  . ASN A 1 53  ? 8.54126   -3.53158  -10.21002 1.000 126.12858 ? 130 ASN A CB  1 
ATOM 425  C CG  . ASN A 1 53  ? 7.59085   -4.53591  -10.82897 1.000 121.96378 ? 130 ASN A CG  1 
ATOM 426  O OD1 . ASN A 1 53  ? 7.09181   -5.43511  -10.15275 1.000 125.03219 ? 130 ASN A OD1 1 
ATOM 427  N ND2 . ASN A 1 53  ? 7.34633   -4.39592  -12.12517 1.000 120.68470 ? 130 ASN A ND2 1 
ATOM 428  N N   . GLY A 1 54  ? 8.99343   -1.04339  -8.02734  1.000 131.84485 ? 131 GLY A N   1 
ATOM 429  C CA  . GLY A 1 54  ? 9.92638   -0.05375  -7.53352  1.000 123.89639 ? 131 GLY A CA  1 
ATOM 430  C C   . GLY A 1 54  ? 10.13069  0.00698   -6.03781  1.000 129.79588 ? 131 GLY A C   1 
ATOM 431  O O   . GLY A 1 54  ? 10.96942  0.79005   -5.58246  1.000 134.77227 ? 131 GLY A O   1 
ATOM 432  N N   . SER A 1 55  ? 9.39938   -0.77652  -5.24524  1.000 133.30563 ? 132 SER A N   1 
ATOM 433  C CA  . SER A 1 55  ? 9.50926   -0.68288  -3.79678  1.000 127.16190 ? 132 SER A CA  1 
ATOM 434  C C   . SER A 1 55  ? 9.37771   -2.05115  -3.14570  1.000 123.67922 ? 132 SER A C   1 
ATOM 435  O O   . SER A 1 55  ? 8.73772   -2.95990  -3.68187  1.000 129.89314 ? 132 SER A O   1 
ATOM 436  C CB  . SER A 1 55  ? 8.43728   0.24254   -3.21744  1.000 124.50483 ? 132 SER A CB  1 
ATOM 437  O OG  . SER A 1 55  ? 7.15993   -0.34162  -3.37943  1.000 123.18808 ? 132 SER A OG  1 
ATOM 438  N N   . ALA A 1 56  ? 10.00049  -2.17665  -1.97086  1.000 125.30379 ? 133 ALA A N   1 
ATOM 439  C CA  . ALA A 1 56  ? 10.00279  -3.43604  -1.23263  1.000 125.64267 ? 133 ALA A CA  1 
ATOM 440  C C   . ALA A 1 56  ? 8.61644   -3.78899  -0.71140  1.000 119.85724 ? 133 ALA A C   1 
ATOM 441  O O   . ALA A 1 56  ? 8.29353   -4.97332  -0.56278  1.000 120.28663 ? 133 ALA A O   1 
ATOM 442  C CB  . ALA A 1 56  ? 11.00275  -3.36512  -0.07819  1.000 126.35803 ? 133 ALA A CB  1 
ATOM 443  N N   . TRP A 1 57  ? 7.79166   -2.78334  -0.43446  1.000 116.80632 ? 134 TRP A N   1 
ATOM 444  C CA  . TRP A 1 57  ? 6.43066   -2.98297  0.03634   1.000 113.08198 ? 134 TRP A CA  1 
ATOM 445  C C   . TRP A 1 57  ? 5.51592   -2.01869  -0.70056  1.000 110.58978 ? 134 TRP A C   1 
ATOM 446  O O   . TRP A 1 57  ? 5.94944   -0.95796  -1.15619  1.000 114.09031 ? 134 TRP A O   1 
ATOM 447  C CB  . TRP A 1 57  ? 6.30918   -2.72988  1.54978   1.000 109.93978 ? 134 TRP A CB  1 
ATOM 448  C CG  . TRP A 1 57  ? 7.07794   -3.68214  2.41706   1.000 102.94144 ? 134 TRP A CG  1 
ATOM 449  C CD1 . TRP A 1 57  ? 8.28275   -3.44979  3.01501   1.000 113.07378 ? 134 TRP A CD1 1 
ATOM 450  C CD2 . TRP A 1 57  ? 6.67872   -4.99807  2.81902   1.000 106.81675 ? 134 TRP A CD2 1 
ATOM 451  N NE1 . TRP A 1 57  ? 8.66880   -4.54764  3.74588   1.000 117.28766 ? 134 TRP A NE1 1 
ATOM 452  C CE2 . TRP A 1 57  ? 7.70032   -5.51084  3.64361   1.000 113.27350 ? 134 TRP A CE2 1 
ATOM 453  C CE3 . TRP A 1 57  ? 5.56139   -5.79657  2.55471   1.000 121.03045 ? 134 TRP A CE3 1 
ATOM 454  C CZ2 . TRP A 1 57  ? 7.63824   -6.78514  4.20556   1.000 115.37146 ? 134 TRP A CZ2 1 
ATOM 455  C CZ3 . TRP A 1 57  ? 5.50211   -7.06211  3.11353   1.000 119.57890 ? 134 TRP A CZ3 1 
ATOM 456  C CH2 . TRP A 1 57  ? 6.53389   -7.54294  3.92903   1.000 118.71456 ? 134 TRP A CH2 1 
ATOM 457  N N   . THR A 1 58  ? 4.24017   -2.38581  -0.79866  1.000 109.90367 ? 135 THR A N   1 
ATOM 458  C CA  . THR A 1 58  ? 3.21134   -1.47659  -1.28217  1.000 109.42314 ? 135 THR A CA  1 
ATOM 459  C C   . THR A 1 58  ? 2.07645   -1.44153  -0.27323  1.000 99.29662  ? 135 THR A C   1 
ATOM 460  O O   . THR A 1 58  ? 1.63651   -2.48728  0.21464   1.000 99.98026  ? 135 THR A O   1 
ATOM 461  C CB  . THR A 1 58  ? 2.67055   -1.90163  -2.65856  1.000 107.80465 ? 135 THR A CB  1 
ATOM 462  O OG1 . THR A 1 58  ? 1.69176   -2.93405  -2.49039  1.000 113.36159 ? 135 THR A OG1 1 
ATOM 463  C CG2 . THR A 1 58  ? 3.79149   -2.41752  -3.55484  1.000 103.58193 ? 135 THR A CG2 1 
ATOM 464  N N   . ILE A 1 59  ? 1.60683   -0.23696  0.03231   1.000 89.53041  ? 136 ILE A N   1 
ATOM 465  C CA  . ILE A 1 59  ? 0.62356   -0.00212  1.08312   1.000 94.99921  ? 136 ILE A CA  1 
ATOM 466  C C   . ILE A 1 59  ? -0.68250  0.42652   0.43221   1.000 90.69490  ? 136 ILE A C   1 
ATOM 467  O O   . ILE A 1 59  ? -0.70734  1.38113   -0.35386  1.000 91.14166  ? 136 ILE A O   1 
ATOM 468  C CB  . ILE A 1 59  ? 1.12237   1.04657   2.09098   1.000 94.10184  ? 136 ILE A CB  1 
ATOM 469  C CG1 . ILE A 1 59  ? 2.42357   0.56254   2.73193   1.000 83.50807  ? 136 ILE A CG1 1 
ATOM 470  C CG2 . ILE A 1 59  ? 0.06769   1.31496   3.15396   1.000 94.81786  ? 136 ILE A CG2 1 
ATOM 471  C CD1 . ILE A 1 59  ? 3.07731   1.57974   3.62682   1.000 99.91186  ? 136 ILE A CD1 1 
ATOM 472  N N   . LEU A 1 60  ? -1.76265  -0.27636  0.75560   1.000 79.44192  ? 137 LEU A N   1 
ATOM 473  C CA  . LEU A 1 60  ? -3.08713  0.04634   0.24180   1.000 89.65193  ? 137 LEU A CA  1 
ATOM 474  C C   . LEU A 1 60  ? -3.84204  0.85370   1.29200   1.000 84.14929  ? 137 LEU A C   1 
ATOM 475  O O   . LEU A 1 60  ? -4.19571  0.33149   2.35406   1.000 87.20238  ? 137 LEU A O   1 
ATOM 476  C CB  . LEU A 1 60  ? -3.85016  -1.22571  -0.12621  1.000 96.47190  ? 137 LEU A CB  1 
ATOM 477  C CG  . LEU A 1 60  ? -3.59783  -1.90569  -1.47922  1.000 98.21974  ? 137 LEU A CG  1 
ATOM 478  C CD1 . LEU A 1 60  ? -2.12133  -2.14908  -1.76123  1.000 92.23048  ? 137 LEU A CD1 1 
ATOM 479  C CD2 . LEU A 1 60  ? -4.37400  -3.21423  -1.55717  1.000 89.67057  ? 137 LEU A CD2 1 
ATOM 480  N N   . LEU A 1 61  ? -4.08871  2.12720   0.98780   1.000 74.80450  ? 138 LEU A N   1 
ATOM 481  C CA  . LEU A 1 61  ? -4.80831  3.03335   1.87951   1.000 79.40049  ? 138 LEU A CA  1 
ATOM 482  C C   . LEU A 1 61  ? -6.29354  2.72981   1.72131   1.000 89.48819  ? 138 LEU A C   1 
ATOM 483  O O   . LEU A 1 61  ? -6.97646  3.27672   0.85203   1.000 85.70668  ? 138 LEU A O   1 
ATOM 484  C CB  . LEU A 1 61  ? -4.47590  4.48347   1.55617   1.000 79.78954  ? 138 LEU A CB  1 
ATOM 485  C CG  . LEU A 1 61  ? -5.01641  5.54821   2.51290   1.000 89.60970  ? 138 LEU A CG  1 
ATOM 486  C CD1 . LEU A 1 61  ? -4.21884  5.55259   3.80825   1.000 96.10040  ? 138 LEU A CD1 1 
ATOM 487  C CD2 . LEU A 1 61  ? -4.99259  6.92377   1.86188   1.000 95.74701  ? 138 LEU A CD2 1 
ATOM 488  N N   . LEU A 1 62  ? -6.80179  1.83707   2.57058   1.000 89.11738  ? 139 LEU A N   1 
ATOM 489  C CA  . LEU A 1 62  ? -8.14440  1.29008   2.40012   1.000 81.34475  ? 139 LEU A CA  1 
ATOM 490  C C   . LEU A 1 62  ? -9.19254  2.31546   2.80946   1.000 81.40680  ? 139 LEU A C   1 
ATOM 491  O O   . LEU A 1 62  ? -9.31851  2.65646   3.98976   1.000 84.78970  ? 139 LEU A O   1 
ATOM 492  C CB  . LEU A 1 62  ? -8.30787  0.00451   3.20494   1.000 89.86571  ? 139 LEU A CB  1 
ATOM 493  C CG  . LEU A 1 62  ? -7.40336  -1.17091  2.83776   1.000 78.29791  ? 139 LEU A CG  1 
ATOM 494  C CD1 . LEU A 1 62  ? -7.88322  -2.43386  3.53066   1.000 81.92869  ? 139 LEU A CD1 1 
ATOM 495  C CD2 . LEU A 1 62  ? -7.37201  -1.36238  1.33347   1.000 82.26822  ? 139 LEU A CD2 1 
ATOM 496  N N   . THR A 1 63  ? -9.94870  2.79669   1.82525   1.000 80.97519  ? 140 THR A N   1 
ATOM 497  C CA  . THR A 1 63  ? -11.05609 3.72087   2.02119   1.000 87.96178  ? 140 THR A CA  1 
ATOM 498  C C   . THR A 1 63  ? -12.15675 3.31753   1.05016   1.000 89.40833  ? 140 THR A C   1 
ATOM 499  O O   . THR A 1 63  ? -11.93060 2.54678   0.11377   1.000 91.25709  ? 140 THR A O   1 
ATOM 500  C CB  . THR A 1 63  ? -10.65621 5.18721   1.78722   1.000 89.72210  ? 140 THR A CB  1 
ATOM 501  O OG1 . THR A 1 63  ? -10.40657 5.39859   0.39105   1.000 98.29593  ? 140 THR A OG1 1 
ATOM 502  C CG2 . THR A 1 63  ? -9.41801  5.57313   2.59725   1.000 81.88954  ? 140 THR A CG2 1 
ATOM 503  N N   . GLU A 1 64  ? -13.36206 3.84274   1.27100   1.000 91.38325  ? 141 GLU A N   1 
ATOM 504  C CA  . GLU A 1 64  ? -14.43385 3.59273   0.31326   1.000 90.78236  ? 141 GLU A CA  1 
ATOM 505  C C   . GLU A 1 64  ? -14.14775 4.23430   -1.03991  1.000 90.54050  ? 141 GLU A C   1 
ATOM 506  O O   . GLU A 1 64  ? -14.64080 3.75292   -2.06632  1.000 99.54299  ? 141 GLU A O   1 
ATOM 507  C CB  . GLU A 1 64  ? -15.76916 4.07099   0.88271   1.000 94.47100  ? 141 GLU A CB  1 
ATOM 508  C CG  . GLU A 1 64  ? -16.20051 3.26349   2.09837   1.000 97.22205  ? 141 GLU A CG  1 
ATOM 509  C CD  . GLU A 1 64  ? -17.63158 3.52307   2.51257   1.000 103.93790 ? 141 GLU A CD  1 
ATOM 510  O OE1 . GLU A 1 64  ? -18.22048 4.51731   2.03991   1.000 118.33335 ? 141 GLU A OE1 1 
ATOM 511  O OE2 . GLU A 1 64  ? -18.16659 2.72868   3.31542   1.000 110.87332 ? 141 GLU A OE2 1 
ATOM 512  N N   . ASN A 1 65  ? -13.36419 5.31495   -1.06632  1.000 88.26405  ? 142 ASN A N   1 
ATOM 513  C CA  . ASN A 1 65  ? -12.88115 5.84437   -2.33841  1.000 90.32581  ? 142 ASN A CA  1 
ATOM 514  C C   . ASN A 1 65  ? -11.91666 4.87597   -3.01378  1.000 97.19666  ? 142 ASN A C   1 
ATOM 515  O O   . ASN A 1 65  ? -11.99838 4.65392   -4.22769  1.000 105.02537 ? 142 ASN A O   1 
ATOM 516  C CB  . ASN A 1 65  ? -12.20914 7.20216   -2.12844  1.000 97.92760  ? 142 ASN A CB  1 
ATOM 517  C CG  . ASN A 1 65  ? -13.17309 8.26440   -1.63737  1.000 99.20019  ? 142 ASN A CG  1 
ATOM 518  O OD1 . ASN A 1 65  ? -14.36204 8.23953   -1.95528  1.000 106.60645 ? 142 ASN A OD1 1 
ATOM 519  N ND2 . ASN A 1 65  ? -12.66066 9.20956   -0.85866  1.000 104.20740 ? 142 ASN A ND2 1 
ATOM 520  N N   . PHE A 1 66  ? -10.99127 4.29731   -2.24330  1.000 88.32490  ? 143 PHE A N   1 
ATOM 521  C CA  . PHE A 1 66  ? -10.06882 3.30563   -2.79240  1.000 86.80542  ? 143 PHE A CA  1 
ATOM 522  C C   . PHE A 1 66  ? -10.80861 2.09337   -3.34909  1.000 93.08564  ? 143 PHE A C   1 
ATOM 523  O O   . PHE A 1 66  ? -10.45243 1.57471   -4.41414  1.000 91.05080  ? 143 PHE A O   1 
ATOM 524  C CB  . PHE A 1 66  ? -9.07181  2.88471   -1.70822  1.000 82.31485  ? 143 PHE A CB  1 
ATOM 525  C CG  . PHE A 1 66  ? -8.15885  1.75322   -2.10802  1.000 76.12312  ? 143 PHE A CG  1 
ATOM 526  C CD1 . PHE A 1 66  ? -8.55524  0.42908   -1.97241  1.000 80.75373  ? 143 PHE A CD1 1 
ATOM 527  C CD2 . PHE A 1 66  ? -6.88620  2.01647   -2.58781  1.000 86.69568  ? 143 PHE A CD2 1 
ATOM 528  C CE1 . PHE A 1 66  ? -7.70913  -0.60425  -2.33486  1.000 86.05973  ? 143 PHE A CE1 1 
ATOM 529  C CE2 . PHE A 1 66  ? -6.03593  0.98702   -2.95148  1.000 88.87911  ? 143 PHE A CE2 1 
ATOM 530  C CZ  . PHE A 1 66  ? -6.44824  -0.32532  -2.82315  1.000 76.74568  ? 143 PHE A CZ  1 
ATOM 531  N N   . LEU A 1 67  ? -11.83669 1.62414   -2.63950  1.000 98.69776  ? 144 LEU A N   1 
ATOM 532  C CA  . LEU A 1 67  ? -12.61053 0.47898   -3.11065  1.000 88.42797  ? 144 LEU A CA  1 
ATOM 533  C C   . LEU A 1 67  ? -13.35902 0.79671   -4.39868  1.000 86.51408  ? 144 LEU A C   1 
ATOM 534  O O   . LEU A 1 67  ? -13.41813 -0.03407  -5.31263  1.000 91.08064  ? 144 LEU A O   1 
ATOM 535  C CB  . LEU A 1 67  ? -13.58607 0.02627   -2.02415  1.000 87.82175  ? 144 LEU A CB  1 
ATOM 536  C CG  . LEU A 1 67  ? -14.44456 -1.19687  -2.35134  1.000 93.07537  ? 144 LEU A CG  1 
ATOM 537  C CD1 . LEU A 1 67  ? -13.56598 -2.41627  -2.57974  1.000 91.08499  ? 144 LEU A CD1 1 
ATOM 538  C CD2 . LEU A 1 67  ? -15.46178 -1.45983  -1.25063  1.000 84.11907  ? 144 LEU A CD2 1 
ATOM 539  N N   . ARG A 1 68  ? -13.93571 1.99415   -4.48536  1.000 91.23655  ? 145 ARG A N   1 
ATOM 540  C CA  . ARG A 1 68  ? -14.64087 2.41118   -5.69279  1.000 95.60591  ? 145 ARG A CA  1 
ATOM 541  C C   . ARG A 1 68  ? -13.68786 2.65468   -6.86072  1.000 102.57737 ? 145 ARG A C   1 
ATOM 542  O O   . ARG A 1 68  ? -13.94652 2.20606   -7.98405  1.000 97.07107  ? 145 ARG A O   1 
ATOM 543  C CB  . ARG A 1 68  ? -15.48034 3.65387   -5.38650  1.000 100.92654 ? 145 ARG A CB  1 
ATOM 544  C CG  . ARG A 1 68  ? -16.80184 3.31560   -4.70737  1.000 101.69612 ? 145 ARG A CG  1 
ATOM 545  C CD  . ARG A 1 68  ? -17.70520 4.52560   -4.54123  1.000 102.19745 ? 145 ARG A CD  1 
ATOM 546  N NE  . ARG A 1 68  ? -17.52957 5.15631   -3.23742  1.000 94.99270  ? 145 ARG A NE  1 
ATOM 547  C CZ  . ARG A 1 68  ? -16.72572 6.18269   -2.99695  1.000 111.35667 ? 145 ARG A CZ  1 
ATOM 548  N NH1 . ARG A 1 68  ? -16.00003 6.73308   -3.95805  1.000 122.34548 ? 145 ARG A NH1 1 
ATOM 549  N NH2 . ARG A 1 68  ? -16.65021 6.67133   -1.76148  1.000 105.95793 ? 145 ARG A NH2 1 
ATOM 550  N N   . ASP A 1 69  ? -12.57894 3.35590   -6.62167  1.000 98.53917  ? 146 ASP A N   1 
ATOM 551  C CA  . ASP A 1 69  ? -11.78013 3.91457   -7.70948  1.000 95.05448  ? 146 ASP A CA  1 
ATOM 552  C C   . ASP A 1 69  ? -10.58935 3.05820   -8.12956  1.000 94.23579  ? 146 ASP A C   1 
ATOM 553  O O   . ASP A 1 69  ? -10.24719 3.04123   -9.31254  1.000 105.78881 ? 146 ASP A O   1 
ATOM 554  C CB  . ASP A 1 69  ? -11.27590 5.30941   -7.32667  1.000 99.48976  ? 146 ASP A CB  1 
ATOM 555  C CG  . ASP A 1 69  ? -12.40442 6.29139   -7.08456  1.000 110.79426 ? 146 ASP A CG  1 
ATOM 556  O OD1 . ASP A 1 69  ? -13.57444 5.92961   -7.33319  1.000 121.02216 ? 146 ASP A OD1 1 
ATOM 557  O OD2 . ASP A 1 69  ? -12.12102 7.42618   -6.64681  1.000 117.82749 ? 146 ASP A OD2 1 
ATOM 558  N N   . THR A 1 70  ? -9.90123  2.39151   -7.20360  1.000 92.22594  ? 147 THR A N   1 
ATOM 559  C CA  . THR A 1 70  ? -8.59044  1.82668   -7.50685  1.000 90.97024  ? 147 THR A CA  1 
ATOM 560  C C   . THR A 1 70  ? -8.43560  0.33238   -7.23369  1.000 94.24742  ? 147 THR A C   1 
ATOM 561  O O   . THR A 1 70  ? -7.48109  -0.26475  -7.74379  1.000 98.18554  ? 147 THR A O   1 
ATOM 562  C CB  . THR A 1 70  ? -7.49527  2.57840   -6.73737  1.000 86.95875  ? 147 THR A CB  1 
ATOM 563  O OG1 . THR A 1 70  ? -7.80635  2.57264   -5.34214  1.000 95.98964  ? 147 THR A OG1 1 
ATOM 564  C CG2 . THR A 1 70  ? -7.40659  4.02218   -7.22053  1.000 100.80751 ? 147 THR A CG2 1 
ATOM 565  N N   . TRP A 1 71  ? -9.32329  -0.28309  -6.44905  1.000 87.28677  ? 148 TRP A N   1 
ATOM 566  C CA  . TRP A 1 71  ? -9.15572  -1.68624  -6.06868  1.000 82.74787  ? 148 TRP A CA  1 
ATOM 567  C C   . TRP A 1 71  ? -9.14697  -2.63022  -7.26875  1.000 77.59279  ? 148 TRP A C   1 
ATOM 568  O O   . TRP A 1 71  ? -8.24744  -3.46801  -7.39648  1.000 81.70789  ? 148 TRP A O   1 
ATOM 569  C CB  . TRP A 1 71  ? -10.24483 -2.08987  -5.07489  1.000 90.61012  ? 148 TRP A CB  1 
ATOM 570  C CG  . TRP A 1 71  ? -10.35197 -3.57699  -4.86182  1.000 82.03409  ? 148 TRP A CG  1 
ATOM 571  C CD1 . TRP A 1 71  ? -11.47046 -4.34097  -5.02768  1.000 74.36342  ? 148 TRP A CD1 1 
ATOM 572  C CD2 . TRP A 1 71  ? -9.30285  -4.48173  -4.48300  1.000 81.53983  ? 148 TRP A CD2 1 
ATOM 573  N NE1 . TRP A 1 71  ? -11.18932 -5.65916  -4.76184  1.000 83.61222  ? 148 TRP A NE1 1 
ATOM 574  C CE2 . TRP A 1 71  ? -9.86637  -5.77306  -4.42751  1.000 72.13935  ? 148 TRP A CE2 1 
ATOM 575  C CE3 . TRP A 1 71  ? -7.94638  -4.32533  -4.17896  1.000 81.70030  ? 148 TRP A CE3 1 
ATOM 576  C CZ2 . TRP A 1 71  ? -9.12315  -6.89849  -4.08176  1.000 81.23317  ? 148 TRP A CZ2 1 
ATOM 577  C CZ3 . TRP A 1 71  ? -7.20890  -5.44661  -3.83669  1.000 76.72249  ? 148 TRP A CZ3 1 
ATOM 578  C CH2 . TRP A 1 71  ? -7.79851  -6.71429  -3.79075  1.000 88.08165  ? 148 TRP A CH2 1 
ATOM 579  N N   . CYS A 1 72  ? -10.14161 -2.52510  -8.15391  1.000 81.84451  ? 149 CYS A N   1 
ATOM 580  C CA  . CYS A 1 72  ? -10.29451 -3.53978  -9.19642  1.000 92.73175  ? 149 CYS A CA  1 
ATOM 581  C C   . CYS A 1 72  ? -9.11162  -3.55652  -10.16104 1.000 93.51534  ? 149 CYS A C   1 
ATOM 582  O O   . CYS A 1 72  ? -8.68216  -4.62924  -10.60400 1.000 90.31295  ? 149 CYS A O   1 
ATOM 583  C CB  . CYS A 1 72  ? -11.60143 -3.32187  -9.95815  1.000 81.96370  ? 149 CYS A CB  1 
ATOM 584  S SG  . CYS A 1 72  ? -12.04317 -4.69890  -11.04478 1.000 78.89500  ? 149 CYS A SG  1 
ATOM 585  N N   . ASN A 1 73  ? -8.57902  -2.38320  -10.50790 1.000 96.82813  ? 150 ASN A N   1 
ATOM 586  C CA  . ASN A 1 73  ? -7.37917  -2.32784  -11.34021 1.000 94.08456  ? 150 ASN A CA  1 
ATOM 587  C C   . ASN A 1 73  ? -6.20510  -3.04675  -10.68548 1.000 95.08445  ? 150 ASN A C   1 
ATOM 588  O O   . ASN A 1 73  ? -5.51400  -3.84666  -11.32756 1.000 95.59983  ? 150 ASN A O   1 
ATOM 589  C CB  . ASN A 1 73  ? -7.00504  -0.87385  -11.62769 1.000 107.84397 ? 150 ASN A CB  1 
ATOM 590  C CG  . ASN A 1 73  ? -8.07487  -0.13697  -12.39694 1.000 117.76806 ? 150 ASN A CG  1 
ATOM 591  O OD1 . ASN A 1 73  ? -9.14900  -0.67531  -12.66523 1.000 124.09242 ? 150 ASN A OD1 1 
ATOM 592  N ND2 . ASN A 1 73  ? -7.79017  1.10972   -12.74937 1.000 115.87634 ? 150 ASN A ND2 1 
ATOM 593  N N   . PHE A 1 74  ? -5.97159  -2.77903  -9.39844  1.000 95.06884  ? 151 PHE A N   1 
ATOM 594  C CA  . PHE A 1 74  ? -4.86188  -3.41390  -8.69368  1.000 92.71409  ? 151 PHE A CA  1 
ATOM 595  C C   . PHE A 1 74  ? -5.06103  -4.91620  -8.52958  1.000 97.41287  ? 151 PHE A C   1 
ATOM 596  O O   . PHE A 1 74  ? -4.11295  -5.68992  -8.71114  1.000 104.15690 ? 151 PHE A O   1 
ATOM 597  C CB  . PHE A 1 74  ? -4.67049  -2.74839  -7.33238  1.000 86.31620  ? 151 PHE A CB  1 
ATOM 598  C CG  . PHE A 1 74  ? -3.52145  -3.30060  -6.54090  1.000 79.97923  ? 151 PHE A CG  1 
ATOM 599  C CD1 . PHE A 1 74  ? -2.22159  -2.92080  -6.82654  1.000 86.55067  ? 151 PHE A CD1 1 
ATOM 600  C CD2 . PHE A 1 74  ? -3.74239  -4.18753  -5.50029  1.000 91.57805  ? 151 PHE A CD2 1 
ATOM 601  C CE1 . PHE A 1 74  ? -1.16160  -3.42265  -6.09457  1.000 104.08303 ? 151 PHE A CE1 1 
ATOM 602  C CE2 . PHE A 1 74  ? -2.68694  -4.69252  -4.76379  1.000 99.76409  ? 151 PHE A CE2 1 
ATOM 603  C CZ  . PHE A 1 74  ? -1.39478  -4.30689  -5.05942  1.000 98.69640  ? 151 PHE A CZ  1 
ATOM 604  N N   . GLN A 1 75  ? -6.27671  -5.35415  -8.18799  1.000 90.31509  ? 152 GLN A N   1 
ATOM 605  C CA  . GLN A 1 75  ? -6.52820  -6.79029  -8.09595  1.000 97.75574  ? 152 GLN A CA  1 
ATOM 606  C C   . GLN A 1 75  ? -6.31590  -7.47913  -9.43762  1.000 98.07969  ? 152 GLN A C   1 
ATOM 607  O O   . GLN A 1 75  ? -5.73939  -8.57143  -9.49907  1.000 92.46149  ? 152 GLN A O   1 
ATOM 608  C CB  . GLN A 1 75  ? -7.94586  -7.05637  -7.58646  1.000 87.91912  ? 152 GLN A CB  1 
ATOM 609  C CG  . GLN A 1 75  ? -8.16914  -8.49924  -7.15032  1.000 90.60287  ? 152 GLN A CG  1 
ATOM 610  C CD  . GLN A 1 75  ? -9.62967  -8.82350  -6.90089  1.000 100.10419 ? 152 GLN A CD  1 
ATOM 611  O OE1 . GLN A 1 75  ? -10.51378 -8.01322  -7.17854  1.000 86.96629  ? 152 GLN A OE1 1 
ATOM 612  N NE2 . GLN A 1 75  ? -9.89002  -10.01522 -6.37174  1.000 100.52139 ? 152 GLN A NE2 1 
ATOM 613  N N   . PHE A 1 76  ? -6.76098  -6.84693  -10.52438 1.000 93.48577  ? 153 PHE A N   1 
ATOM 614  C CA  . PHE A 1 76  ? -6.53919  -7.39863  -11.85726 1.000 96.48712  ? 153 PHE A CA  1 
ATOM 615  C C   . PHE A 1 76  ? -5.05538  -7.42412  -12.21200 1.000 102.77959 ? 153 PHE A C   1 
ATOM 616  O O   . PHE A 1 76  ? -4.54775  -8.42981  -12.72236 1.000 106.90719 ? 153 PHE A O   1 
ATOM 617  C CB  . PHE A 1 76  ? -7.33711  -6.59689  -12.88810 1.000 94.57959  ? 153 PHE A CB  1 
ATOM 618  C CG  . PHE A 1 76  ? -7.22659  -7.12634  -14.28949 1.000 99.29348  ? 153 PHE A CG  1 
ATOM 619  C CD1 . PHE A 1 76  ? -8.03849  -8.16581  -14.71591 1.000 98.10906  ? 153 PHE A CD1 1 
ATOM 620  C CD2 . PHE A 1 76  ? -6.32212  -6.57904  -15.18485 1.000 95.42402  ? 153 PHE A CD2 1 
ATOM 621  C CE1 . PHE A 1 76  ? -7.94337  -8.65758  -16.00528 1.000 89.93730  ? 153 PHE A CE1 1 
ATOM 622  C CE2 . PHE A 1 76  ? -6.22231  -7.06545  -16.47595 1.000 95.46374  ? 153 PHE A CE2 1 
ATOM 623  C CZ  . PHE A 1 76  ? -7.03432  -8.10611  -16.88629 1.000 92.61127  ? 153 PHE A CZ  1 
ATOM 624  N N   . TYR A 1 77  ? -4.34954  -6.31669  -11.96697 1.000 104.08480 ? 154 TYR A N   1 
ATOM 625  C CA  . TYR A 1 77  ? -2.90438  -6.27604  -12.18388 1.000 100.52776 ? 154 TYR A CA  1 
ATOM 626  C C   . TYR A 1 77  ? -2.17386  -7.36527  -11.40373 1.000 105.66345 ? 154 TYR A C   1 
ATOM 627  O O   . TYR A 1 77  ? -1.41534  -8.15266  -11.98077 1.000 112.84460 ? 154 TYR A O   1 
ATOM 628  C CB  . TYR A 1 77  ? -2.36021  -4.89860  -11.80264 1.000 107.74618 ? 154 TYR A CB  1 
ATOM 629  C CG  . TYR A 1 77  ? -0.86130  -4.87892  -11.58900 1.000 125.77685 ? 154 TYR A CG  1 
ATOM 630  C CD1 . TYR A 1 77  ? 0.01502   -4.86463  -12.66701 1.000 117.44610 ? 154 TYR A CD1 1 
ATOM 631  C CD2 . TYR A 1 77  ? -0.32200  -4.90025  -10.30746 1.000 121.37660 ? 154 TYR A CD2 1 
ATOM 632  C CE1 . TYR A 1 77  ? 1.38465   -4.82935  -12.47374 1.000 120.55030 ? 154 TYR A CE1 1 
ATOM 633  C CE2 . TYR A 1 77  ? 1.04550   -4.89079  -10.10566 1.000 122.82737 ? 154 TYR A CE2 1 
ATOM 634  C CZ  . TYR A 1 77  ? 1.89467   -4.84949  -11.19104 1.000 127.01790 ? 154 TYR A CZ  1 
ATOM 635  O OH  . TYR A 1 77  ? 3.25579   -4.86047  -10.98885 1.000 122.49458 ? 154 TYR A OH  1 
ATOM 636  N N   . THR A 1 78  ? -2.38292  -7.41986  -10.08645 1.000 106.78182 ? 155 THR A N   1 
ATOM 637  C CA  . THR A 1 78  ? -1.67473  -8.39426  -9.25793  1.000 115.11031 ? 155 THR A CA  1 
ATOM 638  C C   . THR A 1 78  ? -2.00433  -9.82536  -9.66199  1.000 106.85504 ? 155 THR A C   1 
ATOM 639  O O   . THR A 1 78  ? -1.10683  -10.66364 -9.80175  1.000 108.04039 ? 155 THR A O   1 
ATOM 640  C CB  . THR A 1 78  ? -1.99725  -8.17087  -7.78013  1.000 109.94086 ? 155 THR A CB  1 
ATOM 641  O OG1 . THR A 1 78  ? -3.41616  -8.06468  -7.60580  1.000 106.78741 ? 155 THR A OG1 1 
ATOM 642  C CG2 . THR A 1 78  ? -1.33462  -6.90127  -7.28850  1.000 110.53408 ? 155 THR A CG2 1 
ATOM 643  N N   . SER A 1 79  ? -3.28994  -10.12803 -9.84329  1.000 105.58676 ? 156 SER A N   1 
ATOM 644  C CA  . SER A 1 79  ? -3.67397  -11.47833 -10.23879 1.000 111.24861 ? 156 SER A CA  1 
ATOM 645  C C   . SER A 1 79  ? -3.08570  -11.85942 -11.59237 1.000 113.83100 ? 156 SER A C   1 
ATOM 646  O O   . SER A 1 79  ? -2.69787  -13.01450 -11.80429 1.000 118.94196 ? 156 SER A O   1 
ATOM 647  C CB  . SER A 1 79  ? -5.19759  -11.59902 -10.26649 1.000 100.04007 ? 156 SER A CB  1 
ATOM 648  O OG  . SER A 1 79  ? -5.76622  -10.65133 -11.15032 1.000 113.12320 ? 156 SER A OG  1 
ATOM 649  N N   . LEU A 1 80  ? -3.00957  -10.90570 -12.52105 1.000 111.26101 ? 157 LEU A N   1 
ATOM 650  C CA  . LEU A 1 80  ? -2.37034  -11.17420 -13.80597 1.000 115.43032 ? 157 LEU A CA  1 
ATOM 651  C C   . LEU A 1 80  ? -0.87667  -11.44471 -13.64856 1.000 118.75883 ? 157 LEU A C   1 
ATOM 652  O O   . LEU A 1 80  ? -0.34788  -12.40525 -14.22057 1.000 124.42354 ? 157 LEU A O   1 
ATOM 653  C CB  . LEU A 1 80  ? -2.61857  -10.01005 -14.76577 1.000 111.97502 ? 157 LEU A CB  1 
ATOM 654  C CG  . LEU A 1 80  ? -2.06179  -10.18322 -16.17763 1.000 115.51455 ? 157 LEU A CG  1 
ATOM 655  C CD1 . LEU A 1 80  ? -2.68764  -11.39614 -16.84194 1.000 110.12245 ? 157 LEU A CD1 1 
ATOM 656  C CD2 . LEU A 1 80  ? -2.32008  -8.93408  -17.00184 1.000 111.57498 ? 157 LEU A CD2 1 
ATOM 657  N N   . MET A 1 81  ? -0.17904  -10.60414 -12.87984 1.000 114.25669 ? 158 MET A N   1 
ATOM 658  C CA  . MET A 1 81  ? 1.24090   -10.82935 -12.61708 1.000 114.42374 ? 158 MET A CA  1 
ATOM 659  C C   . MET A 1 81  ? 1.48321   -12.16233 -11.91644 1.000 128.24962 ? 158 MET A C   1 
ATOM 660  O O   . MET A 1 81  ? 2.38558   -12.91872 -12.29364 1.000 142.24643 ? 158 MET A O   1 
ATOM 661  C CB  . MET A 1 81  ? 1.80476   -9.68114  -11.77800 1.000 125.79344 ? 158 MET A CB  1 
ATOM 662  C CG  . MET A 1 81  ? 1.78453   -8.30660  -12.44332 1.000 133.63875 ? 158 MET A CG  1 
ATOM 663  S SD  . MET A 1 81  ? 2.71834   -8.17380  -13.98393 1.000 142.47672 ? 158 MET A SD  1 
ATOM 664  C CE  . MET A 1 81  ? 1.43004   -8.41231  -15.20850 1.000 121.81583 ? 158 MET A CE  1 
ATOM 665  N N   . ASN A 1 82  ? 0.69123   -12.46195 -10.88267 1.000 132.60255 ? 159 ASN A N   1 
ATOM 666  C CA  . ASN A 1 82  ? 0.83296   -13.73183 -10.17388 1.000 131.88368 ? 159 ASN A CA  1 
ATOM 667  C C   . ASN A 1 82  ? 0.58985   -14.93339 -11.07923 1.000 126.93221 ? 159 ASN A C   1 
ATOM 668  O O   . ASN A 1 82  ? 1.14926   -16.01007 -10.84241 1.000 133.66988 ? 159 ASN A O   1 
ATOM 669  C CB  . ASN A 1 82  ? -0.12215  -13.77148 -8.98188  1.000 128.03298 ? 159 ASN A CB  1 
ATOM 670  C CG  . ASN A 1 82  ? 0.16839   -12.68432 -7.96834  1.000 132.24609 ? 159 ASN A CG  1 
ATOM 671  O OD1 . ASN A 1 82  ? 1.18543   -11.99558 -8.05382  1.000 133.84959 ? 159 ASN A OD1 1 
ATOM 672  N ND2 . ASN A 1 82  ? -0.72786  -12.52141 -7.00231  1.000 135.83925 ? 159 ASN A ND2 1 
ATOM 673  N N   . SER A 1 83  ? -0.23441  -14.77522 -12.11239 1.000 124.17345 ? 160 SER A N   1 
ATOM 674  C CA  . SER A 1 83  ? -0.47817  -15.84494 -13.07023 1.000 129.87863 ? 160 SER A CA  1 
ATOM 675  C C   . SER A 1 83  ? 0.66068   -16.05929 -14.05985 1.000 141.02873 ? 160 SER A C   1 
ATOM 676  O O   . SER A 1 83  ? 0.63782   -17.06091 -14.78347 1.000 149.99086 ? 160 SER A O   1 
ATOM 677  C CB  . SER A 1 83  ? -1.77089  -15.57091 -13.84501 1.000 124.05679 ? 160 SER A CB  1 
ATOM 678  O OG  . SER A 1 83  ? -2.87796  -15.44389 -12.96819 1.000 117.33691 ? 160 SER A OG  1 
ATOM 679  N N   . VAL A 1 84  ? 1.64875   -15.16499 -14.12296 1.000 141.81631 ? 161 VAL A N   1 
ATOM 680  C CA  . VAL A 1 84  ? 2.68926   -15.29136 -15.14074 1.000 141.64761 ? 161 VAL A CA  1 
ATOM 681  C C   . VAL A 1 84  ? 4.10098   -15.28693 -14.56256 1.000 152.92048 ? 161 VAL A C   1 
ATOM 682  O O   . VAL A 1 84  ? 5.05983   -15.61737 -15.26922 1.000 165.13471 ? 161 VAL A O   1 
ATOM 683  C CB  . VAL A 1 84  ? 2.55185   -14.17967 -16.19989 1.000 133.85618 ? 161 VAL A CB  1 
ATOM 684  C CG1 . VAL A 1 84  ? 1.15613   -14.18257 -16.81163 1.000 126.75894 ? 161 VAL A CG1 1 
ATOM 685  C CG2 . VAL A 1 84  ? 2.87229   -12.82309 -15.59261 1.000 136.93608 ? 161 VAL A CG2 1 
ATOM 686  N N   . ASN A 1 85  ? 4.25827   -14.92243 -13.29077 1.000 150.22092 ? 162 ASN A N   1 
ATOM 687  C CA  . ASN A 1 85  ? 5.56653   -15.03637 -12.65959 1.000 160.16350 ? 162 ASN A CA  1 
ATOM 688  C C   . ASN A 1 85  ? 5.43597   -15.44081 -11.19688 1.000 172.92846 ? 162 ASN A C   1 
ATOM 689  O O   . ASN A 1 85  ? 4.38599   -15.28111 -10.56952 1.000 167.54695 ? 162 ASN A O   1 
ATOM 690  C CB  . ASN A 1 85  ? 6.36573   -13.72538 -12.80597 1.000 169.23841 ? 162 ASN A CB  1 
ATOM 691  C CG  . ASN A 1 85  ? 5.87588   -12.61588 -11.88264 1.000 167.20540 ? 162 ASN A CG  1 
ATOM 692  O OD1 . ASN A 1 85  ? 5.95818   -12.71443 -10.65763 1.000 168.71594 ? 162 ASN A OD1 1 
ATOM 693  N ND2 . ASN A 1 85  ? 5.36454   -11.54440 -12.47878 1.000 157.06952 ? 162 ASN A ND2 1 
ATOM 694  N N   . ARG A 1 86  ? 6.54005   -15.97381 -10.66684 1.000 180.71364 ? 163 ARG A N   1 
ATOM 695  C CA  . ARG A 1 86  ? 6.60006   -16.57416 -9.33922  1.000 178.59782 ? 163 ARG A CA  1 
ATOM 696  C C   . ARG A 1 86  ? 6.71275   -15.55415 -8.21128  1.000 186.77736 ? 163 ARG A C   1 
ATOM 697  O O   . ARG A 1 86  ? 6.54104   -15.92823 -7.04601  1.000 191.02889 ? 163 ARG A O   1 
ATOM 698  C CB  . ARG A 1 86  ? 7.78303   -17.54430 -9.26026  1.000 180.33731 ? 163 ARG A CB  1 
ATOM 699  C CG  . ARG A 1 86  ? 7.67705   -18.73946 -10.19504 1.000 172.02635 ? 163 ARG A CG  1 
ATOM 700  C CD  . ARG A 1 86  ? 8.85086   -19.68932 -10.00972 1.000 170.17397 ? 163 ARG A CD  1 
ATOM 701  N NE  . ARG A 1 86  ? 8.80253   -20.80889 -10.94286 1.000 176.30524 ? 163 ARG A NE  1 
ATOM 702  C CZ  . ARG A 1 86  ? 9.78037   -21.68933 -11.10849 1.000 173.18838 ? 163 ARG A CZ  1 
ATOM 703  N NH1 . ARG A 1 86  ? 10.89696  -21.62341 -10.40168 1.000 159.32712 ? 163 ARG A NH1 1 
ATOM 704  N NH2 . ARG A 1 86  ? 9.63167   -22.66413 -12.00139 1.000 174.39857 ? 163 ARG A NH2 1 
ATOM 705  N N   . GLN A 1 87  ? 6.99547   -14.28674 -8.51928  1.000 191.02920 ? 164 GLN A N   1 
ATOM 706  C CA  . GLN A 1 87  ? 7.08687   -13.23222 -7.50580  1.000 182.62468 ? 164 GLN A CA  1 
ATOM 707  C C   . GLN A 1 87  ? 5.68387   -12.74308 -7.13811  1.000 183.29044 ? 164 GLN A C   1 
ATOM 708  O O   . GLN A 1 87  ? 5.25843   -11.63313 -7.46657  1.000 178.47194 ? 164 GLN A O   1 
ATOM 709  C CB  . GLN A 1 87  ? 7.97561   -12.09497 -7.99425  1.000 170.76123 ? 164 GLN A CB  1 
ATOM 710  C CG  . GLN A 1 87  ? 8.27922   -11.01503 -6.94938  1.000 162.79010 ? 164 GLN A CG  1 
ATOM 711  C CD  . GLN A 1 87  ? 9.25119   -11.46539 -5.86390  1.000 165.27829 ? 164 GLN A CD  1 
ATOM 712  O OE1 . GLN A 1 87  ? 9.34590   -12.64871 -5.53759  1.000 168.94524 ? 164 GLN A OE1 1 
ATOM 713  N NE2 . GLN A 1 87  ? 9.97940   -10.50971 -5.29798  1.000 158.17335 ? 164 GLN A NE2 1 
ATOM 714  N N   . HIS A 1 88  ? 4.95025   -13.62541 -6.46094  1.000 180.37415 ? 165 HIS A N   1 
ATOM 715  C CA  . HIS A 1 88  ? 3.54453   -13.38846 -6.15374  1.000 175.20929 ? 165 HIS A CA  1 
ATOM 716  C C   . HIS A 1 88  ? 3.38443   -12.13476 -5.29861  1.000 165.03019 ? 165 HIS A C   1 
ATOM 717  O O   . HIS A 1 88  ? 3.88346   -12.07256 -4.17062  1.000 170.02157 ? 165 HIS A O   1 
ATOM 718  C CB  . HIS A 1 88  ? 2.96298   -14.60769 -5.44101  1.000 173.07158 ? 165 HIS A CB  1 
ATOM 719  C CG  . HIS A 1 88  ? 2.96631   -15.85000 -6.27711  1.000 168.07807 ? 165 HIS A CG  1 
ATOM 720  N ND1 . HIS A 1 88  ? 2.20978   -15.98046 -7.42203  1.000 159.73423 ? 165 HIS A ND1 1 
ATOM 721  C CD2 . HIS A 1 88  ? 3.64262   -17.01520 -6.13838  1.000 167.40176 ? 165 HIS A CD2 1 
ATOM 722  C CE1 . HIS A 1 88  ? 2.41720   -17.17357 -7.95045  1.000 162.24968 ? 165 HIS A CE1 1 
ATOM 723  N NE2 . HIS A 1 88  ? 3.28210   -17.82139 -7.19066  1.000 168.37377 ? 165 HIS A NE2 1 
ATOM 724  N N   . LYS A 1 89  ? 2.69015   -11.13623 -5.85460  1.000 156.51135 ? 166 LYS A N   1 
ATOM 725  C CA  . LYS A 1 89  ? 2.78118   -9.76437  -5.35685  1.000 160.36144 ? 166 LYS A CA  1 
ATOM 726  C C   . LYS A 1 89  ? 2.33588   -9.63747  -3.90179  1.000 157.86645 ? 166 LYS A C   1 
ATOM 727  O O   . LYS A 1 89  ? 2.95447   -8.90272  -3.12233  1.000 152.80821 ? 166 LYS A O   1 
ATOM 728  C CB  . LYS A 1 89  ? 1.95476   -8.83458  -6.24648  1.000 149.43487 ? 166 LYS A CB  1 
ATOM 729  C CG  . LYS A 1 89  ? 2.48609   -8.69217  -7.66411  1.000 141.91890 ? 166 LYS A CG  1 
ATOM 730  C CD  . LYS A 1 89  ? 3.93937   -8.24836  -7.66607  1.000 140.30449 ? 166 LYS A CD  1 
ATOM 731  C CE  . LYS A 1 89  ? 4.35812   -7.73758  -9.03463  1.000 132.96718 ? 166 LYS A CE  1 
ATOM 732  N NZ  . LYS A 1 89  ? 5.82943   -7.52575  -9.11808  1.000 139.80778 ? 166 LYS A NZ  1 
ATOM 733  N N   . TYR A 1 90  ? 1.26150   -10.33492 -3.51753  1.000 148.32377 ? 167 TYR A N   1 
ATOM 734  C CA  . TYR A 1 90  ? 0.62829   -10.08250 -2.22344  1.000 141.52959 ? 167 TYR A CA  1 
ATOM 735  C C   . TYR A 1 90  ? 1.53949   -10.34690 -1.02957  1.000 146.79305 ? 167 TYR A C   1 
ATOM 736  O O   . TYR A 1 90  ? 1.26464   -9.83120  0.05999   1.000 138.18912 ? 167 TYR A O   1 
ATOM 737  C CB  . TYR A 1 90  ? -0.65802  -10.90083 -2.08786  1.000 133.57180 ? 167 TYR A CB  1 
ATOM 738  C CG  . TYR A 1 90  ? -1.78557  -10.40951 -2.96838  1.000 131.88200 ? 167 TYR A CG  1 
ATOM 739  C CD1 . TYR A 1 90  ? -2.57073  -9.33085  -2.57741  1.000 119.47419 ? 167 TYR A CD1 1 
ATOM 740  C CD2 . TYR A 1 90  ? -2.05704  -11.00655 -4.19079  1.000 128.90322 ? 167 TYR A CD2 1 
ATOM 741  C CE1 . TYR A 1 90  ? -3.61501  -8.88162  -3.36368  1.000 105.79590 ? 167 TYR A CE1 1 
ATOM 742  C CE2 . TYR A 1 90  ? -3.08785  -10.55080 -4.99429  1.000 126.58840 ? 167 TYR A CE2 1 
ATOM 743  C CZ  . TYR A 1 90  ? -3.86650  -9.49174  -4.57232  1.000 120.57713 ? 167 TYR A CZ  1 
ATOM 744  O OH  . TYR A 1 90  ? -4.88253  -9.02333  -5.37634  1.000 114.26462 ? 167 TYR A OH  1 
ATOM 745  N N   . ASN A 1 91  ? 2.61051   -11.12791 -1.19131  1.000 164.42422 ? 168 ASN A N   1 
ATOM 746  C CA  . ASN A 1 91  ? 3.57553   -11.24609 -0.10235  1.000 147.91248 ? 168 ASN A CA  1 
ATOM 747  C C   . ASN A 1 91  ? 4.25640   -9.92152  0.23104   1.000 144.18735 ? 168 ASN A C   1 
ATOM 748  O O   . ASN A 1 91  ? 4.89834   -9.82060  1.28271   1.000 144.09439 ? 168 ASN A O   1 
ATOM 749  C CB  . ASN A 1 91  ? 4.61124   -12.33400 -0.43307  1.000 152.93887 ? 168 ASN A CB  1 
ATOM 750  C CG  . ASN A 1 91  ? 5.56860   -11.94257 -1.55983  1.000 160.45816 ? 168 ASN A CG  1 
ATOM 751  O OD1 . ASN A 1 91  ? 5.59242   -10.80343 -2.02640  1.000 162.72304 ? 168 ASN A OD1 1 
ATOM 752  N ND2 . ASN A 1 91  ? 6.37224   -12.90562 -1.99591  1.000 159.73785 ? 168 ASN A ND2 1 
ATOM 753  N N   . SER A 1 92  ? 4.12731   -8.91165  -0.63173  1.000 138.45543 ? 169 SER A N   1 
ATOM 754  C CA  . SER A 1 92  ? 4.67493   -7.58074  -0.39800  1.000 123.05733 ? 169 SER A CA  1 
ATOM 755  C C   . SER A 1 92  ? 3.58862   -6.51688  -0.29384  1.000 118.11372 ? 169 SER A C   1 
ATOM 756  O O   . SER A 1 92  ? 3.90771   -5.32250  -0.26233  1.000 108.18440 ? 169 SER A O   1 
ATOM 757  C CB  . SER A 1 92  ? 5.66542   -7.20761  -1.50448  1.000 123.82162 ? 169 SER A CB  1 
ATOM 758  O OG  . SER A 1 92  ? 4.99804   -6.99855  -2.73671  1.000 128.74253 ? 169 SER A OG  1 
ATOM 759  N N   . VAL A 1 93  ? 2.31851   -6.91393  -0.24758  1.000 118.74925 ? 170 VAL A N   1 
ATOM 760  C CA  . VAL A 1 93  ? 1.19511   -5.98415  -0.20011  1.000 104.30766 ? 170 VAL A CA  1 
ATOM 761  C C   . VAL A 1 93  ? 0.69935   -5.87396  1.23504   1.000 107.29325 ? 170 VAL A C   1 
ATOM 762  O O   . VAL A 1 93  ? 0.48262   -6.88968  1.90901   1.000 112.16774 ? 170 VAL A O   1 
ATOM 763  C CB  . VAL A 1 93  ? 0.06334   -6.43652  -1.13967  1.000 108.04868 ? 170 VAL A CB  1 
ATOM 764  C CG1 . VAL A 1 93  ? -1.16299  -5.55994  -0.95898  1.000 108.16138 ? 170 VAL A CG1 1 
ATOM 765  C CG2 . VAL A 1 93  ? 0.53009   -6.40741  -2.58573  1.000 112.55496 ? 170 VAL A CG2 1 
ATOM 766  N N   . ILE A 1 94  ? 0.53274   -4.64042  1.70415   1.000 102.18953 ? 171 ILE A N   1 
ATOM 767  C CA  . ILE A 1 94  ? 0.04808   -4.36054  3.05337   1.000 91.96692  ? 171 ILE A CA  1 
ATOM 768  C C   . ILE A 1 94  ? -1.22000  -3.51785  2.97151   1.000 94.64649  ? 171 ILE A C   1 
ATOM 769  O O   . ILE A 1 94  ? -1.14792  -2.32292  2.65019   1.000 100.03789 ? 171 ILE A O   1 
ATOM 770  C CB  . ILE A 1 94  ? 1.12108   -3.65402  3.89452   1.000 99.77543  ? 171 ILE A CB  1 
ATOM 771  C CG1 . ILE A 1 94  ? 2.36745   -4.53395  4.01537   1.000 105.95096 ? 171 ILE A CG1 1 
ATOM 772  C CG2 . ILE A 1 94  ? 0.56748   -3.30626  5.26531   1.000 91.99458  ? 171 ILE A CG2 1 
ATOM 773  C CD1 . ILE A 1 94  ? 2.11563   -5.86354  4.69576   1.000 116.80115 ? 171 ILE A CD1 1 
ATOM 774  N N   . PRO A 1 95  ? -2.39218  -4.08258  3.25714   1.000 93.73359  ? 172 PRO A N   1 
ATOM 775  C CA  . PRO A 1 95  ? -3.58535  -3.24655  3.45694   1.000 91.64908  ? 172 PRO A CA  1 
ATOM 776  C C   . PRO A 1 95  ? -3.51520  -2.48467  4.77338   1.000 82.87826  ? 172 PRO A C   1 
ATOM 777  O O   . PRO A 1 95  ? -3.21473  -3.05743  5.82159   1.000 85.95436  ? 172 PRO A O   1 
ATOM 778  C CB  . PRO A 1 95  ? -4.73620  -4.25940  3.44828   1.000 85.45659  ? 172 PRO A CB  1 
ATOM 779  C CG  . PRO A 1 95  ? -4.11669  -5.54922  3.86604   1.000 91.74914  ? 172 PRO A CG  1 
ATOM 780  C CD  . PRO A 1 95  ? -2.66782  -5.51669  3.45459   1.000 94.88336  ? 172 PRO A CD  1 
ATOM 781  N N   . MET A 1 96  ? -3.78206  -1.18112  4.70989   1.000 87.62803  ? 173 MET A N   1 
ATOM 782  C CA  . MET A 1 96  ? -3.82928  -0.32755  5.89136   1.000 88.04356  ? 173 MET A CA  1 
ATOM 783  C C   . MET A 1 96  ? -5.17088  0.39044   5.96270   1.000 88.36217  ? 173 MET A C   1 
ATOM 784  O O   . MET A 1 96  ? -5.65084  0.92593   4.95743   1.000 89.11998  ? 173 MET A O   1 
ATOM 785  C CB  . MET A 1 96  ? -2.68761  0.69309   5.89421   1.000 80.82769  ? 173 MET A CB  1 
ATOM 786  C CG  . MET A 1 96  ? -2.65722  1.54033   7.15853   1.000 93.30954  ? 173 MET A CG  1 
ATOM 787  S SD  . MET A 1 96  ? -1.60284  2.99658   7.07049   1.000 112.27982 ? 173 MET A SD  1 
ATOM 788  C CE  . MET A 1 96  ? 0.01304   2.23080   6.96700   1.000 110.50740 ? 173 MET A CE  1 
ATOM 789  N N   . ARG A 1 97  ? -5.77253  0.39248   7.15513   1.000 81.37494  ? 174 ARG A N   1 
ATOM 790  C CA  . ARG A 1 97  ? -6.89193  1.26801   7.47107   1.000 85.43233  ? 174 ARG A CA  1 
ATOM 791  C C   . ARG A 1 97  ? -6.39258  2.51235   8.18487   1.000 90.93060  ? 174 ARG A C   1 
ATOM 792  O O   . ARG A 1 97  ? -5.85726  2.40044   9.30059   1.000 85.46673  ? 174 ARG A O   1 
ATOM 793  C CB  . ARG A 1 97  ? -7.91054  0.53464   8.33369   1.000 85.32873  ? 174 ARG A CB  1 
ATOM 794  C CG  . ARG A 1 97  ? -8.60946  -0.58781  7.59029   1.000 90.63516  ? 174 ARG A CG  1 
ATOM 795  C CD  . ARG A 1 97  ? -9.69363  -1.23501  8.42418   1.000 88.44002  ? 174 ARG A CD  1 
ATOM 796  N NE  . ARG A 1 97  ? -10.18207 -2.45328  7.78945   1.000 88.49228  ? 174 ARG A NE  1 
ATOM 797  C CZ  . ARG A 1 97  ? -9.66539  -3.65768  7.98793   1.000 100.88756 ? 174 ARG A CZ  1 
ATOM 798  N NH1 . ARG A 1 97  ? -8.79133  -3.88240  8.95704   1.000 104.75699 ? 174 ARG A NH1 1 
ATOM 799  N NH2 . ARG A 1 97  ? -10.08269 -4.67378  7.23717   1.000 94.94595  ? 174 ARG A NH2 1 
ATOM 800  N N   . PRO A 1 98  ? -6.54051  3.69914   7.60489   1.000 90.79747  ? 175 PRO A N   1 
ATOM 801  C CA  . PRO A 1 98  ? -6.07816  4.91777   8.27183   1.000 89.42933  ? 175 PRO A CA  1 
ATOM 802  C C   . PRO A 1 98  ? -7.07564  5.39843   9.31836   1.000 99.39237  ? 175 PRO A C   1 
ATOM 803  O O   . PRO A 1 98  ? -8.19465  4.89792   9.43605   1.000 98.27820  ? 175 PRO A O   1 
ATOM 804  C CB  . PRO A 1 98  ? -5.96272  5.91017   7.11345   1.000 94.75197  ? 175 PRO A CB  1 
ATOM 805  C CG  . PRO A 1 98  ? -7.08384  5.50468   6.21290   1.000 87.63239  ? 175 PRO A CG  1 
ATOM 806  C CD  . PRO A 1 98  ? -7.09992  3.98846   6.27202   1.000 90.35700  ? 175 PRO A CD  1 
ATOM 807  N N   . LEU A 1 99  ? -6.63763  6.40203   10.08426  1.000 104.76204 ? 176 LEU A N   1 
ATOM 808  C CA  . LEU A 1 99  ? -7.48957  6.98612   11.11682  1.000 108.43277 ? 176 LEU A CA  1 
ATOM 809  C C   . LEU A 1 99  ? -8.72784  7.66014   10.54017  1.000 107.27060 ? 176 LEU A C   1 
ATOM 810  O O   . LEU A 1 99  ? -9.77562  7.68945   11.19625  1.000 117.93807 ? 176 LEU A O   1 
ATOM 811  C CB  . LEU A 1 99  ? -6.69679  7.99532   11.94839  1.000 98.97342  ? 176 LEU A CB  1 
ATOM 812  C CG  . LEU A 1 99  ? -5.70869  7.44943   12.97732  1.000 106.65998 ? 176 LEU A CG  1 
ATOM 813  C CD1 . LEU A 1 99  ? -4.91620  8.58869   13.59759  1.000 105.40170 ? 176 LEU A CD1 1 
ATOM 814  C CD2 . LEU A 1 99  ? -6.43134  6.64814   14.04872  1.000 109.25248 ? 176 LEU A CD2 1 
ATOM 815  N N   . ASN A 1 100 ? -8.63870  8.20173   9.32930   1.000 105.84967 ? 177 ASN A N   1 
ATOM 816  C CA  . ASN A 1 100 ? -9.72231  8.97957   8.74416   1.000 106.27913 ? 177 ASN A CA  1 
ATOM 817  C C   . ASN A 1 100 ? -10.40187 8.20742   7.62239   1.000 111.44870 ? 177 ASN A C   1 
ATOM 818  O O   . ASN A 1 100 ? -9.74308  7.77462   6.67019   1.000 114.44846 ? 177 ASN A O   1 
ATOM 819  C CB  . ASN A 1 100 ? -9.20039  10.31727  8.21438   1.000 106.57570 ? 177 ASN A CB  1 
ATOM 820  C CG  . ASN A 1 100 ? -8.65008  11.20392  9.31389   1.000 110.17440 ? 177 ASN A CG  1 
ATOM 821  O OD1 . ASN A 1 100 ? -9.33418  11.49061  10.29553  1.000 115.04025 ? 177 ASN A OD1 1 
ATOM 822  N ND2 . ASN A 1 100 ? -7.40791  11.64350  9.15436   1.000 101.57726 ? 177 ASN A ND2 1 
ATOM 823  N N   . ASN A 1 101 ? -11.72159 8.06096   7.73632   1.000 104.42937 ? 178 ASN A N   1 
ATOM 824  C CA  . ASN A 1 101 ? -12.54620 7.35805   6.76040   1.000 99.16456  ? 178 ASN A CA  1 
ATOM 825  C C   . ASN A 1 101 ? -12.01367 5.98320   6.33668   1.000 103.83952 ? 178 ASN A C   1 
ATOM 826  O O   . ASN A 1 101 ? -11.91442 5.69403   5.14319   1.000 91.87885  ? 178 ASN A O   1 
ATOM 827  C CB  . ASN A 1 101 ? -12.76052 8.23740   5.53595   1.000 107.56783 ? 178 ASN A CB  1 
ATOM 828  C CG  . ASN A 1 101 ? -13.50246 9.51913   5.86453   1.000 112.88514 ? 178 ASN A CG  1 
ATOM 829  O OD1 . ASN A 1 101 ? -14.51014 9.50133   6.57281   1.000 118.54778 ? 178 ASN A OD1 1 
ATOM 830  N ND2 . ASN A 1 101 ? -13.00411 10.64044  5.35697   1.000 141.21352 ? 178 ASN A ND2 1 
ATOM 831  N N   . PRO A 1 102 ? -11.66157 5.11537   7.28834   1.000 99.99314  ? 179 PRO A N   1 
ATOM 832  C CA  . PRO A 1 102 ? -11.19099 3.78096   6.90398   1.000 95.62963  ? 179 PRO A CA  1 
ATOM 833  C C   . PRO A 1 102 ? -12.30905 2.95520   6.28894   1.000 97.04393  ? 179 PRO A C   1 
ATOM 834  O O   . PRO A 1 102 ? -13.48855 3.11732   6.61245   1.000 92.08327  ? 179 PRO A O   1 
ATOM 835  C CB  . PRO A 1 102 ? -10.72289 3.17287   8.22982   1.000 94.68440  ? 179 PRO A CB  1 
ATOM 836  C CG  . PRO A 1 102 ? -11.56357 3.84234   9.24756   1.000 88.49161  ? 179 PRO A CG  1 
ATOM 837  C CD  . PRO A 1 102 ? -11.77500 5.24475   8.75382   1.000 89.67920  ? 179 PRO A CD  1 
ATOM 838  N N   . LEU A 1 103 ? -11.92166 2.05276   5.40205   1.000 97.10004  ? 180 LEU A N   1 
ATOM 839  C CA  . LEU A 1 103 ? -12.85537 1.06231   4.88466   1.000 87.73000  ? 180 LEU A CA  1 
ATOM 840  C C   . LEU A 1 103 ? -13.16678 0.05316   5.98118   1.000 90.93901  ? 180 LEU A C   1 
ATOM 841  O O   . LEU A 1 103 ? -12.23758 -0.56577  6.51935   1.000 87.52802  ? 180 LEU A O   1 
ATOM 842  C CB  . LEU A 1 103 ? -12.27379 0.36465   3.65794   1.000 88.90028  ? 180 LEU A CB  1 
ATOM 843  C CG  . LEU A 1 103 ? -13.19635 -0.63063  2.94882   1.000 90.42850  ? 180 LEU A CG  1 
ATOM 844  C CD1 . LEU A 1 103 ? -14.40529 0.08440   2.36196   1.000 83.03778  ? 180 LEU A CD1 1 
ATOM 845  C CD2 . LEU A 1 103 ? -12.44233 -1.39077  1.86866   1.000 77.94058  ? 180 LEU A CD2 1 
ATOM 846  N N   . PRO A 1 104 ? -14.43135 -0.11983  6.36927   1.000 91.55374  ? 181 PRO A N   1 
ATOM 847  C CA  . PRO A 1 104 ? -14.76136 -1.13735  7.37480   1.000 85.46548  ? 181 PRO A CA  1 
ATOM 848  C C   . PRO A 1 104 ? -14.30046 -2.52639  6.95545   1.000 93.80526  ? 181 PRO A C   1 
ATOM 849  O O   . PRO A 1 104 ? -14.16948 -2.83344  5.76786   1.000 95.22455  ? 181 PRO A O   1 
ATOM 850  C CB  . PRO A 1 104 ? -16.28913 -1.06111  7.46289   1.000 88.89338  ? 181 PRO A CB  1 
ATOM 851  C CG  . PRO A 1 104 ? -16.60648 0.34373   7.05317   1.000 90.54520  ? 181 PRO A CG  1 
ATOM 852  C CD  . PRO A 1 104 ? -15.61089 0.66795   5.97261   1.000 88.48272  ? 181 PRO A CD  1 
ATOM 853  N N   . ARG A 1 105 ? -14.04156 -3.36459  7.96271   1.000 93.16029  ? 182 ARG A N   1 
ATOM 854  C CA  . ARG A 1 105 ? -13.71528 -4.76739  7.71891   1.000 87.59737  ? 182 ARG A CA  1 
ATOM 855  C C   . ARG A 1 105 ? -14.80020 -5.46088  6.90086   1.000 93.67430  ? 182 ARG A C   1 
ATOM 856  O O   . ARG A 1 105 ? -14.50811 -6.14484  5.91254   1.000 100.54421 ? 182 ARG A O   1 
ATOM 857  C CB  . ARG A 1 105 ? -13.49039 -5.49222  9.04628   1.000 92.66506  ? 182 ARG A CB  1 
ATOM 858  C CG  . ARG A 1 105 ? -13.05553 -6.93900  8.88753   1.000 114.76273 ? 182 ARG A CG  1 
ATOM 859  C CD  . ARG A 1 105 ? -13.15407 -7.70141  10.19829  1.000 132.74733 ? 182 ARG A CD  1 
ATOM 860  N NE  . ARG A 1 105 ? -12.81852 -9.11076  10.03140  1.000 149.85577 ? 182 ARG A NE  1 
ATOM 861  C CZ  . ARG A 1 105 ? -13.64566 -10.02812 9.54860   1.000 135.12042 ? 182 ARG A CZ  1 
ATOM 862  N NH1 . ARG A 1 105 ? -14.88756 -9.72759  9.20433   1.000 120.48475 ? 182 ARG A NH1 1 
ATOM 863  N NH2 . ARG A 1 105 ? -13.21853 -11.28061 9.41571   1.000 134.19745 ? 182 ARG A NH2 1 
ATOM 864  N N   . GLU A 1 106 ? -16.06458 -5.29547  7.30036   1.000 89.91176  ? 183 GLU A N   1 
ATOM 865  C CA  . GLU A 1 106 ? -17.17680 -5.92785  6.59718   1.000 101.93779 ? 183 GLU A CA  1 
ATOM 866  C C   . GLU A 1 106 ? -17.38754 -5.39178  5.18578   1.000 99.73041  ? 183 GLU A C   1 
ATOM 867  O O   . GLU A 1 106 ? -18.23970 -5.92351  4.46560   1.000 97.06943  ? 183 GLU A O   1 
ATOM 868  C CB  . GLU A 1 106 ? -18.47029 -5.76871  7.40314   1.000 95.29192  ? 183 GLU A CB  1 
ATOM 869  C CG  . GLU A 1 106 ? -18.89798 -4.32759  7.63195   1.000 101.40150 ? 183 GLU A CG  1 
ATOM 870  C CD  . GLU A 1 106 ? -18.40834 -3.77772  8.95703   1.000 121.06591 ? 183 GLU A CD  1 
ATOM 871  O OE1 . GLU A 1 106 ? -17.30912 -4.17425  9.39951   1.000 119.91309 ? 183 GLU A OE1 1 
ATOM 872  O OE2 . GLU A 1 106 ? -19.12440 -2.94819  9.55705   1.000 131.06539 ? 183 GLU A OE2 1 
ATOM 873  N N   . ARG A 1 107 ? -16.64851 -4.36460  4.77245   1.000 89.10006  ? 184 ARG A N   1 
ATOM 874  C CA  . ARG A 1 107 ? -16.63393 -3.93268  3.38274   1.000 89.78365  ? 184 ARG A CA  1 
ATOM 875  C C   . ARG A 1 107 ? -15.28187 -4.13756  2.71287   1.000 95.05088  ? 184 ARG A C   1 
ATOM 876  O O   . ARG A 1 107 ? -15.14848 -3.85713  1.51667   1.000 101.05522 ? 184 ARG A O   1 
ATOM 877  C CB  . ARG A 1 107 ? -17.06693 -2.46608  3.28320   1.000 90.92067  ? 184 ARG A CB  1 
ATOM 878  C CG  . ARG A 1 107 ? -18.55516 -2.28108  3.54302   1.000 96.12314  ? 184 ARG A CG  1 
ATOM 879  C CD  . ARG A 1 107 ? -19.03444 -0.86414  3.26959   1.000 96.38105  ? 184 ARG A CD  1 
ATOM 880  N NE  . ARG A 1 107 ? -20.48591 -0.77644  3.39359   1.000 109.70998 ? 184 ARG A NE  1 
ATOM 881  C CZ  . ARG A 1 107 ? -21.17116 0.35659   3.45614   1.000 113.09692 ? 184 ARG A CZ  1 
ATOM 882  N NH1 . ARG A 1 107 ? -20.56851 1.53274   3.39917   1.000 121.76311 ? 184 ARG A NH1 1 
ATOM 883  N NH2 . ARG A 1 107 ? -22.49475 0.30761   3.57691   1.000 125.03105 ? 184 ARG A NH2 1 
ATOM 884  N N   . THR A 1 108 ? -14.28181 -4.60509  3.44855   1.000 86.24557  ? 185 THR A N   1 
ATOM 885  C CA  . THR A 1 108 ? -12.98657 -4.91388  2.85357   1.000 82.15621  ? 185 THR A CA  1 
ATOM 886  C C   . THR A 1 108 ? -13.10787 -6.14917  1.96664   1.000 87.09620  ? 185 THR A C   1 
ATOM 887  O O   . THR A 1 108 ? -13.68124 -7.15625  2.39600   1.000 98.18396  ? 185 THR A O   1 
ATOM 888  C CB  . THR A 1 108 ? -11.94504 -5.15077  3.94778   1.000 86.93385  ? 185 THR A CB  1 
ATOM 889  O OG1 . THR A 1 108 ? -11.80744 -3.96578  4.74214   1.000 88.95135  ? 185 THR A OG1 1 
ATOM 890  C CG2 . THR A 1 108 ? -10.59511 -5.50793  3.34367   1.000 85.13927  ? 185 THR A CG2 1 
ATOM 891  N N   . PRO A 1 109 ? -12.59226 -6.11711  0.73671   1.000 91.14928  ? 186 PRO A N   1 
ATOM 892  C CA  . PRO A 1 109 ? -12.73092 -7.28218  -0.14652  1.000 88.34051  ? 186 PRO A CA  1 
ATOM 893  C C   . PRO A 1 109 ? -11.96186 -8.48439  0.38329   1.000 81.07556  ? 186 PRO A C   1 
ATOM 894  O O   . PRO A 1 109 ? -10.88842 -8.34852  0.97531   1.000 87.60389  ? 186 PRO A O   1 
ATOM 895  C CB  . PRO A 1 109 ? -12.16445 -6.78502  -1.48215  1.000 87.26697  ? 186 PRO A CB  1 
ATOM 896  C CG  . PRO A 1 109 ? -11.23863 -5.67825  -1.10616  1.000 83.32998  ? 186 PRO A CG  1 
ATOM 897  C CD  . PRO A 1 109 ? -11.88452 -5.00812  0.07343   1.000 90.69066  ? 186 PRO A CD  1 
ATOM 898  N N   . PHE A 1 110 ? -12.54180 -9.67215  0.16785   1.000 89.15089  ? 187 PHE A N   1 
ATOM 899  C CA  . PHE A 1 110 ? -12.08926 -10.88388 0.85096   1.000 83.23184  ? 187 PHE A CA  1 
ATOM 900  C C   . PHE A 1 110 ? -10.62864 -11.21395 0.56695   1.000 84.03656  ? 187 PHE A C   1 
ATOM 901  O O   . PHE A 1 110 ? -9.94144  -11.76222 1.43657   1.000 90.52053  ? 187 PHE A O   1 
ATOM 902  C CB  . PHE A 1 110 ? -12.96406 -12.07507 0.45320   1.000 77.75557  ? 187 PHE A CB  1 
ATOM 903  C CG  . PHE A 1 110 ? -14.42275 -11.89603 0.76589   1.000 86.89728  ? 187 PHE A CG  1 
ATOM 904  C CD1 . PHE A 1 110 ? -14.82733 -11.37863 1.98578   1.000 83.12479  ? 187 PHE A CD1 1 
ATOM 905  C CD2 . PHE A 1 110 ? -15.39108 -12.27207 -0.15179  1.000 83.94008  ? 187 PHE A CD2 1 
ATOM 906  C CE1 . PHE A 1 110 ? -16.16881 -11.22057 2.27684   1.000 76.02600  ? 187 PHE A CE1 1 
ATOM 907  C CE2 . PHE A 1 110 ? -16.73523 -12.11918 0.13480   1.000 85.72042  ? 187 PHE A CE2 1 
ATOM 908  C CZ  . PHE A 1 110 ? -17.12456 -11.59267 1.35085   1.000 82.84966  ? 187 PHE A CZ  1 
ATOM 909  N N   . ALA A 1 111 ? -10.13813 -10.90201 -0.63557  1.000 92.23318  ? 188 ALA A N   1 
ATOM 910  C CA  . ALA A 1 111 ? -8.72732  -11.13032 -0.94068  1.000 78.50066  ? 188 ALA A CA  1 
ATOM 911  C C   . ALA A 1 111 ? -7.81250  -10.38191 0.02156   1.000 84.70804  ? 188 ALA A C   1 
ATOM 912  O O   . ALA A 1 111 ? -6.77390  -10.90835 0.43857   1.000 89.35038  ? 188 ALA A O   1 
ATOM 913  C CB  . ALA A 1 111 ? -8.42980  -10.72523 -2.38415  1.000 85.21633  ? 188 ALA A CB  1 
ATOM 914  N N   . LEU A 1 112 ? -8.17551  -9.15130  0.38215   1.000 89.61253  ? 189 LEU A N   1 
ATOM 915  C CA  . LEU A 1 112 ? -7.38828  -8.39584  1.35089   1.000 93.34594  ? 189 LEU A CA  1 
ATOM 916  C C   . LEU A 1 112 ? -7.60630  -8.86500  2.78563   1.000 91.09097  ? 189 LEU A C   1 
ATOM 917  O O   . LEU A 1 112 ? -6.71493  -8.69945  3.62533   1.000 98.86336  ? 189 LEU A O   1 
ATOM 918  C CB  . LEU A 1 112 ? -7.70878  -6.90519  1.23185   1.000 89.20381  ? 189 LEU A CB  1 
ATOM 919  C CG  . LEU A 1 112 ? -7.42735  -6.29101  -0.14134  1.000 86.58105  ? 189 LEU A CG  1 
ATOM 920  C CD1 . LEU A 1 112 ? -7.67273  -4.78896  -0.13319  1.000 77.40763  ? 189 LEU A CD1 1 
ATOM 921  C CD2 . LEU A 1 112 ? -6.00732  -6.60832  -0.59016  1.000 82.10053  ? 189 LEU A CD2 1 
ATOM 922  N N   . GLN A 1 113 ? -8.77084  -9.44329  3.08763   1.000 93.16401  ? 190 GLN A N   1 
ATOM 923  C CA  . GLN A 1 113 ? -8.98929  -10.06505 4.38997   1.000 93.07304  ? 190 GLN A CA  1 
ATOM 924  C C   . GLN A 1 113 ? -8.10839  -11.28533 4.64040   1.000 97.95587  ? 190 GLN A C   1 
ATOM 925  O O   . GLN A 1 113 ? -7.96162  -11.69088 5.79799   1.000 107.57546 ? 190 GLN A O   1 
ATOM 926  C CB  . GLN A 1 113 ? -10.46051 -10.45366 4.54526   1.000 93.96050  ? 190 GLN A CB  1 
ATOM 927  C CG  . GLN A 1 113 ? -11.42218 -9.27732  4.49661   1.000 90.32131  ? 190 GLN A CG  1 
ATOM 928  C CD  . GLN A 1 113 ? -12.81138 -9.64497  4.97665   1.000 100.43453 ? 190 GLN A CD  1 
ATOM 929  O OE1 . GLN A 1 113 ? -12.97351 -10.50484 5.84361   1.000 118.85071 ? 190 GLN A OE1 1 
ATOM 930  N NE2 . GLN A 1 113 ? -13.82389 -8.99655  4.41345   1.000 90.50684  ? 190 GLN A NE2 1 
ATOM 931  N N   . THR A 1 114 ? -7.52137  -11.88296 3.60137   1.000 100.70268 ? 191 THR A N   1 
ATOM 932  C CA  . THR A 1 114 ? -6.55366  -12.95218 3.82928   1.000 101.89914 ? 191 THR A CA  1 
ATOM 933  C C   . THR A 1 114 ? -5.23296  -12.45035 4.40124   1.000 109.40846 ? 191 THR A C   1 
ATOM 934  O O   . THR A 1 114 ? -4.42488  -13.26957 4.85189   1.000 112.91145 ? 191 THR A O   1 
ATOM 935  C CB  . THR A 1 114 ? -6.28697  -13.71811 2.53017   1.000 100.55453 ? 191 THR A CB  1 
ATOM 936  O OG1 . THR A 1 114 ? -5.49792  -12.91020 1.64696   1.000 105.34764 ? 191 THR A OG1 1 
ATOM 937  C CG2 . THR A 1 114 ? -7.59704  -14.08311 1.84419   1.000 98.17422  ? 191 THR A CG2 1 
ATOM 938  N N   . ILE A 1 115 ? -4.99531  -11.14118 4.39193   1.000 107.64214 ? 192 ILE A N   1 
ATOM 939  C CA  . ILE A 1 115 ? -3.74375  -10.54511 4.84523   1.000 101.61223 ? 192 ILE A CA  1 
ATOM 940  C C   . ILE A 1 115 ? -3.99045  -9.86769  6.18577   1.000 106.76327 ? 192 ILE A C   1 
ATOM 941  O O   . ILE A 1 115 ? -5.01299  -9.19745  6.37277   1.000 111.19930 ? 192 ILE A O   1 
ATOM 942  C CB  . ILE A 1 115 ? -3.17988  -9.54825  3.81468   1.000 106.83165 ? 192 ILE A CB  1 
ATOM 943  C CG1 . ILE A 1 115 ? -2.98761  -10.23615 2.46132   1.000 102.52874 ? 192 ILE A CG1 1 
ATOM 944  C CG2 . ILE A 1 115 ? -1.85872  -8.96671  4.29690   1.000 110.83363 ? 192 ILE A CG2 1 
ATOM 945  C CD1 . ILE A 1 115 ? -2.62103  -9.28573  1.34375   1.000 109.94972 ? 192 ILE A CD1 1 
ATOM 946  N N   . ASN A 1 116 ? -3.05622  -10.04166 7.11881   1.000 113.71583 ? 193 ASN A N   1 
ATOM 947  C CA  . ASN A 1 116 ? -3.10726  -9.31837  8.38888   1.000 116.83986 ? 193 ASN A CA  1 
ATOM 948  C C   . ASN A 1 116 ? -2.82762  -7.84290  8.12469   1.000 112.26687 ? 193 ASN A C   1 
ATOM 949  O O   . ASN A 1 116 ? -1.68176  -7.43332  7.92194   1.000 105.84017 ? 193 ASN A O   1 
ATOM 950  C CB  . ASN A 1 116 ? -2.10520  -9.90633  9.37648   1.000 116.69239 ? 193 ASN A CB  1 
ATOM 951  C CG  . ASN A 1 116 ? -2.37856  -11.36743 9.68343   1.000 129.93715 ? 193 ASN A CG  1 
ATOM 952  O OD1 . ASN A 1 116 ? -3.53227  -11.78883 9.77717   1.000 130.87483 ? 193 ASN A OD1 1 
ATOM 953  N ND2 . ASN A 1 116 ? -1.31620  -12.14820 9.84435   1.000 126.60947 ? 193 ASN A ND2 1 
ATOM 954  N N   . ALA A 1 117 ? -3.89078  -7.04179  8.12451   1.000 109.00897 ? 194 ALA A N   1 
ATOM 955  C CA  . ALA A 1 117 ? -3.82406  -5.63784  7.74767   1.000 99.92625  ? 194 ALA A CA  1 
ATOM 956  C C   . ALA A 1 117 ? -3.12317  -4.81398  8.82981   1.000 105.01449 ? 194 ALA A C   1 
ATOM 957  O O   . ALA A 1 117 ? -2.75910  -5.31116  9.90094   1.000 106.11498 ? 194 ALA A O   1 
ATOM 958  C CB  . ALA A 1 117 ? -5.22625  -5.09812  7.48141   1.000 103.13166 ? 194 ALA A CB  1 
ATOM 959  N N   . LEU A 1 118 ? -2.93494  -3.52738  8.53545   1.000 97.54153  ? 195 LEU A N   1 
ATOM 960  C CA  . LEU A 1 118 ? -2.37195  -2.56796  9.47576   1.000 87.77879  ? 195 LEU A CA  1 
ATOM 961  C C   . LEU A 1 118 ? -3.46519  -1.58431  9.86382   1.000 96.42047  ? 195 LEU A C   1 
ATOM 962  O O   . LEU A 1 118 ? -3.97942  -0.85949  9.00656   1.000 97.51058  ? 195 LEU A O   1 
ATOM 963  C CB  . LEU A 1 118 ? -1.20371  -1.81145  8.84513   1.000 83.42053  ? 195 LEU A CB  1 
ATOM 964  C CG  . LEU A 1 118 ? 0.21866   -2.35617  8.91194   1.000 99.93659  ? 195 LEU A CG  1 
ATOM 965  C CD1 . LEU A 1 118 ? 1.18554   -1.39484  8.23763   1.000 105.81878 ? 195 LEU A CD1 1 
ATOM 966  C CD2 . LEU A 1 118 ? 0.61410   -2.55407  10.34943  1.000 98.63752  ? 195 LEU A CD2 1 
ATOM 967  N N   . GLU A 1 119 ? -3.82064  -1.55398  11.14544  1.000 101.55000 ? 196 GLU A N   1 
ATOM 968  C CA  . GLU A 1 119 ? -4.89004  -0.68597  11.62639  1.000 99.57816  ? 196 GLU A CA  1 
ATOM 969  C C   . GLU A 1 119 ? -4.27164  0.46069   12.41800  1.000 101.10000 ? 196 GLU A C   1 
ATOM 970  O O   . GLU A 1 119 ? -3.71288  0.24305   13.49737  1.000 106.21782 ? 196 GLU A O   1 
ATOM 971  C CB  . GLU A 1 119 ? -5.89164  -1.47677  12.46439  1.000 97.44287  ? 196 GLU A CB  1 
ATOM 972  C CG  . GLU A 1 119 ? -6.67804  -2.49082  11.65113  1.000 104.95497 ? 196 GLU A CG  1 
ATOM 973  C CD  . GLU A 1 119 ? -7.79292  -3.14211  12.44138  1.000 129.55018 ? 196 GLU A CD  1 
ATOM 974  O OE1 . GLU A 1 119 ? -7.94866  -2.81414  13.63660  1.000 153.46887 ? 196 GLU A OE1 1 
ATOM 975  O OE2 . GLU A 1 119 ? -8.51392  -3.98461  11.86512  1.000 128.41595 ? 196 GLU A OE2 1 
ATOM 976  N N   . GLU A 1 120 ? -4.36917  1.68085   11.88308  1.000 99.72810  ? 197 GLU A N   1 
ATOM 977  C CA  . GLU A 1 120 ? -3.72749  2.82100   12.52880  1.000 97.36391  ? 197 GLU A CA  1 
ATOM 978  C C   . GLU A 1 120 ? -4.37806  3.16516   13.86331  1.000 105.96882 ? 197 GLU A C   1 
ATOM 979  O O   . GLU A 1 120 ? -3.72674  3.76803   14.72259  1.000 114.54869 ? 197 GLU A O   1 
ATOM 980  C CB  . GLU A 1 120 ? -3.75576  4.03678   11.60072  1.000 104.63073 ? 197 GLU A CB  1 
ATOM 981  C CG  . GLU A 1 120 ? -2.81179  5.15979   12.00774  1.000 103.56293 ? 197 GLU A CG  1 
ATOM 982  C CD  . GLU A 1 120 ? -3.00504  6.41287   11.17726  1.000 106.79314 ? 197 GLU A CD  1 
ATOM 983  O OE1 . GLU A 1 120 ? -3.82483  6.38220   10.23514  1.000 108.27942 ? 197 GLU A OE1 1 
ATOM 984  O OE2 . GLU A 1 120 ? -2.33676  7.42847   11.46457  1.000 104.48415 ? 197 GLU A OE2 1 
ATOM 985  N N   . GLU A 1 121 ? -5.64626  2.79334   14.05322  1.000 108.26041 ? 198 GLU A N   1 
ATOM 986  C CA  . GLU A 1 121 ? -6.31765  2.99438   15.33172  1.000 100.84456 ? 198 GLU A CA  1 
ATOM 987  C C   . GLU A 1 121 ? -5.81926  2.03901   16.40805  1.000 101.09472 ? 198 GLU A C   1 
ATOM 988  O O   . GLU A 1 121 ? -5.96622  2.33507   17.59877  1.000 113.18266 ? 198 GLU A O   1 
ATOM 989  C CB  . GLU A 1 121 ? -7.83091  2.84553   15.14805  1.000 116.53193 ? 198 GLU A CB  1 
ATOM 990  C CG  . GLU A 1 121 ? -8.66511  3.31136   16.33108  1.000 136.67545 ? 198 GLU A CG  1 
ATOM 991  C CD  . GLU A 1 121 ? -10.15374 3.28976   16.03740  1.000 152.54349 ? 198 GLU A CD  1 
ATOM 992  O OE1 . GLU A 1 121 ? -10.65432 2.24313   15.57280  1.000 155.83499 ? 198 GLU A OE1 1 
ATOM 993  O OE2 . GLU A 1 121 ? -10.82309 4.31844   16.26739  1.000 156.32318 ? 198 GLU A OE2 1 
ATOM 994  N N   . SER A 1 122 ? -5.22351  0.91517   16.01981  1.000 96.45889  ? 199 SER A N   1 
ATOM 995  C CA  . SER A 1 122 ? -4.82176  -0.09467  16.98870  1.000 103.44504 ? 199 SER A CA  1 
ATOM 996  C C   . SER A 1 122 ? -3.59142  0.35177   17.77027  1.000 110.19272 ? 199 SER A C   1 
ATOM 997  O O   . SER A 1 122 ? -2.64458  0.90965   17.20865  1.000 104.08815 ? 199 SER A O   1 
ATOM 998  C CB  . SER A 1 122 ? -4.53593  -1.41554  16.27548  1.000 98.47350  ? 199 SER A CB  1 
ATOM 999  O OG  . SER A 1 122 ? -4.14484  -2.42001  17.19024  1.000 105.97700 ? 199 SER A OG  1 
ATOM 1000 N N   . ARG A 1 123 ? -3.61722  0.11328   19.08576  1.000 107.25547 ? 200 ARG A N   1 
ATOM 1001 C CA  . ARG A 1 123 ? -2.42466  0.30332   19.90433  1.000 105.01984 ? 200 ARG A CA  1 
ATOM 1002 C C   . ARG A 1 123 ? -1.30773  -0.66990  19.55019  1.000 105.28495 ? 200 ARG A C   1 
ATOM 1003 O O   . ARG A 1 123 ? -0.15423  -0.42978  19.92457  1.000 110.70553 ? 200 ARG A O   1 
ATOM 1004 C CB  . ARG A 1 123 ? -2.76894  0.17172   21.38768  1.000 99.79077  ? 200 ARG A CB  1 
ATOM 1005 C CG  . ARG A 1 123 ? -3.64206  1.29028   21.92823  1.000 103.95308 ? 200 ARG A CG  1 
ATOM 1006 C CD  . ARG A 1 123 ? -3.72598  1.21065   23.43917  1.000 97.81661  ? 200 ARG A CD  1 
ATOM 1007 N NE  . ARG A 1 123 ? -2.43749  1.52085   24.04768  1.000 100.35197 ? 200 ARG A NE  1 
ATOM 1008 C CZ  . ARG A 1 123 ? -2.20617  1.53570   25.35259  1.000 103.57800 ? 200 ARG A CZ  1 
ATOM 1009 N NH1 . ARG A 1 123 ? -3.16087  1.26080   26.22664  1.000 108.06328 ? 200 ARG A NH1 1 
ATOM 1010 N NH2 . ARG A 1 123 ? -0.98497  1.82908   25.79095  1.000 106.17247 ? 200 ARG A NH2 1 
ATOM 1011 N N   . GLY A 1 124 ? -1.62079  -1.75944  18.84746  1.000 97.43568  ? 201 GLY A N   1 
ATOM 1012 C CA  . GLY A 1 124 ? -0.59769  -2.64619  18.32707  1.000 100.04763 ? 201 GLY A CA  1 
ATOM 1013 C C   . GLY A 1 124 ? 0.07773   -2.16380  17.06440  1.000 103.95444 ? 201 GLY A C   1 
ATOM 1014 O O   . GLY A 1 124 ? 1.06061   -2.77309  16.63118  1.000 105.89303 ? 201 GLY A O   1 
ATOM 1015 N N   . PHE A 1 125 ? -0.44246  -1.09320  16.46190  1.000 101.34116 ? 202 PHE A N   1 
ATOM 1016 C CA  . PHE A 1 125 ? 0.06370   -0.62647  15.17208  1.000 102.44196 ? 202 PHE A CA  1 
ATOM 1017 C C   . PHE A 1 125 ? 1.55346   -0.30198  15.19118  1.000 103.77763 ? 202 PHE A C   1 
ATOM 1018 O O   . PHE A 1 125 ? 2.26439   -0.74976  14.27453  1.000 105.62874 ? 202 PHE A O   1 
ATOM 1019 C CB  . PHE A 1 125 ? -0.77790  0.56898   14.70710  1.000 103.51891 ? 202 PHE A CB  1 
ATOM 1020 C CG  . PHE A 1 125 ? -0.28651  1.21564   13.44209  1.000 102.49076 ? 202 PHE A CG  1 
ATOM 1021 C CD1 . PHE A 1 125 ? -0.63834  0.70303   12.20447  1.000 101.98299 ? 202 PHE A CD1 1 
ATOM 1022 C CD2 . PHE A 1 125 ? 0.49836   2.35681   13.49037  1.000 101.70645 ? 202 PHE A CD2 1 
ATOM 1023 C CE1 . PHE A 1 125 ? -0.19756  1.30290   11.03955  1.000 103.89608 ? 202 PHE A CE1 1 
ATOM 1024 C CE2 . PHE A 1 125 ? 0.94147   2.96152   12.32919  1.000 98.99374  ? 202 PHE A CE2 1 
ATOM 1025 C CZ  . PHE A 1 125 ? 0.59095   2.43588   11.10252  1.000 99.29717  ? 202 PHE A CZ  1 
ATOM 1026 N N   . PRO A 1 126 ? 2.08957   0.47118   16.15281  1.000 100.31931 ? 203 PRO A N   1 
ATOM 1027 C CA  . PRO A 1 126 ? 3.55446   0.63699   16.21400  1.000 96.99039  ? 203 PRO A CA  1 
ATOM 1028 C C   . PRO A 1 126 ? 4.32557   -0.67358  16.22581  1.000 102.45971 ? 203 PRO A C   1 
ATOM 1029 O O   . PRO A 1 126 ? 5.37854   -0.77682  15.58493  1.000 108.07340 ? 203 PRO A O   1 
ATOM 1030 C CB  . PRO A 1 126 ? 3.75392   1.42581   17.51466  1.000 100.37291 ? 203 PRO A CB  1 
ATOM 1031 C CG  . PRO A 1 126 ? 2.50611   2.21167   17.65597  1.000 97.64192  ? 203 PRO A CG  1 
ATOM 1032 C CD  . PRO A 1 126 ? 1.41481   1.29743   17.17307  1.000 96.65517  ? 203 PRO A CD  1 
ATOM 1033 N N   . THR A 1 127 ? 3.81973   -1.68523  16.93362  1.000 105.96885 ? 204 THR A N   1 
ATOM 1034 C CA  . THR A 1 127 ? 4.48798   -2.98256  16.96465  1.000 103.84257 ? 204 THR A CA  1 
ATOM 1035 C C   . THR A 1 127 ? 4.35730   -3.70992  15.63099  1.000 111.83339 ? 204 THR A C   1 
ATOM 1036 O O   . THR A 1 127 ? 5.32621   -4.30684  15.14538  1.000 111.24720 ? 204 THR A O   1 
ATOM 1037 C CB  . THR A 1 127 ? 3.90564   -3.83348  18.09622  1.000 120.47663 ? 204 THR A CB  1 
ATOM 1038 O OG1 . THR A 1 127 ? 4.17779   -3.21273  19.35980  1.000 117.78475 ? 204 THR A OG1 1 
ATOM 1039 C CG2 . THR A 1 127 ? 4.49133   -5.23608  18.08097  1.000 130.31953 ? 204 THR A CG2 1 
ATOM 1040 N N   . GLN A 1 128 ? 3.16853   -3.65986  15.02296  1.000 114.58142 ? 205 GLN A N   1 
ATOM 1041 C CA  . GLN A 1 128 ? 2.97083   -4.21760  13.68685  1.000 106.10616 ? 205 GLN A CA  1 
ATOM 1042 C C   . GLN A 1 128 ? 3.90954   -3.58504  12.66263  1.000 110.24028 ? 205 GLN A C   1 
ATOM 1043 O O   . GLN A 1 128 ? 4.54870   -4.28895  11.87078  1.000 114.26258 ? 205 GLN A O   1 
ATOM 1044 C CB  . GLN A 1 128 ? 1.51445   -4.03628  13.25615  1.000 108.20288 ? 205 GLN A CB  1 
ATOM 1045 C CG  . GLN A 1 128 ? 0.48372   -4.78539  14.08451  1.000 130.27563 ? 205 GLN A CG  1 
ATOM 1046 C CD  . GLN A 1 128 ? -0.94434  -4.37145  13.75502  1.000 117.47342 ? 205 GLN A CD  1 
ATOM 1047 O OE1 . GLN A 1 128 ? -1.19027  -3.27241  13.25305  1.000 109.77892 ? 205 GLN A OE1 1 
ATOM 1048 N NE2 . GLN A 1 128 ? -1.89305  -5.25811  14.03149  1.000 117.87738 ? 205 GLN A NE2 1 
ATOM 1049 N N   . VAL A 1 129 ? 3.99497   -2.25251  12.65824  1.000 104.64674 ? 206 VAL A N   1 
ATOM 1050 C CA  . VAL A 1 129 ? 4.87911   -1.55084  11.72776  1.000 98.38393  ? 206 VAL A CA  1 
ATOM 1051 C C   . VAL A 1 129 ? 6.32766   -1.97757  11.93128  1.000 109.91686 ? 206 VAL A C   1 
ATOM 1052 O O   . VAL A 1 129 ? 7.05314   -2.25484  10.96796  1.000 112.22043 ? 206 VAL A O   1 
ATOM 1053 C CB  . VAL A 1 129 ? 4.71419   -0.02913  11.88056  1.000 103.37999 ? 206 VAL A CB  1 
ATOM 1054 C CG1 . VAL A 1 129 ? 5.80840   0.70065   11.12482  1.000 112.69109 ? 206 VAL A CG1 1 
ATOM 1055 C CG2 . VAL A 1 129 ? 3.35204   0.40057   11.37991  1.000 103.56513 ? 206 VAL A CG2 1 
ATOM 1056 N N   . GLU A 1 130 ? 6.77154   -2.02707  13.18862  1.000 117.34648 ? 207 GLU A N   1 
ATOM 1057 C CA  . GLU A 1 130 ? 8.13435   -2.46010  13.48243  1.000 121.80799 ? 207 GLU A CA  1 
ATOM 1058 C C   . GLU A 1 130 ? 8.40222   -3.86631  12.95648  1.000 119.74966 ? 207 GLU A C   1 
ATOM 1059 O O   . GLU A 1 130 ? 9.47425   -4.13627  12.40185  1.000 124.23049 ? 207 GLU A O   1 
ATOM 1060 C CB  . GLU A 1 130 ? 8.37716   -2.39919  14.99094  1.000 129.75449 ? 207 GLU A CB  1 
ATOM 1061 C CG  . GLU A 1 130 ? 9.76602   -2.83104  15.42614  1.000 154.55169 ? 207 GLU A CG  1 
ATOM 1062 C CD  . GLU A 1 130 ? 10.00859  -2.60340  16.90629  1.000 173.40075 ? 207 GLU A CD  1 
ATOM 1063 O OE1 . GLU A 1 130 ? 9.08451   -2.85493  17.70911  1.000 161.63028 ? 207 GLU A OE1 1 
ATOM 1064 O OE2 . GLU A 1 130 ? 11.12851  -2.18470  17.26804  1.000 170.72105 ? 207 GLU A OE2 1 
ATOM 1065 N N   . ARG A 1 131 ? 7.43816   -4.77313  13.12179  1.000 120.36726 ? 208 ARG A N   1 
ATOM 1066 C CA  . ARG A 1 131 ? 7.56862   -6.12658  12.58775  1.000 116.93709 ? 208 ARG A CA  1 
ATOM 1067 C C   . ARG A 1 131 ? 7.72055   -6.13333  11.06817  1.000 121.02032 ? 208 ARG A C   1 
ATOM 1068 O O   . ARG A 1 131 ? 8.58944   -6.82506  10.52388  1.000 120.87586 ? 208 ARG A O   1 
ATOM 1069 C CB  . ARG A 1 131 ? 6.35470   -6.95723  13.00614  1.000 120.90320 ? 208 ARG A CB  1 
ATOM 1070 C CG  . ARG A 1 131 ? 6.28562   -8.33903  12.38000  1.000 133.83577 ? 208 ARG A CG  1 
ATOM 1071 C CD  . ARG A 1 131 ? 5.02419   -9.06974  12.81570  1.000 136.06254 ? 208 ARG A CD  1 
ATOM 1072 N NE  . ARG A 1 131 ? 4.86258   -10.34585 12.12925  1.000 140.81082 ? 208 ARG A NE  1 
ATOM 1073 C CZ  . ARG A 1 131 ? 3.96091   -11.26225 12.45421  1.000 145.43584 ? 208 ARG A CZ  1 
ATOM 1074 N NH1 . ARG A 1 131 ? 3.12482   -11.08188 13.46373  1.000 145.12213 ? 208 ARG A NH1 1 
ATOM 1075 N NH2 . ARG A 1 131 ? 3.89814   -12.38914 11.75032  1.000 146.21737 ? 208 ARG A NH2 1 
ATOM 1076 N N   . ILE A 1 132 ? 6.88326   -5.36795  10.36517  1.000 121.00356 ? 209 ILE A N   1 
ATOM 1077 C CA  . ILE A 1 132 ? 6.85111   -5.44000  8.90460   1.000 119.42677 ? 209 ILE A CA  1 
ATOM 1078 C C   . ILE A 1 132 ? 8.11168   -4.83924  8.28931   1.000 118.83426 ? 209 ILE A C   1 
ATOM 1079 O O   . ILE A 1 132 ? 8.77633   -5.46952  7.45833   1.000 122.81899 ? 209 ILE A O   1 
ATOM 1080 C CB  . ILE A 1 132 ? 5.58521   -4.75069  8.36451   1.000 113.65864 ? 209 ILE A CB  1 
ATOM 1081 C CG1 . ILE A 1 132 ? 4.33965   -5.57038  8.70370   1.000 108.03903 ? 209 ILE A CG1 1 
ATOM 1082 C CG2 . ILE A 1 132 ? 5.69394   -4.53167  6.86228   1.000 108.92434 ? 209 ILE A CG2 1 
ATOM 1083 C CD1 . ILE A 1 132 ? 3.05670   -4.77429  8.64243   1.000 93.88045  ? 209 ILE A CD1 1 
ATOM 1084 N N   . PHE A 1 133 ? 8.46456   -3.61971  8.68983   1.000 123.80663 ? 210 PHE A N   1 
ATOM 1085 C CA  . PHE A 1 133 ? 9.54136   -2.86661  8.05955   1.000 122.56051 ? 210 PHE A CA  1 
ATOM 1086 C C   . PHE A 1 133 ? 10.91003  -3.11272  8.68752   1.000 125.72195 ? 210 PHE A C   1 
ATOM 1087 O O   . PHE A 1 133 ? 11.78910  -2.24908  8.58470   1.000 136.13874 ? 210 PHE A O   1 
ATOM 1088 C CB  . PHE A 1 133 ? 9.20274   -1.37489  8.06265   1.000 114.78518 ? 210 PHE A CB  1 
ATOM 1089 C CG  . PHE A 1 133 ? 7.96785   -1.04430  7.27469   1.000 115.71481 ? 210 PHE A CG  1 
ATOM 1090 C CD1 . PHE A 1 133 ? 8.02948   -0.90571  5.89729   1.000 114.87528 ? 210 PHE A CD1 1 
ATOM 1091 C CD2 . PHE A 1 133 ? 6.74192   -0.90328  7.90341   1.000 112.58021 ? 210 PHE A CD2 1 
ATOM 1092 C CE1 . PHE A 1 133 ? 6.89641   -0.61184  5.16342   1.000 113.39253 ? 210 PHE A CE1 1 
ATOM 1093 C CE2 . PHE A 1 133 ? 5.60317   -0.60945  7.17482   1.000 113.18391 ? 210 PHE A CE2 1 
ATOM 1094 C CZ  . PHE A 1 133 ? 5.68077   -0.46397  5.80310   1.000 113.13669 ? 210 PHE A CZ  1 
ATOM 1095 N N   . GLN A 1 134 ? 11.10606  -4.25409  9.34403   1.000 133.29811 ? 211 GLN A N   1 
ATOM 1096 C CA  . GLN A 1 134 ? 12.41424  -4.57462  9.89964   1.000 144.32682 ? 211 GLN A CA  1 
ATOM 1097 C C   . GLN A 1 134 ? 13.45598  -4.65964  8.78795   1.000 156.60477 ? 211 GLN A C   1 
ATOM 1098 O O   . GLN A 1 134 ? 13.20149  -5.21014  7.71283   1.000 155.25984 ? 211 GLN A O   1 
ATOM 1099 C CB  . GLN A 1 134 ? 12.35157  -5.88979  10.67709  1.000 145.63322 ? 211 GLN A CB  1 
ATOM 1100 C CG  . GLN A 1 134 ? 13.62664  -6.22967  11.43139  1.000 166.05855 ? 211 GLN A CG  1 
ATOM 1101 C CD  . GLN A 1 134 ? 13.38942  -7.21556  12.55911  1.000 178.92216 ? 211 GLN A CD  1 
ATOM 1102 O OE1 . GLN A 1 134 ? 13.72627  -8.39470  12.45030  1.000 186.97487 ? 211 GLN A OE1 1 
ATOM 1103 N NE2 . GLN A 1 134 ? 12.80417  -6.73614  13.65037  1.000 183.02720 ? 211 GLN A NE2 1 
ATOM 1104 N N   . GLU A 1 135 ? 14.63740  -4.09571  9.05773   1.000 163.38703 ? 212 GLU A N   1 
ATOM 1105 C CA  . GLU A 1 135 ? 15.61279  -3.82458  8.00336   1.000 167.87890 ? 212 GLU A CA  1 
ATOM 1106 C C   . GLU A 1 135 ? 16.14159  -5.09872  7.35059   1.000 171.99046 ? 212 GLU A C   1 
ATOM 1107 O O   . GLU A 1 135 ? 16.49485  -5.08224  6.16576   1.000 171.34968 ? 212 GLU A O   1 
ATOM 1108 C CB  . GLU A 1 135 ? 16.77168  -2.99899  8.56883   1.000 168.66320 ? 212 GLU A CB  1 
ATOM 1109 C CG  . GLU A 1 135 ? 17.75791  -2.47628  7.52701   1.000 175.84995 ? 212 GLU A CG  1 
ATOM 1110 C CD  . GLU A 1 135 ? 17.13305  -1.50900  6.53192   1.000 175.10827 ? 212 GLU A CD  1 
ATOM 1111 O OE1 . GLU A 1 135 ? 16.01302  -1.01428  6.78373   1.000 175.01538 ? 212 GLU A OE1 1 
ATOM 1112 O OE2 . GLU A 1 135 ? 17.76739  -1.24285  5.48930   1.000 176.23930 ? 212 GLU A OE2 1 
ATOM 1113 N N   . SER A 1 136 ? 16.20569  -6.20654  8.09555   1.000 167.90134 ? 213 SER A N   1 
ATOM 1114 C CA  . SER A 1 136 ? 16.69243  -7.46269  7.53033   1.000 168.31147 ? 213 SER A CA  1 
ATOM 1115 C C   . SER A 1 136 ? 15.82637  -7.97793  6.38502   1.000 170.59050 ? 213 SER A C   1 
ATOM 1116 O O   . SER A 1 136 ? 16.26289  -8.86772  5.64690   1.000 160.02143 ? 213 SER A O   1 
ATOM 1117 C CB  . SER A 1 136 ? 16.78773  -8.52688  8.62550   1.000 170.74499 ? 213 SER A CB  1 
ATOM 1118 O OG  . SER A 1 136 ? 15.50994  -8.83183  9.15478   1.000 168.73422 ? 213 SER A OG  1 
ATOM 1119 N N   . VAL A 1 137 ? 14.61137  -7.45239  6.22404   1.000 185.19590 ? 214 VAL A N   1 
ATOM 1120 C CA  . VAL A 1 137 ? 13.75502  -7.85682  5.11327   1.000 176.53980 ? 214 VAL A CA  1 
ATOM 1121 C C   . VAL A 1 137 ? 14.08128  -7.08742  3.83680   1.000 171.25334 ? 214 VAL A C   1 
ATOM 1122 O O   . VAL A 1 137 ? 13.77370  -7.56010  2.73481   1.000 177.10562 ? 214 VAL A O   1 
ATOM 1123 C CB  . VAL A 1 137 ? 12.27487  -7.67570  5.49347   1.000 160.57306 ? 214 VAL A CB  1 
ATOM 1124 C CG1 . VAL A 1 137 ? 11.36325  -8.36412  4.48480   1.000 158.71978 ? 214 VAL A CG1 1 
ATOM 1125 C CG2 . VAL A 1 137 ? 12.02122  -8.20346  6.89729   1.000 153.55801 ? 214 VAL A CG2 1 
ATOM 1126 N N   . TYR A 1 138 ? 14.72513  -5.92647  3.95822   1.000 167.74117 ? 215 TYR A N   1 
ATOM 1127 C CA  . TYR A 1 138 ? 15.02593  -5.04402  2.83009   1.000 165.45244 ? 215 TYR A CA  1 
ATOM 1128 C C   . TYR A 1 138 ? 16.22828  -5.58584  2.05663   1.000 168.97690 ? 215 TYR A C   1 
ATOM 1129 O O   . TYR A 1 138 ? 17.37280  -5.15742  2.22705   1.000 174.17901 ? 215 TYR A O   1 
ATOM 1130 C CB  . TYR A 1 138 ? 15.26737  -3.62813  3.34180   1.000 163.76895 ? 215 TYR A CB  1 
ATOM 1131 C CG  . TYR A 1 138 ? 15.48319  -2.57262  2.28148   1.000 152.02828 ? 215 TYR A CG  1 
ATOM 1132 C CD1 . TYR A 1 138 ? 14.44104  -2.16049  1.46215   1.000 144.46596 ? 215 TYR A CD1 1 
ATOM 1133 C CD2 . TYR A 1 138 ? 16.71934  -1.95858  2.12805   1.000 147.53901 ? 215 TYR A CD2 1 
ATOM 1134 C CE1 . TYR A 1 138 ? 14.63308  -1.19206  0.49476   1.000 140.85889 ? 215 TYR A CE1 1 
ATOM 1135 C CE2 . TYR A 1 138 ? 16.91852  -0.98202  1.17045   1.000 140.68321 ? 215 TYR A CE2 1 
ATOM 1136 C CZ  . TYR A 1 138 ? 15.87291  -0.60457  0.35498   1.000 138.64879 ? 215 TYR A CZ  1 
ATOM 1137 O OH  . TYR A 1 138 ? 16.06368  0.37434   -0.59303  1.000 144.01313 ? 215 TYR A OH  1 
ATOM 1138 N N   . LYS A 1 139 ? 15.95040  -6.55489  1.18363   1.000 166.82224 ? 216 LYS A N   1 
ATOM 1139 C CA  . LYS A 1 139 ? 16.97009  -7.30055  0.45910   1.000 158.41497 ? 216 LYS A CA  1 
ATOM 1140 C C   . LYS A 1 139 ? 16.73186  -7.19594  -1.04168  1.000 157.95159 ? 216 LYS A C   1 
ATOM 1141 O O   . LYS A 1 139 ? 15.59335  -7.04834  -1.49766  1.000 152.21716 ? 216 LYS A O   1 
ATOM 1142 C CB  . LYS A 1 139 ? 16.98681  -8.78208  0.86472   1.000 151.23121 ? 216 LYS A CB  1 
ATOM 1143 C CG  . LYS A 1 139 ? 17.28512  -9.04980  2.32966   1.000 161.72907 ? 216 LYS A CG  1 
ATOM 1144 C CD  . LYS A 1 139 ? 18.69753  -8.61177  2.68928   1.000 164.26079 ? 216 LYS A CD  1 
ATOM 1145 C CE  . LYS A 1 139 ? 19.03929  -8.97003  4.12723   1.000 161.68993 ? 216 LYS A CE  1 
ATOM 1146 N NZ  . LYS A 1 139 ? 20.44367  -8.62366  4.48146   1.000 145.08897 ? 216 LYS A NZ  1 
ATOM 1147 N N   . THR A 1 140 ? 17.82402  -7.28116  -1.79989  1.000 163.45671 ? 217 THR A N   1 
ATOM 1148 C CA  . THR A 1 140 ? 17.83328  -6.98607  -3.23361  1.000 153.31232 ? 217 THR A CA  1 
ATOM 1149 C C   . THR A 1 140 ? 17.23947  -5.61184  -3.53123  1.000 154.56778 ? 217 THR A C   1 
ATOM 1150 O O   . THR A 1 140 ? 17.83802  -4.58450  -3.21202  1.000 145.36341 ? 217 THR A O   1 
ATOM 1151 C CB  . THR A 1 140 ? 17.06927  -8.05501  -4.04305  1.000 140.69296 ? 217 THR A CB  1 
ATOM 1152 O OG1 . THR A 1 140 ? 17.67133  -9.33797  -3.83092  1.000 137.80517 ? 217 THR A OG1 1 
ATOM 1153 C CG2 . THR A 1 140 ? 17.09885  -7.72184  -5.52843  1.000 133.81146 ? 217 THR A CG2 1 
# 
